data_4RZK
# 
_entry.id   4RZK 
# 
_audit_conform.dict_name       mmcif_pdbx.dic 
_audit_conform.dict_version    5.387 
_audit_conform.dict_location   http://mmcif.pdb.org/dictionaries/ascii/mmcif_pdbx.dic 
# 
loop_
_database_2.database_id 
_database_2.database_code 
_database_2.pdbx_database_accession 
_database_2.pdbx_DOI 
RCSB  RCSB087991   ?            ?                   
PDB   4RZK         pdb_00004rzk 10.2210/pdb4rzk/pdb 
WWPDB D_1000087991 ?            ?                   
# 
loop_
_pdbx_audit_revision_history.ordinal 
_pdbx_audit_revision_history.data_content_type 
_pdbx_audit_revision_history.major_revision 
_pdbx_audit_revision_history.minor_revision 
_pdbx_audit_revision_history.revision_date 
1 'Structure model' 1 0 2015-12-23 
2 'Structure model' 1 1 2024-02-28 
# 
_pdbx_audit_revision_details.ordinal             1 
_pdbx_audit_revision_details.revision_ordinal    1 
_pdbx_audit_revision_details.data_content_type   'Structure model' 
_pdbx_audit_revision_details.provider            repository 
_pdbx_audit_revision_details.type                'Initial release' 
_pdbx_audit_revision_details.description         ? 
_pdbx_audit_revision_details.details             ? 
# 
loop_
_pdbx_audit_revision_group.ordinal 
_pdbx_audit_revision_group.revision_ordinal 
_pdbx_audit_revision_group.data_content_type 
_pdbx_audit_revision_group.group 
1 2 'Structure model' 'Data collection'     
2 2 'Structure model' 'Database references' 
# 
loop_
_pdbx_audit_revision_category.ordinal 
_pdbx_audit_revision_category.revision_ordinal 
_pdbx_audit_revision_category.data_content_type 
_pdbx_audit_revision_category.category 
1 2 'Structure model' chem_comp_atom 
2 2 'Structure model' chem_comp_bond 
3 2 'Structure model' database_2     
# 
loop_
_pdbx_audit_revision_item.ordinal 
_pdbx_audit_revision_item.revision_ordinal 
_pdbx_audit_revision_item.data_content_type 
_pdbx_audit_revision_item.item 
1 2 'Structure model' '_database_2.pdbx_DOI'                
2 2 'Structure model' '_database_2.pdbx_database_accession' 
# 
_pdbx_database_status.status_code                     REL 
_pdbx_database_status.entry_id                        4RZK 
_pdbx_database_status.recvd_initial_deposition_date   2014-12-22 
_pdbx_database_status.deposit_site                    RCSB 
_pdbx_database_status.process_site                    RCSB 
_pdbx_database_status.status_code_sf                  REL 
_pdbx_database_status.status_code_mr                  ? 
_pdbx_database_status.SG_entry                        ? 
_pdbx_database_status.status_code_cs                  ? 
_pdbx_database_status.methods_development_category    ? 
_pdbx_database_status.pdb_format_compatible           Y 
_pdbx_database_status.status_code_nmr_data            ? 
# 
loop_
_audit_author.name 
_audit_author.pdbx_ordinal 
'Liang, L.' 1 
'Yun, C.H.' 2 
# 
_citation.id                        primary 
_citation.title                     
;Crystal structure and function of an unusual dimeric Hsp20.1 provide insight into the thermal protection mechanism of small heat shock proteins.
;
_citation.journal_abbrev            Biochem.Biophys.Res.Commun. 
_citation.journal_volume            ? 
_citation.page_first                ? 
_citation.page_last                 ? 
_citation.year                      2015 
_citation.journal_id_ASTM           BBRCA9 
_citation.country                   US 
_citation.journal_id_ISSN           1090-2104 
_citation.journal_id_CSD            0146 
_citation.book_publisher            ? 
_citation.pdbx_database_id_PubMed   ? 
_citation.pdbx_database_id_DOI      ? 
# 
loop_
_citation_author.citation_id 
_citation_author.name 
_citation_author.ordinal 
_citation_author.identifier_ORCID 
primary 'Liang, L.' 1 ? 
primary 'Yun, C.H.' 2 ? 
# 
loop_
_entity.id 
_entity.type 
_entity.src_method 
_entity.pdbx_description 
_entity.formula_weight 
_entity.pdbx_number_of_molecules 
_entity.pdbx_ec 
_entity.pdbx_mutation 
_entity.pdbx_fragment 
_entity.details 
1 polymer man 'Small heat shock protein hsp20 family' 9942.413 2  ? ? ? ? 
2 water   nat water                                   18.015   41 ? ? ? ? 
# 
_entity_poly.entity_id                      1 
_entity_poly.type                           'polypeptide(L)' 
_entity_poly.nstd_linkage                   no 
_entity_poly.nstd_monomer                   no 
_entity_poly.pdbx_seq_one_letter_code       
;PMISEEREPLADVIEKGDEIKVVAEVPGVNKEDIKVKVTNGGKKLVITAKSEDRQYYKEIDLPAEVDEKAAKANFKNGVL
EITLKKKASS
;
_entity_poly.pdbx_seq_one_letter_code_can   
;PMISEEREPLADVIEKGDEIKVVAEVPGVNKEDIKVKVTNGGKKLVITAKSEDRQYYKEIDLPAEVDEKAAKANFKNGVL
EITLKKKASS
;
_entity_poly.pdbx_strand_id                 A,B 
_entity_poly.pdbx_target_identifier         ? 
# 
_pdbx_entity_nonpoly.entity_id   2 
_pdbx_entity_nonpoly.name        water 
_pdbx_entity_nonpoly.comp_id     HOH 
# 
loop_
_entity_poly_seq.entity_id 
_entity_poly_seq.num 
_entity_poly_seq.mon_id 
_entity_poly_seq.hetero 
1 1  PRO n 
1 2  MET n 
1 3  ILE n 
1 4  SER n 
1 5  GLU n 
1 6  GLU n 
1 7  ARG n 
1 8  GLU n 
1 9  PRO n 
1 10 LEU n 
1 11 ALA n 
1 12 ASP n 
1 13 VAL n 
1 14 ILE n 
1 15 GLU n 
1 16 LYS n 
1 17 GLY n 
1 18 ASP n 
1 19 GLU n 
1 20 ILE n 
1 21 LYS n 
1 22 VAL n 
1 23 VAL n 
1 24 ALA n 
1 25 GLU n 
1 26 VAL n 
1 27 PRO n 
1 28 GLY n 
1 29 VAL n 
1 30 ASN n 
1 31 LYS n 
1 32 GLU n 
1 33 ASP n 
1 34 ILE n 
1 35 LYS n 
1 36 VAL n 
1 37 LYS n 
1 38 VAL n 
1 39 THR n 
1 40 ASN n 
1 41 GLY n 
1 42 GLY n 
1 43 LYS n 
1 44 LYS n 
1 45 LEU n 
1 46 VAL n 
1 47 ILE n 
1 48 THR n 
1 49 ALA n 
1 50 LYS n 
1 51 SER n 
1 52 GLU n 
1 53 ASP n 
1 54 ARG n 
1 55 GLN n 
1 56 TYR n 
1 57 TYR n 
1 58 LYS n 
1 59 GLU n 
1 60 ILE n 
1 61 ASP n 
1 62 LEU n 
1 63 PRO n 
1 64 ALA n 
1 65 GLU n 
1 66 VAL n 
1 67 ASP n 
1 68 GLU n 
1 69 LYS n 
1 70 ALA n 
1 71 ALA n 
1 72 LYS n 
1 73 ALA n 
1 74 ASN n 
1 75 PHE n 
1 76 LYS n 
1 77 ASN n 
1 78 GLY n 
1 79 VAL n 
1 80 LEU n 
1 81 GLU n 
1 82 ILE n 
1 83 THR n 
1 84 LEU n 
1 85 LYS n 
1 86 LYS n 
1 87 LYS n 
1 88 ALA n 
1 89 SER n 
1 90 SER n 
# 
_entity_src_gen.entity_id                          1 
_entity_src_gen.pdbx_src_id                        1 
_entity_src_gen.pdbx_alt_source_flag               sample 
_entity_src_gen.pdbx_seq_type                      ? 
_entity_src_gen.pdbx_beg_seq_num                   ? 
_entity_src_gen.pdbx_end_seq_num                   ? 
_entity_src_gen.gene_src_common_name               ? 
_entity_src_gen.gene_src_genus                     ? 
_entity_src_gen.pdbx_gene_src_gene                 SSO2427 
_entity_src_gen.gene_src_species                   ? 
_entity_src_gen.gene_src_strain                    'ATCC 35092 / DSM 1617 / JCM 11322 / P2' 
_entity_src_gen.gene_src_tissue                    ? 
_entity_src_gen.gene_src_tissue_fraction           ? 
_entity_src_gen.gene_src_details                   ? 
_entity_src_gen.pdbx_gene_src_fragment             ? 
_entity_src_gen.pdbx_gene_src_scientific_name      'Sulfolobus solfataricus' 
_entity_src_gen.pdbx_gene_src_ncbi_taxonomy_id     273057 
_entity_src_gen.pdbx_gene_src_variant              ? 
_entity_src_gen.pdbx_gene_src_cell_line            ? 
_entity_src_gen.pdbx_gene_src_atcc                 ? 
_entity_src_gen.pdbx_gene_src_organ                ? 
_entity_src_gen.pdbx_gene_src_organelle            ? 
_entity_src_gen.pdbx_gene_src_cell                 ? 
_entity_src_gen.pdbx_gene_src_cellular_location    ? 
_entity_src_gen.host_org_common_name               ? 
_entity_src_gen.pdbx_host_org_scientific_name      'Escherichia coli' 
_entity_src_gen.pdbx_host_org_ncbi_taxonomy_id     562 
_entity_src_gen.host_org_genus                     ? 
_entity_src_gen.pdbx_host_org_gene                 ? 
_entity_src_gen.pdbx_host_org_organ                ? 
_entity_src_gen.host_org_species                   ? 
_entity_src_gen.pdbx_host_org_tissue               ? 
_entity_src_gen.pdbx_host_org_tissue_fraction      ? 
_entity_src_gen.pdbx_host_org_strain               ? 
_entity_src_gen.pdbx_host_org_variant              ? 
_entity_src_gen.pdbx_host_org_cell_line            ? 
_entity_src_gen.pdbx_host_org_atcc                 ? 
_entity_src_gen.pdbx_host_org_culture_collection   ? 
_entity_src_gen.pdbx_host_org_cell                 ? 
_entity_src_gen.pdbx_host_org_organelle            ? 
_entity_src_gen.pdbx_host_org_cellular_location    ? 
_entity_src_gen.pdbx_host_org_vector_type          ? 
_entity_src_gen.pdbx_host_org_vector               ? 
_entity_src_gen.host_org_details                   ? 
_entity_src_gen.expression_system_id               ? 
_entity_src_gen.plasmid_name                       ? 
_entity_src_gen.plasmid_details                    ? 
_entity_src_gen.pdbx_description                   ? 
# 
loop_
_chem_comp.id 
_chem_comp.type 
_chem_comp.mon_nstd_flag 
_chem_comp.name 
_chem_comp.pdbx_synonyms 
_chem_comp.formula 
_chem_comp.formula_weight 
ALA 'L-peptide linking' y ALANINE         ? 'C3 H7 N O2'     89.093  
ARG 'L-peptide linking' y ARGININE        ? 'C6 H15 N4 O2 1' 175.209 
ASN 'L-peptide linking' y ASPARAGINE      ? 'C4 H8 N2 O3'    132.118 
ASP 'L-peptide linking' y 'ASPARTIC ACID' ? 'C4 H7 N O4'     133.103 
GLN 'L-peptide linking' y GLUTAMINE       ? 'C5 H10 N2 O3'   146.144 
GLU 'L-peptide linking' y 'GLUTAMIC ACID' ? 'C5 H9 N O4'     147.129 
GLY 'peptide linking'   y GLYCINE         ? 'C2 H5 N O2'     75.067  
HOH non-polymer         . WATER           ? 'H2 O'           18.015  
ILE 'L-peptide linking' y ISOLEUCINE      ? 'C6 H13 N O2'    131.173 
LEU 'L-peptide linking' y LEUCINE         ? 'C6 H13 N O2'    131.173 
LYS 'L-peptide linking' y LYSINE          ? 'C6 H15 N2 O2 1' 147.195 
MET 'L-peptide linking' y METHIONINE      ? 'C5 H11 N O2 S'  149.211 
PHE 'L-peptide linking' y PHENYLALANINE   ? 'C9 H11 N O2'    165.189 
PRO 'L-peptide linking' y PROLINE         ? 'C5 H9 N O2'     115.130 
SER 'L-peptide linking' y SERINE          ? 'C3 H7 N O3'     105.093 
THR 'L-peptide linking' y THREONINE       ? 'C4 H9 N O3'     119.119 
TYR 'L-peptide linking' y TYROSINE        ? 'C9 H11 N O3'    181.189 
VAL 'L-peptide linking' y VALINE          ? 'C5 H11 N O2'    117.146 
# 
loop_
_pdbx_poly_seq_scheme.asym_id 
_pdbx_poly_seq_scheme.entity_id 
_pdbx_poly_seq_scheme.seq_id 
_pdbx_poly_seq_scheme.mon_id 
_pdbx_poly_seq_scheme.ndb_seq_num 
_pdbx_poly_seq_scheme.pdb_seq_num 
_pdbx_poly_seq_scheme.auth_seq_num 
_pdbx_poly_seq_scheme.pdb_mon_id 
_pdbx_poly_seq_scheme.auth_mon_id 
_pdbx_poly_seq_scheme.pdb_strand_id 
_pdbx_poly_seq_scheme.pdb_ins_code 
_pdbx_poly_seq_scheme.hetero 
A 1 1  PRO 1  77  ?   ?   ?   A . n 
A 1 2  MET 2  78  78  MET MET A . n 
A 1 3  ILE 3  79  79  ILE ILE A . n 
A 1 4  SER 4  80  80  SER SER A . n 
A 1 5  GLU 5  81  81  GLU GLU A . n 
A 1 6  GLU 6  82  82  GLU GLU A . n 
A 1 7  ARG 7  83  83  ARG ARG A . n 
A 1 8  GLU 8  84  84  GLU GLU A . n 
A 1 9  PRO 9  85  85  PRO PRO A . n 
A 1 10 LEU 10 86  86  LEU LEU A . n 
A 1 11 ALA 11 87  87  ALA ALA A . n 
A 1 12 ASP 12 88  88  ASP ASP A . n 
A 1 13 VAL 13 89  89  VAL VAL A . n 
A 1 14 ILE 14 90  90  ILE ILE A . n 
A 1 15 GLU 15 91  91  GLU GLU A . n 
A 1 16 LYS 16 92  92  LYS LYS A . n 
A 1 17 GLY 17 93  93  GLY GLY A . n 
A 1 18 ASP 18 94  94  ASP ASP A . n 
A 1 19 GLU 19 95  95  GLU GLU A . n 
A 1 20 ILE 20 96  96  ILE ILE A . n 
A 1 21 LYS 21 97  97  LYS LYS A . n 
A 1 22 VAL 22 98  98  VAL VAL A . n 
A 1 23 VAL 23 99  99  VAL VAL A . n 
A 1 24 ALA 24 100 100 ALA ALA A . n 
A 1 25 GLU 25 101 101 GLU GLU A . n 
A 1 26 VAL 26 102 102 VAL VAL A . n 
A 1 27 PRO 27 103 103 PRO PRO A . n 
A 1 28 GLY 28 104 104 GLY GLY A . n 
A 1 29 VAL 29 105 105 VAL VAL A . n 
A 1 30 ASN 30 106 106 ASN ASN A . n 
A 1 31 LYS 31 107 107 LYS LYS A . n 
A 1 32 GLU 32 108 108 GLU GLU A . n 
A 1 33 ASP 33 109 109 ASP ASP A . n 
A 1 34 ILE 34 110 110 ILE ILE A . n 
A 1 35 LYS 35 111 111 LYS LYS A . n 
A 1 36 VAL 36 112 112 VAL VAL A . n 
A 1 37 LYS 37 113 113 LYS LYS A . n 
A 1 38 VAL 38 114 114 VAL VAL A . n 
A 1 39 THR 39 115 115 THR THR A . n 
A 1 40 ASN 40 116 116 ASN ASN A . n 
A 1 41 GLY 41 117 117 GLY GLY A . n 
A 1 42 GLY 42 118 118 GLY GLY A . n 
A 1 43 LYS 43 119 119 LYS LYS A . n 
A 1 44 LYS 44 120 120 LYS LYS A . n 
A 1 45 LEU 45 121 121 LEU LEU A . n 
A 1 46 VAL 46 122 122 VAL VAL A . n 
A 1 47 ILE 47 123 123 ILE ILE A . n 
A 1 48 THR 48 124 124 THR THR A . n 
A 1 49 ALA 49 125 125 ALA ALA A . n 
A 1 50 LYS 50 126 126 LYS LYS A . n 
A 1 51 SER 51 127 127 SER SER A . n 
A 1 52 GLU 52 128 128 GLU GLU A . n 
A 1 53 ASP 53 129 129 ASP ASP A . n 
A 1 54 ARG 54 130 130 ARG ARG A . n 
A 1 55 GLN 55 131 131 GLN GLN A . n 
A 1 56 TYR 56 132 132 TYR TYR A . n 
A 1 57 TYR 57 133 133 TYR TYR A . n 
A 1 58 LYS 58 134 134 LYS LYS A . n 
A 1 59 GLU 59 135 135 GLU GLU A . n 
A 1 60 ILE 60 136 136 ILE ILE A . n 
A 1 61 ASP 61 137 137 ASP ASP A . n 
A 1 62 LEU 62 138 138 LEU LEU A . n 
A 1 63 PRO 63 139 139 PRO PRO A . n 
A 1 64 ALA 64 140 140 ALA ALA A . n 
A 1 65 GLU 65 141 141 GLU GLU A . n 
A 1 66 VAL 66 142 142 VAL VAL A . n 
A 1 67 ASP 67 143 143 ASP ASP A . n 
A 1 68 GLU 68 144 144 GLU GLU A . n 
A 1 69 LYS 69 145 145 LYS LYS A . n 
A 1 70 ALA 70 146 146 ALA ALA A . n 
A 1 71 ALA 71 147 147 ALA ALA A . n 
A 1 72 LYS 72 148 148 LYS LYS A . n 
A 1 73 ALA 73 149 149 ALA ALA A . n 
A 1 74 ASN 74 150 150 ASN ASN A . n 
A 1 75 PHE 75 151 151 PHE PHE A . n 
A 1 76 LYS 76 152 152 LYS LYS A . n 
A 1 77 ASN 77 153 153 ASN ASN A . n 
A 1 78 GLY 78 154 154 GLY GLY A . n 
A 1 79 VAL 79 155 155 VAL VAL A . n 
A 1 80 LEU 80 156 156 LEU LEU A . n 
A 1 81 GLU 81 157 157 GLU GLU A . n 
A 1 82 ILE 82 158 158 ILE ILE A . n 
A 1 83 THR 83 159 159 THR THR A . n 
A 1 84 LEU 84 160 160 LEU LEU A . n 
A 1 85 LYS 85 161 161 LYS LYS A . n 
A 1 86 LYS 86 162 162 LYS LYS A . n 
A 1 87 LYS 87 163 163 LYS LYS A . n 
A 1 88 ALA 88 164 164 ALA ALA A . n 
A 1 89 SER 89 165 ?   ?   ?   A . n 
A 1 90 SER 90 166 ?   ?   ?   A . n 
B 1 1  PRO 1  77  77  PRO PRO B . n 
B 1 2  MET 2  78  78  MET MET B . n 
B 1 3  ILE 3  79  79  ILE ILE B . n 
B 1 4  SER 4  80  80  SER SER B . n 
B 1 5  GLU 5  81  81  GLU GLU B . n 
B 1 6  GLU 6  82  82  GLU GLU B . n 
B 1 7  ARG 7  83  83  ARG ARG B . n 
B 1 8  GLU 8  84  84  GLU GLU B . n 
B 1 9  PRO 9  85  85  PRO PRO B . n 
B 1 10 LEU 10 86  86  LEU LEU B . n 
B 1 11 ALA 11 87  87  ALA ALA B . n 
B 1 12 ASP 12 88  88  ASP ASP B . n 
B 1 13 VAL 13 89  89  VAL VAL B . n 
B 1 14 ILE 14 90  90  ILE ILE B . n 
B 1 15 GLU 15 91  91  GLU GLU B . n 
B 1 16 LYS 16 92  92  LYS LYS B . n 
B 1 17 GLY 17 93  93  GLY GLY B . n 
B 1 18 ASP 18 94  94  ASP ASP B . n 
B 1 19 GLU 19 95  95  GLU GLU B . n 
B 1 20 ILE 20 96  96  ILE ILE B . n 
B 1 21 LYS 21 97  97  LYS LYS B . n 
B 1 22 VAL 22 98  98  VAL VAL B . n 
B 1 23 VAL 23 99  99  VAL VAL B . n 
B 1 24 ALA 24 100 100 ALA ALA B . n 
B 1 25 GLU 25 101 101 GLU GLU B . n 
B 1 26 VAL 26 102 102 VAL VAL B . n 
B 1 27 PRO 27 103 103 PRO PRO B . n 
B 1 28 GLY 28 104 104 GLY GLY B . n 
B 1 29 VAL 29 105 105 VAL VAL B . n 
B 1 30 ASN 30 106 106 ASN ASN B . n 
B 1 31 LYS 31 107 107 LYS LYS B . n 
B 1 32 GLU 32 108 108 GLU GLU B . n 
B 1 33 ASP 33 109 109 ASP ASP B . n 
B 1 34 ILE 34 110 110 ILE ILE B . n 
B 1 35 LYS 35 111 111 LYS LYS B . n 
B 1 36 VAL 36 112 112 VAL VAL B . n 
B 1 37 LYS 37 113 113 LYS LYS B . n 
B 1 38 VAL 38 114 114 VAL VAL B . n 
B 1 39 THR 39 115 115 THR THR B . n 
B 1 40 ASN 40 116 116 ASN ASN B . n 
B 1 41 GLY 41 117 117 GLY GLY B . n 
B 1 42 GLY 42 118 118 GLY GLY B . n 
B 1 43 LYS 43 119 119 LYS LYS B . n 
B 1 44 LYS 44 120 120 LYS LYS B . n 
B 1 45 LEU 45 121 121 LEU LEU B . n 
B 1 46 VAL 46 122 122 VAL VAL B . n 
B 1 47 ILE 47 123 123 ILE ILE B . n 
B 1 48 THR 48 124 124 THR THR B . n 
B 1 49 ALA 49 125 125 ALA ALA B . n 
B 1 50 LYS 50 126 126 LYS LYS B . n 
B 1 51 SER 51 127 127 SER SER B . n 
B 1 52 GLU 52 128 128 GLU GLU B . n 
B 1 53 ASP 53 129 129 ASP ASP B . n 
B 1 54 ARG 54 130 130 ARG ARG B . n 
B 1 55 GLN 55 131 131 GLN GLN B . n 
B 1 56 TYR 56 132 132 TYR TYR B . n 
B 1 57 TYR 57 133 133 TYR TYR B . n 
B 1 58 LYS 58 134 134 LYS LYS B . n 
B 1 59 GLU 59 135 135 GLU GLU B . n 
B 1 60 ILE 60 136 136 ILE ILE B . n 
B 1 61 ASP 61 137 137 ASP ASP B . n 
B 1 62 LEU 62 138 138 LEU LEU B . n 
B 1 63 PRO 63 139 139 PRO PRO B . n 
B 1 64 ALA 64 140 140 ALA ALA B . n 
B 1 65 GLU 65 141 141 GLU GLU B . n 
B 1 66 VAL 66 142 142 VAL VAL B . n 
B 1 67 ASP 67 143 143 ASP ASP B . n 
B 1 68 GLU 68 144 144 GLU GLU B . n 
B 1 69 LYS 69 145 145 LYS LYS B . n 
B 1 70 ALA 70 146 146 ALA ALA B . n 
B 1 71 ALA 71 147 147 ALA ALA B . n 
B 1 72 LYS 72 148 148 LYS LYS B . n 
B 1 73 ALA 73 149 149 ALA ALA B . n 
B 1 74 ASN 74 150 150 ASN ASN B . n 
B 1 75 PHE 75 151 151 PHE PHE B . n 
B 1 76 LYS 76 152 152 LYS LYS B . n 
B 1 77 ASN 77 153 153 ASN ASN B . n 
B 1 78 GLY 78 154 154 GLY GLY B . n 
B 1 79 VAL 79 155 155 VAL VAL B . n 
B 1 80 LEU 80 156 156 LEU LEU B . n 
B 1 81 GLU 81 157 157 GLU GLU B . n 
B 1 82 ILE 82 158 158 ILE ILE B . n 
B 1 83 THR 83 159 159 THR THR B . n 
B 1 84 LEU 84 160 160 LEU LEU B . n 
B 1 85 LYS 85 161 161 LYS LYS B . n 
B 1 86 LYS 86 162 162 LYS LYS B . n 
B 1 87 LYS 87 163 163 LYS LYS B . n 
B 1 88 ALA 88 164 ?   ?   ?   B . n 
B 1 89 SER 89 165 ?   ?   ?   B . n 
B 1 90 SER 90 166 ?   ?   ?   B . n 
# 
loop_
_pdbx_nonpoly_scheme.asym_id 
_pdbx_nonpoly_scheme.entity_id 
_pdbx_nonpoly_scheme.mon_id 
_pdbx_nonpoly_scheme.ndb_seq_num 
_pdbx_nonpoly_scheme.pdb_seq_num 
_pdbx_nonpoly_scheme.auth_seq_num 
_pdbx_nonpoly_scheme.pdb_mon_id 
_pdbx_nonpoly_scheme.auth_mon_id 
_pdbx_nonpoly_scheme.pdb_strand_id 
_pdbx_nonpoly_scheme.pdb_ins_code 
C 2 HOH 1  201 2  HOH HOH A . 
C 2 HOH 2  202 3  HOH HOH A . 
C 2 HOH 3  203 4  HOH HOH A . 
C 2 HOH 4  204 12 HOH HOH A . 
C 2 HOH 5  205 13 HOH HOH A . 
C 2 HOH 6  206 14 HOH HOH A . 
C 2 HOH 7  207 16 HOH HOH A . 
C 2 HOH 8  208 17 HOH HOH A . 
C 2 HOH 9  209 18 HOH HOH A . 
C 2 HOH 10 210 19 HOH HOH A . 
C 2 HOH 11 211 20 HOH HOH A . 
C 2 HOH 12 212 26 HOH HOH A . 
C 2 HOH 13 213 27 HOH HOH A . 
C 2 HOH 14 214 28 HOH HOH A . 
C 2 HOH 15 215 29 HOH HOH A . 
C 2 HOH 16 216 30 HOH HOH A . 
C 2 HOH 17 217 33 HOH HOH A . 
C 2 HOH 18 218 36 HOH HOH A . 
C 2 HOH 19 219 37 HOH HOH A . 
C 2 HOH 20 220 44 HOH HOH A . 
D 2 HOH 1  201 1  HOH HOH B . 
D 2 HOH 2  202 5  HOH HOH B . 
D 2 HOH 3  203 7  HOH HOH B . 
D 2 HOH 4  204 8  HOH HOH B . 
D 2 HOH 5  205 11 HOH HOH B . 
D 2 HOH 6  206 21 HOH HOH B . 
D 2 HOH 7  207 22 HOH HOH B . 
D 2 HOH 8  208 23 HOH HOH B . 
D 2 HOH 9  209 24 HOH HOH B . 
D 2 HOH 10 210 25 HOH HOH B . 
D 2 HOH 11 211 31 HOH HOH B . 
D 2 HOH 12 212 32 HOH HOH B . 
D 2 HOH 13 213 34 HOH HOH B . 
D 2 HOH 14 214 35 HOH HOH B . 
D 2 HOH 15 215 38 HOH HOH B . 
D 2 HOH 16 216 39 HOH HOH B . 
D 2 HOH 17 217 40 HOH HOH B . 
D 2 HOH 18 218 41 HOH HOH B . 
D 2 HOH 19 219 42 HOH HOH B . 
D 2 HOH 20 220 43 HOH HOH B . 
D 2 HOH 21 221 45 HOH HOH B . 
# 
loop_
_pdbx_unobs_or_zero_occ_atoms.id 
_pdbx_unobs_or_zero_occ_atoms.PDB_model_num 
_pdbx_unobs_or_zero_occ_atoms.polymer_flag 
_pdbx_unobs_or_zero_occ_atoms.occupancy_flag 
_pdbx_unobs_or_zero_occ_atoms.auth_asym_id 
_pdbx_unobs_or_zero_occ_atoms.auth_comp_id 
_pdbx_unobs_or_zero_occ_atoms.auth_seq_id 
_pdbx_unobs_or_zero_occ_atoms.PDB_ins_code 
_pdbx_unobs_or_zero_occ_atoms.auth_atom_id 
_pdbx_unobs_or_zero_occ_atoms.label_alt_id 
_pdbx_unobs_or_zero_occ_atoms.label_asym_id 
_pdbx_unobs_or_zero_occ_atoms.label_comp_id 
_pdbx_unobs_or_zero_occ_atoms.label_seq_id 
_pdbx_unobs_or_zero_occ_atoms.label_atom_id 
1  1 Y 1 A LYS 145 ? CG ? A LYS 69 CG 
2  1 Y 1 A LYS 145 ? CD ? A LYS 69 CD 
3  1 Y 1 A LYS 145 ? CE ? A LYS 69 CE 
4  1 Y 1 A LYS 145 ? NZ ? A LYS 69 NZ 
5  1 Y 1 A LYS 148 ? CD ? A LYS 72 CD 
6  1 Y 1 A LYS 148 ? CE ? A LYS 72 CE 
7  1 Y 1 A LYS 148 ? NZ ? A LYS 72 NZ 
8  1 Y 1 A LYS 161 ? CG ? A LYS 85 CG 
9  1 Y 1 A LYS 161 ? CD ? A LYS 85 CD 
10 1 Y 1 A LYS 161 ? CE ? A LYS 85 CE 
11 1 Y 1 A LYS 161 ? NZ ? A LYS 85 NZ 
12 1 Y 1 A LYS 163 ? CG ? A LYS 87 CG 
13 1 Y 1 A LYS 163 ? CD ? A LYS 87 CD 
14 1 Y 1 A LYS 163 ? CE ? A LYS 87 CE 
15 1 Y 1 A LYS 163 ? NZ ? A LYS 87 NZ 
16 1 Y 1 B PRO 77  ? CG ? B PRO 1  CG 
17 1 Y 1 B PRO 77  ? CD ? B PRO 1  CD 
18 1 Y 1 B LYS 92  ? CG ? B LYS 16 CG 
19 1 Y 1 B LYS 92  ? CD ? B LYS 16 CD 
20 1 Y 1 B LYS 92  ? CE ? B LYS 16 CE 
21 1 Y 1 B LYS 92  ? NZ ? B LYS 16 NZ 
22 1 Y 1 B LYS 111 ? CD ? B LYS 35 CD 
23 1 Y 1 B LYS 111 ? CE ? B LYS 35 CE 
24 1 Y 1 B LYS 111 ? NZ ? B LYS 35 NZ 
25 1 Y 1 B LYS 119 ? CG ? B LYS 43 CG 
26 1 Y 1 B LYS 119 ? CD ? B LYS 43 CD 
27 1 Y 1 B LYS 119 ? CE ? B LYS 43 CE 
28 1 Y 1 B LYS 119 ? NZ ? B LYS 43 NZ 
29 1 Y 1 B LYS 162 ? CG ? B LYS 86 CG 
30 1 Y 1 B LYS 162 ? CD ? B LYS 86 CD 
31 1 Y 1 B LYS 162 ? CE ? B LYS 86 CE 
32 1 Y 1 B LYS 162 ? NZ ? B LYS 86 NZ 
33 1 Y 1 B LYS 163 ? CG ? B LYS 87 CG 
34 1 Y 1 B LYS 163 ? CD ? B LYS 87 CD 
35 1 Y 1 B LYS 163 ? CE ? B LYS 87 CE 
36 1 Y 1 B LYS 163 ? NZ ? B LYS 87 NZ 
# 
loop_
_software.name 
_software.classification 
_software.version 
_software.citation_id 
_software.pdbx_ordinal 
HKL-3000 'data collection' .                             ? 1 
PHASER   phasing           .                             ? 2 
PHENIX   refinement        '(phenix.refine: 1.8.4_1496)' ? 3 
HKL-2000 'data reduction'  .                             ? 4 
HKL-3000 'data scaling'    .                             ? 5 
# 
_cell.entry_id           4RZK 
_cell.length_a           91.124 
_cell.length_b           91.124 
_cell.length_c           74.951 
_cell.angle_alpha        90.00 
_cell.angle_beta         90.00 
_cell.angle_gamma        120.00 
_cell.Z_PDB              18 
_cell.pdbx_unique_axis   ? 
_cell.length_a_esd       ? 
_cell.length_b_esd       ? 
_cell.length_c_esd       ? 
_cell.angle_alpha_esd    ? 
_cell.angle_beta_esd     ? 
_cell.angle_gamma_esd    ? 
# 
_symmetry.entry_id                         4RZK 
_symmetry.space_group_name_H-M             'H 3' 
_symmetry.pdbx_full_space_group_name_H-M   ? 
_symmetry.cell_setting                     ? 
_symmetry.Int_Tables_number                146 
_symmetry.space_group_name_Hall            ? 
# 
_exptl.entry_id          4RZK 
_exptl.method            'X-RAY DIFFRACTION' 
_exptl.crystals_number   1 
# 
_exptl_crystal.id                    1 
_exptl_crystal.density_meas          ? 
_exptl_crystal.density_Matthews      3.01 
_exptl_crystal.density_percent_sol   59.16 
_exptl_crystal.description           ? 
_exptl_crystal.F_000                 ? 
_exptl_crystal.preparation           ? 
# 
_exptl_crystal_grow.crystal_id      1 
_exptl_crystal_grow.method          'VAPOR DIFFUSION' 
_exptl_crystal_grow.temp            293.0 
_exptl_crystal_grow.temp_details    ? 
_exptl_crystal_grow.pH              7.5 
_exptl_crystal_grow.pdbx_details    
'2% v/v tacsimate pH 7.0, 0.1 M HEPES pH 7.5, 16% w/v polyethylene glycol 3,350, VAPOR DIFFUSION, temperature 293.0K' 
_exptl_crystal_grow.pdbx_pH_range   ? 
# 
_diffrn.id                     1 
_diffrn.ambient_temp           100.0 
_diffrn.ambient_temp_details   ? 
_diffrn.crystal_id             1 
# 
_diffrn_detector.diffrn_id              1 
_diffrn_detector.detector               CCD 
_diffrn_detector.type                   'RAYONIX MX-225' 
_diffrn_detector.pdbx_collection_date   2014-06-01 
_diffrn_detector.details                ? 
# 
_diffrn_radiation.diffrn_id                        1 
_diffrn_radiation.wavelength_id                    1 
_diffrn_radiation.pdbx_monochromatic_or_laue_m_l   M 
_diffrn_radiation.monochromator                    'SAGITALLY FOCUSED Si(111)' 
_diffrn_radiation.pdbx_diffrn_protocol             'SINGLE WAVELENGTH' 
_diffrn_radiation.pdbx_scattering_type             x-ray 
# 
_diffrn_radiation_wavelength.id           1 
_diffrn_radiation_wavelength.wavelength   0.97915 
_diffrn_radiation_wavelength.wt           1.0 
# 
_diffrn_source.diffrn_id                   1 
_diffrn_source.source                      SYNCHROTRON 
_diffrn_source.type                        'SSRF BEAMLINE BL17U' 
_diffrn_source.pdbx_synchrotron_site       SSRF 
_diffrn_source.pdbx_synchrotron_beamline   BL17U 
_diffrn_source.pdbx_wavelength             ? 
_diffrn_source.pdbx_wavelength_list        0.97915 
# 
_reflns.entry_id                     4RZK 
_reflns.observed_criterion_sigma_I   -3 
_reflns.observed_criterion_sigma_F   0 
_reflns.d_resolution_low             50.00 
_reflns.d_resolution_high            2.65 
_reflns.number_obs                   6449 
_reflns.number_all                   ? 
_reflns.percent_possible_obs         99.9 
_reflns.pdbx_Rmerge_I_obs            ? 
_reflns.pdbx_Rsym_value              ? 
_reflns.pdbx_netI_over_sigmaI        ? 
_reflns.B_iso_Wilson_estimate        ? 
_reflns.pdbx_redundancy              ? 
_reflns.R_free_details               ? 
_reflns.limit_h_max                  ? 
_reflns.limit_h_min                  ? 
_reflns.limit_k_max                  ? 
_reflns.limit_k_min                  ? 
_reflns.limit_l_max                  ? 
_reflns.limit_l_min                  ? 
_reflns.observed_criterion_F_max     ? 
_reflns.observed_criterion_F_min     ? 
_reflns.pdbx_chi_squared             ? 
_reflns.pdbx_scaling_rejects         ? 
_reflns.pdbx_ordinal                 1 
_reflns.pdbx_diffrn_id               1 
# 
_reflns_shell.d_res_high             2.65 
_reflns_shell.d_res_low              2.85 
_reflns_shell.percent_possible_all   100.0 
_reflns_shell.Rmerge_I_obs           ? 
_reflns_shell.pdbx_Rsym_value        ? 
_reflns_shell.meanI_over_sigI_obs    ? 
_reflns_shell.pdbx_redundancy        ? 
_reflns_shell.percent_possible_obs   ? 
_reflns_shell.number_unique_all      ? 
_reflns_shell.number_measured_all    ? 
_reflns_shell.number_measured_obs    ? 
_reflns_shell.number_unique_obs      ? 
_reflns_shell.pdbx_chi_squared       ? 
_reflns_shell.pdbx_ordinal           1 
_reflns_shell.pdbx_diffrn_id         1 
# 
_refine.entry_id                                 4RZK 
_refine.ls_number_reflns_obs                     6449 
_refine.ls_number_reflns_all                     6455 
_refine.pdbx_ls_sigma_I                          ? 
_refine.pdbx_ls_sigma_F                          1.99 
_refine.pdbx_data_cutoff_high_absF               ? 
_refine.pdbx_data_cutoff_low_absF                ? 
_refine.pdbx_data_cutoff_high_rms_absF           ? 
_refine.ls_d_res_low                             34.915 
_refine.ls_d_res_high                            2.677 
_refine.ls_percent_reflns_obs                    98.80 
_refine.ls_R_factor_obs                          0.1950 
_refine.ls_R_factor_all                          ? 
_refine.ls_R_factor_R_work                       0.1932 
_refine.ls_R_factor_R_free                       0.2384 
_refine.ls_R_factor_R_free_error                 ? 
_refine.ls_R_factor_R_free_error_details         ? 
_refine.ls_percent_reflns_R_free                 4.65 
_refine.ls_number_reflns_R_free                  300 
_refine.ls_number_parameters                     ? 
_refine.ls_number_restraints                     ? 
_refine.occupancy_min                            ? 
_refine.occupancy_max                            ? 
_refine.correlation_coeff_Fo_to_Fc               ? 
_refine.correlation_coeff_Fo_to_Fc_free          ? 
_refine.B_iso_mean                               ? 
_refine.aniso_B[1][1]                            ? 
_refine.aniso_B[2][2]                            ? 
_refine.aniso_B[3][3]                            ? 
_refine.aniso_B[1][2]                            ? 
_refine.aniso_B[1][3]                            ? 
_refine.aniso_B[2][3]                            ? 
_refine.solvent_model_details                    'FLAT BULK SOLVENT MODEL' 
_refine.solvent_model_param_ksol                 ? 
_refine.solvent_model_param_bsol                 ? 
_refine.pdbx_solvent_vdw_probe_radii             1.11 
_refine.pdbx_solvent_ion_probe_radii             ? 
_refine.pdbx_solvent_shrinkage_radii             0.90 
_refine.pdbx_ls_cross_valid_method               ? 
_refine.details                                  ? 
_refine.pdbx_starting_model                      ? 
_refine.pdbx_method_to_determine_struct          'MOLECULAR REPLACEMENT' 
_refine.pdbx_isotropic_thermal_model             ? 
_refine.pdbx_stereochemistry_target_values       ML 
_refine.pdbx_stereochem_target_val_spec_case     ? 
_refine.pdbx_R_Free_selection_details            RANDOM 
_refine.pdbx_overall_ESU_R                       ? 
_refine.pdbx_overall_ESU_R_Free                  ? 
_refine.overall_SU_ML                            0.40 
_refine.pdbx_overall_phase_error                 25.27 
_refine.overall_SU_B                             ? 
_refine.overall_SU_R_Cruickshank_DPI             ? 
_refine.ls_redundancy_reflns_obs                 ? 
_refine.B_iso_min                                ? 
_refine.B_iso_max                                ? 
_refine.overall_SU_R_free                        ? 
_refine.ls_wR_factor_R_free                      ? 
_refine.ls_wR_factor_R_work                      ? 
_refine.overall_FOM_free_R_set                   ? 
_refine.overall_FOM_work_R_set                   ? 
_refine.pdbx_diffrn_id                           1 
_refine.pdbx_refine_id                           'X-RAY DIFFRACTION' 
_refine.pdbx_TLS_residual_ADP_flag               ? 
_refine.pdbx_overall_SU_R_free_Cruickshank_DPI   ? 
_refine.pdbx_overall_SU_R_Blow_DPI               ? 
_refine.pdbx_overall_SU_R_free_Blow_DPI          ? 
# 
_refine_hist.pdbx_refine_id                   'X-RAY DIFFRACTION' 
_refine_hist.cycle_id                         LAST 
_refine_hist.pdbx_number_atoms_protein        1320 
_refine_hist.pdbx_number_atoms_nucleic_acid   0 
_refine_hist.pdbx_number_atoms_ligand         0 
_refine_hist.number_atoms_solvent             41 
_refine_hist.number_atoms_total               1361 
_refine_hist.d_res_high                       2.677 
_refine_hist.d_res_low                        34.915 
# 
loop_
_refine_ls_restr.type 
_refine_ls_restr.dev_ideal 
_refine_ls_restr.dev_ideal_target 
_refine_ls_restr.weight 
_refine_ls_restr.number 
_refine_ls_restr.pdbx_restraint_function 
_refine_ls_restr.pdbx_refine_id 
f_bond_d           0.012  ? ? 1330 ? 'X-RAY DIFFRACTION' 
f_angle_d          1.219  ? ? 1792 ? 'X-RAY DIFFRACTION' 
f_dihedral_angle_d 22.494 ? ? 514  ? 'X-RAY DIFFRACTION' 
f_chiral_restr     0.082  ? ? 214  ? 'X-RAY DIFFRACTION' 
f_plane_restr      0.008  ? ? 234  ? 'X-RAY DIFFRACTION' 
# 
loop_
_refine_ls_shell.pdbx_total_number_of_bins_used 
_refine_ls_shell.d_res_high 
_refine_ls_shell.d_res_low 
_refine_ls_shell.number_reflns_R_work 
_refine_ls_shell.R_factor_R_work 
_refine_ls_shell.percent_reflns_obs 
_refine_ls_shell.R_factor_R_free 
_refine_ls_shell.R_factor_R_free_error 
_refine_ls_shell.percent_reflns_R_free 
_refine_ls_shell.number_reflns_R_free 
_refine_ls_shell.number_reflns_all 
_refine_ls_shell.R_factor_all 
_refine_ls_shell.number_reflns_obs 
_refine_ls_shell.redundancy_reflns_obs 
_refine_ls_shell.pdbx_refine_id 
. 2.6769 3.3721  3027 0.2619 98.00  0.2920 . . 159 . . . . 'X-RAY DIFFRACTION' 
. 3.3721 34.9180 3122 0.1729 100.00 0.2192 . . 141 . . . . 'X-RAY DIFFRACTION' 
# 
_struct.entry_id                  4RZK 
_struct.title                     'Crystal structure of Sulfolobus solfataricus Hsp20.1 ACD' 
_struct.pdbx_model_details        ? 
_struct.pdbx_CASP_flag            ? 
_struct.pdbx_model_type_details   ? 
# 
_struct_keywords.entry_id        4RZK 
_struct_keywords.pdbx_keywords   CHAPERONE 
_struct_keywords.text            Chaperone 
# 
loop_
_struct_asym.id 
_struct_asym.pdbx_blank_PDB_chainid_flag 
_struct_asym.pdbx_modified 
_struct_asym.entity_id 
_struct_asym.details 
A N N 1 ? 
B N N 1 ? 
C N N 2 ? 
D N N 2 ? 
# 
_struct_ref.id                         1 
_struct_ref.db_name                    UNP 
_struct_ref.db_code                    Q97W19_SULSO 
_struct_ref.pdbx_db_accession          Q97W19 
_struct_ref.entity_id                  1 
_struct_ref.pdbx_seq_one_letter_code   
;PMISEEREPLADVIEKGDEIKVVAEVPGVNKEDIKVKVTNGGKKLVITAKSEDRQYYKEIDLPAEVDEKAAKANFKNGVL
EITLKKKASS
;
_struct_ref.pdbx_align_begin           77 
_struct_ref.pdbx_db_isoform            ? 
# 
loop_
_struct_ref_seq.align_id 
_struct_ref_seq.ref_id 
_struct_ref_seq.pdbx_PDB_id_code 
_struct_ref_seq.pdbx_strand_id 
_struct_ref_seq.seq_align_beg 
_struct_ref_seq.pdbx_seq_align_beg_ins_code 
_struct_ref_seq.seq_align_end 
_struct_ref_seq.pdbx_seq_align_end_ins_code 
_struct_ref_seq.pdbx_db_accession 
_struct_ref_seq.db_align_beg 
_struct_ref_seq.pdbx_db_align_beg_ins_code 
_struct_ref_seq.db_align_end 
_struct_ref_seq.pdbx_db_align_end_ins_code 
_struct_ref_seq.pdbx_auth_seq_align_beg 
_struct_ref_seq.pdbx_auth_seq_align_end 
1 1 4RZK A 1 ? 90 ? Q97W19 77 ? 166 ? 77 166 
2 1 4RZK B 1 ? 90 ? Q97W19 77 ? 166 ? 77 166 
# 
_pdbx_struct_assembly.id                   1 
_pdbx_struct_assembly.details              author_defined_assembly 
_pdbx_struct_assembly.method_details       ? 
_pdbx_struct_assembly.oligomeric_details   dimeric 
_pdbx_struct_assembly.oligomeric_count     2 
# 
_pdbx_struct_assembly_gen.assembly_id       1 
_pdbx_struct_assembly_gen.oper_expression   1 
_pdbx_struct_assembly_gen.asym_id_list      A,B,C,D 
# 
_pdbx_struct_oper_list.id                   1 
_pdbx_struct_oper_list.type                 'identity operation' 
_pdbx_struct_oper_list.name                 1_555 
_pdbx_struct_oper_list.symmetry_operation   x,y,z 
_pdbx_struct_oper_list.matrix[1][1]         1.0000000000 
_pdbx_struct_oper_list.matrix[1][2]         0.0000000000 
_pdbx_struct_oper_list.matrix[1][3]         0.0000000000 
_pdbx_struct_oper_list.vector[1]            0.0000000000 
_pdbx_struct_oper_list.matrix[2][1]         0.0000000000 
_pdbx_struct_oper_list.matrix[2][2]         1.0000000000 
_pdbx_struct_oper_list.matrix[2][3]         0.0000000000 
_pdbx_struct_oper_list.vector[2]            0.0000000000 
_pdbx_struct_oper_list.matrix[3][1]         0.0000000000 
_pdbx_struct_oper_list.matrix[3][2]         0.0000000000 
_pdbx_struct_oper_list.matrix[3][3]         1.0000000000 
_pdbx_struct_oper_list.vector[3]            0.0000000000 
# 
_struct_biol.id        1 
_struct_biol.details   ? 
# 
loop_
_struct_conf.conf_type_id 
_struct_conf.id 
_struct_conf.pdbx_PDB_helix_id 
_struct_conf.beg_label_comp_id 
_struct_conf.beg_label_asym_id 
_struct_conf.beg_label_seq_id 
_struct_conf.pdbx_beg_PDB_ins_code 
_struct_conf.end_label_comp_id 
_struct_conf.end_label_asym_id 
_struct_conf.end_label_seq_id 
_struct_conf.pdbx_end_PDB_ins_code 
_struct_conf.beg_auth_comp_id 
_struct_conf.beg_auth_asym_id 
_struct_conf.beg_auth_seq_id 
_struct_conf.end_auth_comp_id 
_struct_conf.end_auth_asym_id 
_struct_conf.end_auth_seq_id 
_struct_conf.pdbx_PDB_helix_class 
_struct_conf.details 
_struct_conf.pdbx_PDB_helix_length 
HELX_P HELX_P1 1 ASN A 30 ? GLU A 32 ? ASN A 106 GLU A 108 5 ? 3 
HELX_P HELX_P2 2 ASN B 30 ? GLU B 32 ? ASN B 106 GLU B 108 5 ? 3 
HELX_P HELX_P3 3 ASN B 40 ? GLY B 42 ? ASN B 116 GLY B 118 5 ? 3 
# 
_struct_conf_type.id          HELX_P 
_struct_conf_type.criteria    ? 
_struct_conf_type.reference   ? 
# 
loop_
_struct_sheet.id 
_struct_sheet.type 
_struct_sheet.number_strands 
_struct_sheet.details 
A ? 4 ? 
B ? 4 ? 
C ? 4 ? 
D ? 4 ? 
# 
loop_
_struct_sheet_order.sheet_id 
_struct_sheet_order.range_id_1 
_struct_sheet_order.range_id_2 
_struct_sheet_order.offset 
_struct_sheet_order.sense 
A 1 2 ? parallel      
A 2 3 ? anti-parallel 
A 3 4 ? anti-parallel 
B 1 2 ? anti-parallel 
B 2 3 ? anti-parallel 
B 3 4 ? anti-parallel 
C 1 2 ? parallel      
C 2 3 ? anti-parallel 
C 3 4 ? anti-parallel 
D 1 2 ? anti-parallel 
D 2 3 ? anti-parallel 
D 3 4 ? anti-parallel 
# 
loop_
_struct_sheet_range.sheet_id 
_struct_sheet_range.id 
_struct_sheet_range.beg_label_comp_id 
_struct_sheet_range.beg_label_asym_id 
_struct_sheet_range.beg_label_seq_id 
_struct_sheet_range.pdbx_beg_PDB_ins_code 
_struct_sheet_range.end_label_comp_id 
_struct_sheet_range.end_label_asym_id 
_struct_sheet_range.end_label_seq_id 
_struct_sheet_range.pdbx_end_PDB_ins_code 
_struct_sheet_range.beg_auth_comp_id 
_struct_sheet_range.beg_auth_asym_id 
_struct_sheet_range.beg_auth_seq_id 
_struct_sheet_range.end_auth_comp_id 
_struct_sheet_range.end_auth_asym_id 
_struct_sheet_range.end_auth_seq_id 
A 1 GLU A 6  ? ARG A 7  ? GLU A 82  ARG A 83  
A 2 GLN A 55 ? ASP A 61 ? GLN A 131 ASP A 137 
A 3 LYS A 44 ? LYS A 50 ? LYS A 120 LYS A 126 
A 4 ILE A 34 ? THR A 39 ? ILE A 110 THR A 115 
B 1 LEU A 10 ? LYS A 16 ? LEU A 86  LYS A 92  
B 2 GLU A 19 ? GLU A 25 ? GLU A 95  GLU A 101 
B 3 VAL A 79 ? LYS A 85 ? VAL A 155 LYS A 161 
B 4 LYS A 72 ? LYS A 76 ? LYS A 148 LYS A 152 
C 1 GLU B 6  ? ARG B 7  ? GLU B 82  ARG B 83  
C 2 GLN B 55 ? ASP B 61 ? GLN B 131 ASP B 137 
C 3 LYS B 44 ? LYS B 50 ? LYS B 120 LYS B 126 
C 4 ILE B 34 ? THR B 39 ? ILE B 110 THR B 115 
D 1 LEU B 10 ? ILE B 14 ? LEU B 86  ILE B 90  
D 2 GLU B 19 ? GLU B 25 ? GLU B 95  GLU B 101 
D 3 VAL B 79 ? LYS B 86 ? VAL B 155 LYS B 162 
D 4 VAL B 66 ? LYS B 76 ? VAL B 142 LYS B 152 
# 
loop_
_pdbx_struct_sheet_hbond.sheet_id 
_pdbx_struct_sheet_hbond.range_id_1 
_pdbx_struct_sheet_hbond.range_id_2 
_pdbx_struct_sheet_hbond.range_1_label_atom_id 
_pdbx_struct_sheet_hbond.range_1_label_comp_id 
_pdbx_struct_sheet_hbond.range_1_label_asym_id 
_pdbx_struct_sheet_hbond.range_1_label_seq_id 
_pdbx_struct_sheet_hbond.range_1_PDB_ins_code 
_pdbx_struct_sheet_hbond.range_1_auth_atom_id 
_pdbx_struct_sheet_hbond.range_1_auth_comp_id 
_pdbx_struct_sheet_hbond.range_1_auth_asym_id 
_pdbx_struct_sheet_hbond.range_1_auth_seq_id 
_pdbx_struct_sheet_hbond.range_2_label_atom_id 
_pdbx_struct_sheet_hbond.range_2_label_comp_id 
_pdbx_struct_sheet_hbond.range_2_label_asym_id 
_pdbx_struct_sheet_hbond.range_2_label_seq_id 
_pdbx_struct_sheet_hbond.range_2_PDB_ins_code 
_pdbx_struct_sheet_hbond.range_2_auth_atom_id 
_pdbx_struct_sheet_hbond.range_2_auth_comp_id 
_pdbx_struct_sheet_hbond.range_2_auth_asym_id 
_pdbx_struct_sheet_hbond.range_2_auth_seq_id 
A 1 2 N ARG A 7  ? N ARG A 83  O GLN A 55 ? O GLN A 131 
A 2 3 O TYR A 56 ? O TYR A 132 N ALA A 49 ? N ALA A 125 
A 3 4 O VAL A 46 ? O VAL A 122 N LYS A 37 ? N LYS A 113 
B 1 2 N ILE A 14 ? N ILE A 90  O LYS A 21 ? O LYS A 97  
B 2 3 N ALA A 24 ? N ALA A 100 O LEU A 80 ? O LEU A 156 
B 3 4 O THR A 83 ? O THR A 159 N LYS A 72 ? N LYS A 148 
C 1 2 N ARG B 7  ? N ARG B 83  O GLN B 55 ? O GLN B 131 
C 2 3 O ILE B 60 ? O ILE B 136 N LEU B 45 ? N LEU B 121 
C 3 4 O THR B 48 ? O THR B 124 N LYS B 35 ? N LYS B 111 
D 1 2 N LEU B 10 ? N LEU B 86  O GLU B 25 ? O GLU B 101 
D 2 3 N ALA B 24 ? N ALA B 100 O LEU B 80 ? O LEU B 156 
D 3 4 O LYS B 85 ? O LYS B 161 N ASP B 67 ? N ASP B 143 
# 
loop_
_pdbx_unobs_or_zero_occ_residues.id 
_pdbx_unobs_or_zero_occ_residues.PDB_model_num 
_pdbx_unobs_or_zero_occ_residues.polymer_flag 
_pdbx_unobs_or_zero_occ_residues.occupancy_flag 
_pdbx_unobs_or_zero_occ_residues.auth_asym_id 
_pdbx_unobs_or_zero_occ_residues.auth_comp_id 
_pdbx_unobs_or_zero_occ_residues.auth_seq_id 
_pdbx_unobs_or_zero_occ_residues.PDB_ins_code 
_pdbx_unobs_or_zero_occ_residues.label_asym_id 
_pdbx_unobs_or_zero_occ_residues.label_comp_id 
_pdbx_unobs_or_zero_occ_residues.label_seq_id 
1 1 Y 1 A PRO 77  ? A PRO 1  
2 1 Y 1 A SER 165 ? A SER 89 
3 1 Y 1 A SER 166 ? A SER 90 
4 1 Y 1 B ALA 164 ? B ALA 88 
5 1 Y 1 B SER 165 ? B SER 89 
6 1 Y 1 B SER 166 ? B SER 90 
# 
loop_
_chem_comp_atom.comp_id 
_chem_comp_atom.atom_id 
_chem_comp_atom.type_symbol 
_chem_comp_atom.pdbx_aromatic_flag 
_chem_comp_atom.pdbx_stereo_config 
_chem_comp_atom.pdbx_ordinal 
ALA N    N N N 1   
ALA CA   C N S 2   
ALA C    C N N 3   
ALA O    O N N 4   
ALA CB   C N N 5   
ALA OXT  O N N 6   
ALA H    H N N 7   
ALA H2   H N N 8   
ALA HA   H N N 9   
ALA HB1  H N N 10  
ALA HB2  H N N 11  
ALA HB3  H N N 12  
ALA HXT  H N N 13  
ARG N    N N N 14  
ARG CA   C N S 15  
ARG C    C N N 16  
ARG O    O N N 17  
ARG CB   C N N 18  
ARG CG   C N N 19  
ARG CD   C N N 20  
ARG NE   N N N 21  
ARG CZ   C N N 22  
ARG NH1  N N N 23  
ARG NH2  N N N 24  
ARG OXT  O N N 25  
ARG H    H N N 26  
ARG H2   H N N 27  
ARG HA   H N N 28  
ARG HB2  H N N 29  
ARG HB3  H N N 30  
ARG HG2  H N N 31  
ARG HG3  H N N 32  
ARG HD2  H N N 33  
ARG HD3  H N N 34  
ARG HE   H N N 35  
ARG HH11 H N N 36  
ARG HH12 H N N 37  
ARG HH21 H N N 38  
ARG HH22 H N N 39  
ARG HXT  H N N 40  
ASN N    N N N 41  
ASN CA   C N S 42  
ASN C    C N N 43  
ASN O    O N N 44  
ASN CB   C N N 45  
ASN CG   C N N 46  
ASN OD1  O N N 47  
ASN ND2  N N N 48  
ASN OXT  O N N 49  
ASN H    H N N 50  
ASN H2   H N N 51  
ASN HA   H N N 52  
ASN HB2  H N N 53  
ASN HB3  H N N 54  
ASN HD21 H N N 55  
ASN HD22 H N N 56  
ASN HXT  H N N 57  
ASP N    N N N 58  
ASP CA   C N S 59  
ASP C    C N N 60  
ASP O    O N N 61  
ASP CB   C N N 62  
ASP CG   C N N 63  
ASP OD1  O N N 64  
ASP OD2  O N N 65  
ASP OXT  O N N 66  
ASP H    H N N 67  
ASP H2   H N N 68  
ASP HA   H N N 69  
ASP HB2  H N N 70  
ASP HB3  H N N 71  
ASP HD2  H N N 72  
ASP HXT  H N N 73  
GLN N    N N N 74  
GLN CA   C N S 75  
GLN C    C N N 76  
GLN O    O N N 77  
GLN CB   C N N 78  
GLN CG   C N N 79  
GLN CD   C N N 80  
GLN OE1  O N N 81  
GLN NE2  N N N 82  
GLN OXT  O N N 83  
GLN H    H N N 84  
GLN H2   H N N 85  
GLN HA   H N N 86  
GLN HB2  H N N 87  
GLN HB3  H N N 88  
GLN HG2  H N N 89  
GLN HG3  H N N 90  
GLN HE21 H N N 91  
GLN HE22 H N N 92  
GLN HXT  H N N 93  
GLU N    N N N 94  
GLU CA   C N S 95  
GLU C    C N N 96  
GLU O    O N N 97  
GLU CB   C N N 98  
GLU CG   C N N 99  
GLU CD   C N N 100 
GLU OE1  O N N 101 
GLU OE2  O N N 102 
GLU OXT  O N N 103 
GLU H    H N N 104 
GLU H2   H N N 105 
GLU HA   H N N 106 
GLU HB2  H N N 107 
GLU HB3  H N N 108 
GLU HG2  H N N 109 
GLU HG3  H N N 110 
GLU HE2  H N N 111 
GLU HXT  H N N 112 
GLY N    N N N 113 
GLY CA   C N N 114 
GLY C    C N N 115 
GLY O    O N N 116 
GLY OXT  O N N 117 
GLY H    H N N 118 
GLY H2   H N N 119 
GLY HA2  H N N 120 
GLY HA3  H N N 121 
GLY HXT  H N N 122 
HOH O    O N N 123 
HOH H1   H N N 124 
HOH H2   H N N 125 
ILE N    N N N 126 
ILE CA   C N S 127 
ILE C    C N N 128 
ILE O    O N N 129 
ILE CB   C N S 130 
ILE CG1  C N N 131 
ILE CG2  C N N 132 
ILE CD1  C N N 133 
ILE OXT  O N N 134 
ILE H    H N N 135 
ILE H2   H N N 136 
ILE HA   H N N 137 
ILE HB   H N N 138 
ILE HG12 H N N 139 
ILE HG13 H N N 140 
ILE HG21 H N N 141 
ILE HG22 H N N 142 
ILE HG23 H N N 143 
ILE HD11 H N N 144 
ILE HD12 H N N 145 
ILE HD13 H N N 146 
ILE HXT  H N N 147 
LEU N    N N N 148 
LEU CA   C N S 149 
LEU C    C N N 150 
LEU O    O N N 151 
LEU CB   C N N 152 
LEU CG   C N N 153 
LEU CD1  C N N 154 
LEU CD2  C N N 155 
LEU OXT  O N N 156 
LEU H    H N N 157 
LEU H2   H N N 158 
LEU HA   H N N 159 
LEU HB2  H N N 160 
LEU HB3  H N N 161 
LEU HG   H N N 162 
LEU HD11 H N N 163 
LEU HD12 H N N 164 
LEU HD13 H N N 165 
LEU HD21 H N N 166 
LEU HD22 H N N 167 
LEU HD23 H N N 168 
LEU HXT  H N N 169 
LYS N    N N N 170 
LYS CA   C N S 171 
LYS C    C N N 172 
LYS O    O N N 173 
LYS CB   C N N 174 
LYS CG   C N N 175 
LYS CD   C N N 176 
LYS CE   C N N 177 
LYS NZ   N N N 178 
LYS OXT  O N N 179 
LYS H    H N N 180 
LYS H2   H N N 181 
LYS HA   H N N 182 
LYS HB2  H N N 183 
LYS HB3  H N N 184 
LYS HG2  H N N 185 
LYS HG3  H N N 186 
LYS HD2  H N N 187 
LYS HD3  H N N 188 
LYS HE2  H N N 189 
LYS HE3  H N N 190 
LYS HZ1  H N N 191 
LYS HZ2  H N N 192 
LYS HZ3  H N N 193 
LYS HXT  H N N 194 
MET N    N N N 195 
MET CA   C N S 196 
MET C    C N N 197 
MET O    O N N 198 
MET CB   C N N 199 
MET CG   C N N 200 
MET SD   S N N 201 
MET CE   C N N 202 
MET OXT  O N N 203 
MET H    H N N 204 
MET H2   H N N 205 
MET HA   H N N 206 
MET HB2  H N N 207 
MET HB3  H N N 208 
MET HG2  H N N 209 
MET HG3  H N N 210 
MET HE1  H N N 211 
MET HE2  H N N 212 
MET HE3  H N N 213 
MET HXT  H N N 214 
PHE N    N N N 215 
PHE CA   C N S 216 
PHE C    C N N 217 
PHE O    O N N 218 
PHE CB   C N N 219 
PHE CG   C Y N 220 
PHE CD1  C Y N 221 
PHE CD2  C Y N 222 
PHE CE1  C Y N 223 
PHE CE2  C Y N 224 
PHE CZ   C Y N 225 
PHE OXT  O N N 226 
PHE H    H N N 227 
PHE H2   H N N 228 
PHE HA   H N N 229 
PHE HB2  H N N 230 
PHE HB3  H N N 231 
PHE HD1  H N N 232 
PHE HD2  H N N 233 
PHE HE1  H N N 234 
PHE HE2  H N N 235 
PHE HZ   H N N 236 
PHE HXT  H N N 237 
PRO N    N N N 238 
PRO CA   C N S 239 
PRO C    C N N 240 
PRO O    O N N 241 
PRO CB   C N N 242 
PRO CG   C N N 243 
PRO CD   C N N 244 
PRO OXT  O N N 245 
PRO H    H N N 246 
PRO HA   H N N 247 
PRO HB2  H N N 248 
PRO HB3  H N N 249 
PRO HG2  H N N 250 
PRO HG3  H N N 251 
PRO HD2  H N N 252 
PRO HD3  H N N 253 
PRO HXT  H N N 254 
SER N    N N N 255 
SER CA   C N S 256 
SER C    C N N 257 
SER O    O N N 258 
SER CB   C N N 259 
SER OG   O N N 260 
SER OXT  O N N 261 
SER H    H N N 262 
SER H2   H N N 263 
SER HA   H N N 264 
SER HB2  H N N 265 
SER HB3  H N N 266 
SER HG   H N N 267 
SER HXT  H N N 268 
THR N    N N N 269 
THR CA   C N S 270 
THR C    C N N 271 
THR O    O N N 272 
THR CB   C N R 273 
THR OG1  O N N 274 
THR CG2  C N N 275 
THR OXT  O N N 276 
THR H    H N N 277 
THR H2   H N N 278 
THR HA   H N N 279 
THR HB   H N N 280 
THR HG1  H N N 281 
THR HG21 H N N 282 
THR HG22 H N N 283 
THR HG23 H N N 284 
THR HXT  H N N 285 
TYR N    N N N 286 
TYR CA   C N S 287 
TYR C    C N N 288 
TYR O    O N N 289 
TYR CB   C N N 290 
TYR CG   C Y N 291 
TYR CD1  C Y N 292 
TYR CD2  C Y N 293 
TYR CE1  C Y N 294 
TYR CE2  C Y N 295 
TYR CZ   C Y N 296 
TYR OH   O N N 297 
TYR OXT  O N N 298 
TYR H    H N N 299 
TYR H2   H N N 300 
TYR HA   H N N 301 
TYR HB2  H N N 302 
TYR HB3  H N N 303 
TYR HD1  H N N 304 
TYR HD2  H N N 305 
TYR HE1  H N N 306 
TYR HE2  H N N 307 
TYR HH   H N N 308 
TYR HXT  H N N 309 
VAL N    N N N 310 
VAL CA   C N S 311 
VAL C    C N N 312 
VAL O    O N N 313 
VAL CB   C N N 314 
VAL CG1  C N N 315 
VAL CG2  C N N 316 
VAL OXT  O N N 317 
VAL H    H N N 318 
VAL H2   H N N 319 
VAL HA   H N N 320 
VAL HB   H N N 321 
VAL HG11 H N N 322 
VAL HG12 H N N 323 
VAL HG13 H N N 324 
VAL HG21 H N N 325 
VAL HG22 H N N 326 
VAL HG23 H N N 327 
VAL HXT  H N N 328 
# 
loop_
_chem_comp_bond.comp_id 
_chem_comp_bond.atom_id_1 
_chem_comp_bond.atom_id_2 
_chem_comp_bond.value_order 
_chem_comp_bond.pdbx_aromatic_flag 
_chem_comp_bond.pdbx_stereo_config 
_chem_comp_bond.pdbx_ordinal 
ALA N   CA   sing N N 1   
ALA N   H    sing N N 2   
ALA N   H2   sing N N 3   
ALA CA  C    sing N N 4   
ALA CA  CB   sing N N 5   
ALA CA  HA   sing N N 6   
ALA C   O    doub N N 7   
ALA C   OXT  sing N N 8   
ALA CB  HB1  sing N N 9   
ALA CB  HB2  sing N N 10  
ALA CB  HB3  sing N N 11  
ALA OXT HXT  sing N N 12  
ARG N   CA   sing N N 13  
ARG N   H    sing N N 14  
ARG N   H2   sing N N 15  
ARG CA  C    sing N N 16  
ARG CA  CB   sing N N 17  
ARG CA  HA   sing N N 18  
ARG C   O    doub N N 19  
ARG C   OXT  sing N N 20  
ARG CB  CG   sing N N 21  
ARG CB  HB2  sing N N 22  
ARG CB  HB3  sing N N 23  
ARG CG  CD   sing N N 24  
ARG CG  HG2  sing N N 25  
ARG CG  HG3  sing N N 26  
ARG CD  NE   sing N N 27  
ARG CD  HD2  sing N N 28  
ARG CD  HD3  sing N N 29  
ARG NE  CZ   sing N N 30  
ARG NE  HE   sing N N 31  
ARG CZ  NH1  sing N N 32  
ARG CZ  NH2  doub N N 33  
ARG NH1 HH11 sing N N 34  
ARG NH1 HH12 sing N N 35  
ARG NH2 HH21 sing N N 36  
ARG NH2 HH22 sing N N 37  
ARG OXT HXT  sing N N 38  
ASN N   CA   sing N N 39  
ASN N   H    sing N N 40  
ASN N   H2   sing N N 41  
ASN CA  C    sing N N 42  
ASN CA  CB   sing N N 43  
ASN CA  HA   sing N N 44  
ASN C   O    doub N N 45  
ASN C   OXT  sing N N 46  
ASN CB  CG   sing N N 47  
ASN CB  HB2  sing N N 48  
ASN CB  HB3  sing N N 49  
ASN CG  OD1  doub N N 50  
ASN CG  ND2  sing N N 51  
ASN ND2 HD21 sing N N 52  
ASN ND2 HD22 sing N N 53  
ASN OXT HXT  sing N N 54  
ASP N   CA   sing N N 55  
ASP N   H    sing N N 56  
ASP N   H2   sing N N 57  
ASP CA  C    sing N N 58  
ASP CA  CB   sing N N 59  
ASP CA  HA   sing N N 60  
ASP C   O    doub N N 61  
ASP C   OXT  sing N N 62  
ASP CB  CG   sing N N 63  
ASP CB  HB2  sing N N 64  
ASP CB  HB3  sing N N 65  
ASP CG  OD1  doub N N 66  
ASP CG  OD2  sing N N 67  
ASP OD2 HD2  sing N N 68  
ASP OXT HXT  sing N N 69  
GLN N   CA   sing N N 70  
GLN N   H    sing N N 71  
GLN N   H2   sing N N 72  
GLN CA  C    sing N N 73  
GLN CA  CB   sing N N 74  
GLN CA  HA   sing N N 75  
GLN C   O    doub N N 76  
GLN C   OXT  sing N N 77  
GLN CB  CG   sing N N 78  
GLN CB  HB2  sing N N 79  
GLN CB  HB3  sing N N 80  
GLN CG  CD   sing N N 81  
GLN CG  HG2  sing N N 82  
GLN CG  HG3  sing N N 83  
GLN CD  OE1  doub N N 84  
GLN CD  NE2  sing N N 85  
GLN NE2 HE21 sing N N 86  
GLN NE2 HE22 sing N N 87  
GLN OXT HXT  sing N N 88  
GLU N   CA   sing N N 89  
GLU N   H    sing N N 90  
GLU N   H2   sing N N 91  
GLU CA  C    sing N N 92  
GLU CA  CB   sing N N 93  
GLU CA  HA   sing N N 94  
GLU C   O    doub N N 95  
GLU C   OXT  sing N N 96  
GLU CB  CG   sing N N 97  
GLU CB  HB2  sing N N 98  
GLU CB  HB3  sing N N 99  
GLU CG  CD   sing N N 100 
GLU CG  HG2  sing N N 101 
GLU CG  HG3  sing N N 102 
GLU CD  OE1  doub N N 103 
GLU CD  OE2  sing N N 104 
GLU OE2 HE2  sing N N 105 
GLU OXT HXT  sing N N 106 
GLY N   CA   sing N N 107 
GLY N   H    sing N N 108 
GLY N   H2   sing N N 109 
GLY CA  C    sing N N 110 
GLY CA  HA2  sing N N 111 
GLY CA  HA3  sing N N 112 
GLY C   O    doub N N 113 
GLY C   OXT  sing N N 114 
GLY OXT HXT  sing N N 115 
HOH O   H1   sing N N 116 
HOH O   H2   sing N N 117 
ILE N   CA   sing N N 118 
ILE N   H    sing N N 119 
ILE N   H2   sing N N 120 
ILE CA  C    sing N N 121 
ILE CA  CB   sing N N 122 
ILE CA  HA   sing N N 123 
ILE C   O    doub N N 124 
ILE C   OXT  sing N N 125 
ILE CB  CG1  sing N N 126 
ILE CB  CG2  sing N N 127 
ILE CB  HB   sing N N 128 
ILE CG1 CD1  sing N N 129 
ILE CG1 HG12 sing N N 130 
ILE CG1 HG13 sing N N 131 
ILE CG2 HG21 sing N N 132 
ILE CG2 HG22 sing N N 133 
ILE CG2 HG23 sing N N 134 
ILE CD1 HD11 sing N N 135 
ILE CD1 HD12 sing N N 136 
ILE CD1 HD13 sing N N 137 
ILE OXT HXT  sing N N 138 
LEU N   CA   sing N N 139 
LEU N   H    sing N N 140 
LEU N   H2   sing N N 141 
LEU CA  C    sing N N 142 
LEU CA  CB   sing N N 143 
LEU CA  HA   sing N N 144 
LEU C   O    doub N N 145 
LEU C   OXT  sing N N 146 
LEU CB  CG   sing N N 147 
LEU CB  HB2  sing N N 148 
LEU CB  HB3  sing N N 149 
LEU CG  CD1  sing N N 150 
LEU CG  CD2  sing N N 151 
LEU CG  HG   sing N N 152 
LEU CD1 HD11 sing N N 153 
LEU CD1 HD12 sing N N 154 
LEU CD1 HD13 sing N N 155 
LEU CD2 HD21 sing N N 156 
LEU CD2 HD22 sing N N 157 
LEU CD2 HD23 sing N N 158 
LEU OXT HXT  sing N N 159 
LYS N   CA   sing N N 160 
LYS N   H    sing N N 161 
LYS N   H2   sing N N 162 
LYS CA  C    sing N N 163 
LYS CA  CB   sing N N 164 
LYS CA  HA   sing N N 165 
LYS C   O    doub N N 166 
LYS C   OXT  sing N N 167 
LYS CB  CG   sing N N 168 
LYS CB  HB2  sing N N 169 
LYS CB  HB3  sing N N 170 
LYS CG  CD   sing N N 171 
LYS CG  HG2  sing N N 172 
LYS CG  HG3  sing N N 173 
LYS CD  CE   sing N N 174 
LYS CD  HD2  sing N N 175 
LYS CD  HD3  sing N N 176 
LYS CE  NZ   sing N N 177 
LYS CE  HE2  sing N N 178 
LYS CE  HE3  sing N N 179 
LYS NZ  HZ1  sing N N 180 
LYS NZ  HZ2  sing N N 181 
LYS NZ  HZ3  sing N N 182 
LYS OXT HXT  sing N N 183 
MET N   CA   sing N N 184 
MET N   H    sing N N 185 
MET N   H2   sing N N 186 
MET CA  C    sing N N 187 
MET CA  CB   sing N N 188 
MET CA  HA   sing N N 189 
MET C   O    doub N N 190 
MET C   OXT  sing N N 191 
MET CB  CG   sing N N 192 
MET CB  HB2  sing N N 193 
MET CB  HB3  sing N N 194 
MET CG  SD   sing N N 195 
MET CG  HG2  sing N N 196 
MET CG  HG3  sing N N 197 
MET SD  CE   sing N N 198 
MET CE  HE1  sing N N 199 
MET CE  HE2  sing N N 200 
MET CE  HE3  sing N N 201 
MET OXT HXT  sing N N 202 
PHE N   CA   sing N N 203 
PHE N   H    sing N N 204 
PHE N   H2   sing N N 205 
PHE CA  C    sing N N 206 
PHE CA  CB   sing N N 207 
PHE CA  HA   sing N N 208 
PHE C   O    doub N N 209 
PHE C   OXT  sing N N 210 
PHE CB  CG   sing N N 211 
PHE CB  HB2  sing N N 212 
PHE CB  HB3  sing N N 213 
PHE CG  CD1  doub Y N 214 
PHE CG  CD2  sing Y N 215 
PHE CD1 CE1  sing Y N 216 
PHE CD1 HD1  sing N N 217 
PHE CD2 CE2  doub Y N 218 
PHE CD2 HD2  sing N N 219 
PHE CE1 CZ   doub Y N 220 
PHE CE1 HE1  sing N N 221 
PHE CE2 CZ   sing Y N 222 
PHE CE2 HE2  sing N N 223 
PHE CZ  HZ   sing N N 224 
PHE OXT HXT  sing N N 225 
PRO N   CA   sing N N 226 
PRO N   CD   sing N N 227 
PRO N   H    sing N N 228 
PRO CA  C    sing N N 229 
PRO CA  CB   sing N N 230 
PRO CA  HA   sing N N 231 
PRO C   O    doub N N 232 
PRO C   OXT  sing N N 233 
PRO CB  CG   sing N N 234 
PRO CB  HB2  sing N N 235 
PRO CB  HB3  sing N N 236 
PRO CG  CD   sing N N 237 
PRO CG  HG2  sing N N 238 
PRO CG  HG3  sing N N 239 
PRO CD  HD2  sing N N 240 
PRO CD  HD3  sing N N 241 
PRO OXT HXT  sing N N 242 
SER N   CA   sing N N 243 
SER N   H    sing N N 244 
SER N   H2   sing N N 245 
SER CA  C    sing N N 246 
SER CA  CB   sing N N 247 
SER CA  HA   sing N N 248 
SER C   O    doub N N 249 
SER C   OXT  sing N N 250 
SER CB  OG   sing N N 251 
SER CB  HB2  sing N N 252 
SER CB  HB3  sing N N 253 
SER OG  HG   sing N N 254 
SER OXT HXT  sing N N 255 
THR N   CA   sing N N 256 
THR N   H    sing N N 257 
THR N   H2   sing N N 258 
THR CA  C    sing N N 259 
THR CA  CB   sing N N 260 
THR CA  HA   sing N N 261 
THR C   O    doub N N 262 
THR C   OXT  sing N N 263 
THR CB  OG1  sing N N 264 
THR CB  CG2  sing N N 265 
THR CB  HB   sing N N 266 
THR OG1 HG1  sing N N 267 
THR CG2 HG21 sing N N 268 
THR CG2 HG22 sing N N 269 
THR CG2 HG23 sing N N 270 
THR OXT HXT  sing N N 271 
TYR N   CA   sing N N 272 
TYR N   H    sing N N 273 
TYR N   H2   sing N N 274 
TYR CA  C    sing N N 275 
TYR CA  CB   sing N N 276 
TYR CA  HA   sing N N 277 
TYR C   O    doub N N 278 
TYR C   OXT  sing N N 279 
TYR CB  CG   sing N N 280 
TYR CB  HB2  sing N N 281 
TYR CB  HB3  sing N N 282 
TYR CG  CD1  doub Y N 283 
TYR CG  CD2  sing Y N 284 
TYR CD1 CE1  sing Y N 285 
TYR CD1 HD1  sing N N 286 
TYR CD2 CE2  doub Y N 287 
TYR CD2 HD2  sing N N 288 
TYR CE1 CZ   doub Y N 289 
TYR CE1 HE1  sing N N 290 
TYR CE2 CZ   sing Y N 291 
TYR CE2 HE2  sing N N 292 
TYR CZ  OH   sing N N 293 
TYR OH  HH   sing N N 294 
TYR OXT HXT  sing N N 295 
VAL N   CA   sing N N 296 
VAL N   H    sing N N 297 
VAL N   H2   sing N N 298 
VAL CA  C    sing N N 299 
VAL CA  CB   sing N N 300 
VAL CA  HA   sing N N 301 
VAL C   O    doub N N 302 
VAL C   OXT  sing N N 303 
VAL CB  CG1  sing N N 304 
VAL CB  CG2  sing N N 305 
VAL CB  HB   sing N N 306 
VAL CG1 HG11 sing N N 307 
VAL CG1 HG12 sing N N 308 
VAL CG1 HG13 sing N N 309 
VAL CG2 HG21 sing N N 310 
VAL CG2 HG22 sing N N 311 
VAL CG2 HG23 sing N N 312 
VAL OXT HXT  sing N N 313 
# 
_atom_sites.entry_id                    4RZK 
_atom_sites.fract_transf_matrix[1][1]   0.00223938 
_atom_sites.fract_transf_matrix[1][2]   -0.00312571 
_atom_sites.fract_transf_matrix[1][3]   -0.01207430 
_atom_sites.fract_transf_matrix[2][1]   0.01143170 
_atom_sites.fract_transf_matrix[2][2]   -0.00426094 
_atom_sites.fract_transf_matrix[2][3]   -0.00342641 
_atom_sites.fract_transf_matrix[3][1]   -0.00390849 
_atom_sites.fract_transf_matrix[3][2]   -0.01250675 
_atom_sites.fract_transf_matrix[3][3]   0.00251276 
_atom_sites.fract_transf_vector[1]      -0.394020 
_atom_sites.fract_transf_vector[2]      -0.099813 
_atom_sites.fract_transf_vector[3]      -0.244401 
# 
loop_
_atom_type.symbol 
C 
N 
O 
S 
# 
loop_
_atom_site.group_PDB 
_atom_site.id 
_atom_site.type_symbol 
_atom_site.label_atom_id 
_atom_site.label_alt_id 
_atom_site.label_comp_id 
_atom_site.label_asym_id 
_atom_site.label_entity_id 
_atom_site.label_seq_id 
_atom_site.pdbx_PDB_ins_code 
_atom_site.Cartn_x 
_atom_site.Cartn_y 
_atom_site.Cartn_z 
_atom_site.occupancy 
_atom_site.B_iso_or_equiv 
_atom_site.pdbx_formal_charge 
_atom_site.auth_seq_id 
_atom_site.auth_comp_id 
_atom_site.auth_asym_id 
_atom_site.auth_atom_id 
_atom_site.pdbx_PDB_model_num 
ATOM   1    N N   . MET A 1 2  ? 13.825  -16.309 2.436   1.00 82.22  ? 78  MET A N   1 
ATOM   2    C CA  . MET A 1 2  ? 13.564  -15.124 1.644   1.00 76.65  ? 78  MET A CA  1 
ATOM   3    C C   . MET A 1 2  ? 12.966  -15.536 0.320   1.00 76.95  ? 78  MET A C   1 
ATOM   4    O O   . MET A 1 2  ? 13.671  -15.674 -0.669  1.00 74.42  ? 78  MET A O   1 
ATOM   5    C CB  . MET A 1 2  ? 14.861  -14.379 1.401   1.00 81.14  ? 78  MET A CB  1 
ATOM   6    C CG  . MET A 1 2  ? 16.051  -15.295 1.170   1.00 90.92  ? 78  MET A CG  1 
ATOM   7    S SD  . MET A 1 2  ? 16.466  -15.494 -0.572  1.00 105.13 ? 78  MET A SD  1 
ATOM   8    C CE  . MET A 1 2  ? 17.176  -13.895 -0.943  1.00 93.86  ? 78  MET A CE  1 
ATOM   9    N N   . ILE A 1 3  ? 11.660  -15.726 0.301   1.00 66.08  ? 79  ILE A N   1 
ATOM   10   C CA  . ILE A 1 3  ? 11.002  -16.274 -0.862  1.00 61.83  ? 79  ILE A CA  1 
ATOM   11   C C   . ILE A 1 3  ? 10.190  -15.235 -1.594  1.00 60.23  ? 79  ILE A C   1 
ATOM   12   O O   . ILE A 1 3  ? 9.383   -14.550 -1.008  1.00 64.59  ? 79  ILE A O   1 
ATOM   13   C CB  . ILE A 1 3  ? 10.072  -17.422 -0.460  1.00 64.46  ? 79  ILE A CB  1 
ATOM   14   C CG1 . ILE A 1 3  ? 10.868  -18.532 0.213   1.00 62.02  ? 79  ILE A CG1 1 
ATOM   15   C CG2 . ILE A 1 3  ? 9.355   -17.970 -1.669  1.00 57.83  ? 79  ILE A CG2 1 
ATOM   16   C CD1 . ILE A 1 3  ? 10.006  -19.544 0.926   1.00 53.12  ? 79  ILE A CD1 1 
ATOM   17   N N   . SER A 1 4  ? 10.407  -15.141 -2.891  1.00 57.92  ? 80  SER A N   1 
ATOM   18   C CA  . SER A 1 4  ? 9.707   -14.185 -3.712  1.00 53.40  ? 80  SER A CA  1 
ATOM   19   C C   . SER A 1 4  ? 8.456   -14.799 -4.258  1.00 54.20  ? 80  SER A C   1 
ATOM   20   O O   . SER A 1 4  ? 8.487   -15.880 -4.799  1.00 61.10  ? 80  SER A O   1 
ATOM   21   C CB  . SER A 1 4  ? 10.577  -13.779 -4.892  1.00 45.97  ? 80  SER A CB  1 
ATOM   22   O OG  . SER A 1 4  ? 11.865  -13.399 -4.477  1.00 54.52  ? 80  SER A OG  1 
ATOM   23   N N   . GLU A 1 5  ? 7.345   -14.108 -4.105  1.00 53.02  ? 81  GLU A N   1 
ATOM   24   C CA  . GLU A 1 5  ? 6.158   -14.417 -4.861  1.00 46.56  ? 81  GLU A CA  1 
ATOM   25   C C   . GLU A 1 5  ? 5.610   -13.147 -5.464  1.00 49.62  ? 81  GLU A C   1 
ATOM   26   O O   . GLU A 1 5  ? 5.383   -12.188 -4.764  1.00 55.31  ? 81  GLU A O   1 
ATOM   27   C CB  . GLU A 1 5  ? 5.118   -15.057 -3.970  1.00 50.22  ? 81  GLU A CB  1 
ATOM   28   C CG  . GLU A 1 5  ? 4.056   -15.801 -4.735  1.00 47.39  ? 81  GLU A CG  1 
ATOM   29   C CD  . GLU A 1 5  ? 2.951   -16.268 -3.843  1.00 49.74  ? 81  GLU A CD  1 
ATOM   30   O OE1 . GLU A 1 5  ? 2.934   -15.852 -2.679  1.00 58.09  ? 81  GLU A OE1 1 
ATOM   31   O OE2 . GLU A 1 5  ? 2.101   -17.037 -4.301  1.00 50.61  ? 81  GLU A OE2 1 
ATOM   32   N N   . GLU A 1 6  ? 5.372   -13.149 -6.762  1.00 52.00  ? 82  GLU A N   1 
ATOM   33   C CA  . GLU A 1 6  ? 4.760   -12.014 -7.421  1.00 46.47  ? 82  GLU A CA  1 
ATOM   34   C C   . GLU A 1 6  ? 3.323   -11.870 -6.958  1.00 53.02  ? 82  GLU A C   1 
ATOM   35   O O   . GLU A 1 6  ? 2.650   -12.853 -6.711  1.00 45.00  ? 82  GLU A O   1 
ATOM   36   C CB  . GLU A 1 6  ? 4.809   -12.214 -8.925  1.00 50.15  ? 82  GLU A CB  1 
ATOM   37   C CG  . GLU A 1 6  ? 4.561   -10.963 -9.736  1.00 55.92  ? 82  GLU A CG  1 
ATOM   38   C CD  . GLU A 1 6  ? 5.282   -10.984 -11.058 1.00 59.07  ? 82  GLU A CD  1 
ATOM   39   O OE1 . GLU A 1 6  ? 4.738   -11.550 -12.013 1.00 61.16  ? 82  GLU A OE1 1 
ATOM   40   O OE2 . GLU A 1 6  ? 6.390   -10.436 -11.141 1.00 67.98  ? 82  GLU A OE2 1 
ATOM   41   N N   . ARG A 1 7  ? 2.852   -10.639 -6.850  1.00 53.83  ? 83  ARG A N   1 
ATOM   42   C CA  . ARG A 1 7  ? 1.524   -10.374 -6.327  1.00 50.94  ? 83  ARG A CA  1 
ATOM   43   C C   . ARG A 1 7  ? 0.741   -9.510  -7.282  1.00 47.72  ? 83  ARG A C   1 
ATOM   44   O O   . ARG A 1 7  ? 1.310   -8.752  -8.029  1.00 49.58  ? 83  ARG A O   1 
ATOM   45   C CB  . ARG A 1 7  ? 1.620   -9.652  -4.988  1.00 50.18  ? 83  ARG A CB  1 
ATOM   46   C CG  . ARG A 1 7  ? 2.019   -10.524 -3.821  1.00 43.25  ? 83  ARG A CG  1 
ATOM   47   C CD  . ARG A 1 7  ? 2.521   -9.674  -2.684  1.00 47.66  ? 83  ARG A CD  1 
ATOM   48   N NE  . ARG A 1 7  ? 1.483   -8.791  -2.186  1.00 46.66  ? 83  ARG A NE  1 
ATOM   49   C CZ  . ARG A 1 7  ? 1.648   -7.960  -1.174  1.00 44.66  ? 83  ARG A CZ  1 
ATOM   50   N NH1 . ARG A 1 7  ? 2.801   -7.914  -0.553  1.00 46.01  ? 83  ARG A NH1 1 
ATOM   51   N NH2 . ARG A 1 7  ? 0.662   -7.189  -0.785  1.00 40.75  ? 83  ARG A NH2 1 
ATOM   52   N N   . GLU A 1 8  ? -0.571  -9.600  -7.229  1.00 47.83  ? 84  GLU A N   1 
ATOM   53   C CA  . GLU A 1 8  ? -1.384  -8.762  -8.068  1.00 45.45  ? 84  GLU A CA  1 
ATOM   54   C C   . GLU A 1 8  ? -1.925  -7.645  -7.217  1.00 48.53  ? 84  GLU A C   1 
ATOM   55   O O   . GLU A 1 8  ? -2.620  -7.877  -6.254  1.00 43.81  ? 84  GLU A O   1 
ATOM   56   C CB  . GLU A 1 8  ? -2.519  -9.572  -8.651  1.00 49.28  ? 84  GLU A CB  1 
ATOM   57   C CG  . GLU A 1 8  ? -3.527  -8.763  -9.419  1.00 48.37  ? 84  GLU A CG  1 
ATOM   58   C CD  . GLU A 1 8  ? -4.467  -9.644  -10.187 1.00 56.54  ? 84  GLU A CD  1 
ATOM   59   O OE1 . GLU A 1 8  ? -5.659  -9.679  -9.865  1.00 59.94  ? 84  GLU A OE1 1 
ATOM   60   O OE2 . GLU A 1 8  ? -4.002  -10.317 -11.108 1.00 65.28  ? 84  GLU A OE2 1 
ATOM   61   N N   . PRO A 1 9  ? -1.588  -6.427  -7.597  1.00 52.21  ? 85  PRO A N   1 
ATOM   62   C CA  . PRO A 1 9  ? -1.903  -5.236  -6.822  1.00 48.59  ? 85  PRO A CA  1 
ATOM   63   C C   . PRO A 1 9  ? -3.371  -4.904  -6.826  1.00 49.29  ? 85  PRO A C   1 
ATOM   64   O O   . PRO A 1 9  ? -4.052  -5.210  -7.781  1.00 53.85  ? 85  PRO A O   1 
ATOM   65   C CB  . PRO A 1 9  ? -1.129  -4.142  -7.551  1.00 43.53  ? 85  PRO A CB  1 
ATOM   66   C CG  . PRO A 1 9  ? -0.846  -4.685  -8.897  1.00 42.99  ? 85  PRO A CG  1 
ATOM   67   C CD  . PRO A 1 9  ? -0.652  -6.137  -8.684  1.00 49.80  ? 85  PRO A CD  1 
ATOM   68   N N   . LEU A 1 10 ? -3.856  -4.287  -5.762  1.00 51.31  ? 86  LEU A N   1 
ATOM   69   C CA  . LEU A 1 10 ? -5.210  -3.805  -5.768  1.00 45.21  ? 86  LEU A CA  1 
ATOM   70   C C   . LEU A 1 10 ? -5.256  -2.656  -6.740  1.00 50.45  ? 86  LEU A C   1 
ATOM   71   O O   . LEU A 1 10 ? -4.462  -1.743  -6.659  1.00 46.74  ? 86  LEU A O   1 
ATOM   72   C CB  . LEU A 1 10 ? -5.598  -3.306  -4.389  1.00 52.37  ? 86  LEU A CB  1 
ATOM   73   C CG  . LEU A 1 10 ? -5.529  -4.260  -3.205  1.00 59.42  ? 86  LEU A CG  1 
ATOM   74   C CD1 . LEU A 1 10 ? -6.050  -3.555  -1.975  1.00 56.50  ? 86  LEU A CD1 1 
ATOM   75   C CD2 . LEU A 1 10 ? -6.330  -5.520  -3.455  1.00 53.58  ? 86  LEU A CD2 1 
ATOM   76   N N   . ALA A 1 11 ? -6.208  -2.702  -7.654  1.00 53.66  ? 87  ALA A N   1 
ATOM   77   C CA  . ALA A 1 11 ? -6.322  -1.694  -8.680  1.00 51.06  ? 87  ALA A CA  1 
ATOM   78   C C   . ALA A 1 11 ? -7.764  -1.308  -8.887  1.00 55.24  ? 87  ALA A C   1 
ATOM   79   O O   . ALA A 1 11 ? -8.633  -2.154  -8.893  1.00 67.95  ? 87  ALA A O   1 
ATOM   80   C CB  . ALA A 1 11 ? -5.733  -2.213  -9.971  1.00 44.68  ? 87  ALA A CB  1 
ATOM   81   N N   . ASP A 1 12 ? -8.021  -0.028  -9.072  1.00 55.99  ? 88  ASP A N   1 
ATOM   82   C CA  . ASP A 1 12 ? -9.345  0.410   -9.436  1.00 61.06  ? 88  ASP A CA  1 
ATOM   83   C C   . ASP A 1 12 ? -9.252  1.282   -10.656 1.00 58.32  ? 88  ASP A C   1 
ATOM   84   O O   . ASP A 1 12 ? -8.494  2.224   -10.676 1.00 60.33  ? 88  ASP A O   1 
ATOM   85   C CB  . ASP A 1 12 ? -9.973  1.190   -8.299  1.00 69.04  ? 88  ASP A CB  1 
ATOM   86   C CG  . ASP A 1 12 ? -11.454 1.343   -8.463  1.00 75.93  ? 88  ASP A CG  1 
ATOM   87   O OD1 . ASP A 1 12 ? -12.010 2.306   -7.912  1.00 83.08  ? 88  ASP A OD1 1 
ATOM   88   O OD2 . ASP A 1 12 ? -12.063 0.503   -9.144  1.00 76.23  ? 88  ASP A OD2 1 
ATOM   89   N N   . VAL A 1 13 ? -10.038 0.990   -11.672 1.00 62.26  ? 89  VAL A N   1 
ATOM   90   C CA  . VAL A 1 13 ? -10.009 1.847   -12.834 1.00 59.75  ? 89  VAL A CA  1 
ATOM   91   C C   . VAL A 1 13 ? -11.311 2.611   -12.971 1.00 60.36  ? 89  VAL A C   1 
ATOM   92   O O   . VAL A 1 13 ? -12.385 2.039   -12.936 1.00 58.99  ? 89  VAL A O   1 
ATOM   93   C CB  . VAL A 1 13 ? -9.699  1.061   -14.109 1.00 56.95  ? 89  VAL A CB  1 
ATOM   94   C CG1 . VAL A 1 13 ? -10.222 -0.351  -14.002 1.00 56.70  ? 89  VAL A CG1 1 
ATOM   95   C CG2 . VAL A 1 13 ? -10.279 1.763   -15.313 1.00 64.17  ? 89  VAL A CG2 1 
ATOM   96   N N   . ILE A 1 14 ? -11.201 3.923   -13.043 1.00 63.97  ? 90  ILE A N   1 
ATOM   97   C CA  . ILE A 1 14 ? -12.358 4.773   -13.161 1.00 66.70  ? 90  ILE A CA  1 
ATOM   98   C C   . ILE A 1 14 ? -12.189 5.690   -14.354 1.00 69.70  ? 90  ILE A C   1 
ATOM   99   O O   . ILE A 1 14 ? -11.164 6.321   -14.514 1.00 66.58  ? 90  ILE A O   1 
ATOM   100  C CB  . ILE A 1 14 ? -12.533 5.621   -11.902 1.00 63.92  ? 90  ILE A CB  1 
ATOM   101  C CG1 . ILE A 1 14 ? -13.820 5.240   -11.179 1.00 77.56  ? 90  ILE A CG1 1 
ATOM   102  C CG2 . ILE A 1 14 ? -12.538 7.089   -12.263 1.00 72.81  ? 90  ILE A CG2 1 
ATOM   103  C CD1 . ILE A 1 14 ? -15.076 5.465   -11.989 1.00 77.90  ? 90  ILE A CD1 1 
ATOM   104  N N   . GLU A 1 15 ? -13.206 5.767   -15.195 1.00 77.14  ? 91  GLU A N   1 
ATOM   105  C CA  . GLU A 1 15 ? -13.137 6.626   -16.357 1.00 83.98  ? 91  GLU A CA  1 
ATOM   106  C C   . GLU A 1 15 ? -14.156 7.736   -16.242 1.00 89.06  ? 91  GLU A C   1 
ATOM   107  O O   . GLU A 1 15 ? -15.330 7.486   -16.012 1.00 84.72  ? 91  GLU A O   1 
ATOM   108  C CB  . GLU A 1 15 ? -13.387 5.830   -17.635 1.00 78.54  ? 91  GLU A CB  1 
ATOM   109  C CG  . GLU A 1 15 ? -14.797 5.943   -18.168 1.00 80.28  ? 91  GLU A CG  1 
ATOM   110  C CD  . GLU A 1 15 ? -15.292 4.654   -18.784 1.00 87.48  ? 91  GLU A CD  1 
ATOM   111  O OE1 . GLU A 1 15 ? -15.145 4.480   -20.003 1.00 88.93  ? 91  GLU A OE1 1 
ATOM   112  O OE2 . GLU A 1 15 ? -15.837 3.815   -18.055 1.00 88.66  ? 91  GLU A OE2 1 
ATOM   113  N N   . LYS A 1 16 ? -13.690 8.969   -16.381 1.00 88.73  ? 92  LYS A N   1 
ATOM   114  C CA  . LYS A 1 16 ? -14.571 10.113  -16.482 1.00 92.01  ? 92  LYS A CA  1 
ATOM   115  C C   . LYS A 1 16 ? -14.198 10.957  -17.688 1.00 92.44  ? 92  LYS A C   1 
ATOM   116  O O   . LYS A 1 16 ? -13.059 11.378  -17.833 1.00 90.79  ? 92  LYS A O   1 
ATOM   117  C CB  . LYS A 1 16 ? -14.523 10.944  -15.203 1.00 92.09  ? 92  LYS A CB  1 
ATOM   118  C CG  . LYS A 1 16 ? -13.587 12.133  -15.256 1.00 91.33  ? 92  LYS A CG  1 
ATOM   119  C CD  . LYS A 1 16 ? -13.816 13.056  -14.068 1.00 101.81 ? 92  LYS A CD  1 
ATOM   120  C CE  . LYS A 1 16 ? -12.622 13.071  -13.126 1.00 97.16  ? 92  LYS A CE  1 
ATOM   121  N NZ  . LYS A 1 16 ? -13.024 12.836  -11.712 1.00 97.35  ? 92  LYS A NZ  1 
ATOM   122  N N   . GLY A 1 17 ? -15.167 11.208  -18.549 1.00 93.94  ? 93  GLY A N   1 
ATOM   123  C CA  . GLY A 1 17 ? -14.946 12.050  -19.701 1.00 90.85  ? 93  GLY A CA  1 
ATOM   124  C C   . GLY A 1 17 ? -13.828 11.589  -20.598 1.00 89.49  ? 93  GLY A C   1 
ATOM   125  O O   . GLY A 1 17 ? -13.749 10.428  -20.965 1.00 91.96  ? 93  GLY A O   1 
ATOM   126  N N   . ASP A 1 18 ? -12.969 12.528  -20.958 1.00 92.51  ? 94  ASP A N   1 
ATOM   127  C CA  . ASP A 1 18 ? -11.832 12.277  -21.825 1.00 90.87  ? 94  ASP A CA  1 
ATOM   128  C C   . ASP A 1 18 ? -10.849 11.317  -21.182 1.00 84.85  ? 94  ASP A C   1 
ATOM   129  O O   . ASP A 1 18 ? -10.296 10.443  -21.834 1.00 77.85  ? 94  ASP A O   1 
ATOM   130  C CB  . ASP A 1 18 ? -11.118 13.605  -22.092 1.00 88.58  ? 94  ASP A CB  1 
ATOM   131  C CG  . ASP A 1 18 ? -10.612 13.726  -23.507 1.00 95.99  ? 94  ASP A CG  1 
ATOM   132  O OD1 . ASP A 1 18 ? -11.182 13.065  -24.396 1.00 100.71 ? 94  ASP A OD1 1 
ATOM   133  O OD2 . ASP A 1 18 ? -9.646  14.485  -23.730 1.00 93.31  ? 94  ASP A OD2 1 
ATOM   134  N N   . GLU A 1 19 ? -10.621 11.521  -19.892 1.00 83.91  ? 95  GLU A N   1 
ATOM   135  C CA  . GLU A 1 19 ? -9.627  10.775  -19.138 1.00 79.11  ? 95  GLU A CA  1 
ATOM   136  C C   . GLU A 1 19 ? -10.096 9.426   -18.628 1.00 79.09  ? 95  GLU A C   1 
ATOM   137  O O   . GLU A 1 19 ? -11.272 9.222   -18.369 1.00 79.76  ? 95  GLU A O   1 
ATOM   138  C CB  . GLU A 1 19 ? -9.128  11.616  -17.970 1.00 77.03  ? 95  GLU A CB  1 
ATOM   139  C CG  . GLU A 1 19 ? -8.336  12.838  -18.382 1.00 72.93  ? 95  GLU A CG  1 
ATOM   140  C CD  . GLU A 1 19 ? -8.109  13.802  -17.239 1.00 77.32  ? 95  GLU A CD  1 
ATOM   141  O OE1 . GLU A 1 19 ? -8.806  13.695  -16.216 1.00 75.08  ? 95  GLU A OE1 1 
ATOM   142  O OE2 . GLU A 1 19 ? -7.228  14.671  -17.365 1.00 80.16  ? 95  GLU A OE2 1 
ATOM   143  N N   . ILE A 1 20 ? -9.148  8.511   -18.485 1.00 75.99  ? 96  ILE A N   1 
ATOM   144  C CA  . ILE A 1 20 ? -9.332  7.310   -17.700 1.00 74.62  ? 96  ILE A CA  1 
ATOM   145  C C   . ILE A 1 20 ? -8.273  7.331   -16.616 1.00 68.49  ? 96  ILE A C   1 
ATOM   146  O O   . ILE A 1 20 ? -7.106  7.522   -16.892 1.00 65.89  ? 96  ILE A O   1 
ATOM   147  C CB  . ILE A 1 20 ? -9.130  6.038   -18.524 1.00 67.12  ? 96  ILE A CB  1 
ATOM   148  C CG1 . ILE A 1 20 ? -10.347 5.755   -19.387 1.00 65.77  ? 96  ILE A CG1 1 
ATOM   149  C CG2 . ILE A 1 20 ? -8.904  4.859   -17.603 1.00 64.51  ? 96  ILE A CG2 1 
ATOM   150  C CD1 . ILE A 1 20 ? -10.307 4.394   -20.034 1.00 67.45  ? 96  ILE A CD1 1 
ATOM   151  N N   . LYS A 1 21 ? -8.676  7.139   -15.377 1.00 64.44  ? 97  LYS A N   1 
ATOM   152  C CA  . LYS A 1 21 ? -7.723  7.184   -14.302 1.00 55.57  ? 97  LYS A CA  1 
ATOM   153  C C   . LYS A 1 21 ? -7.589  5.794   -13.768 1.00 60.09  ? 97  LYS A C   1 
ATOM   154  O O   . LYS A 1 21 ? -8.576  5.169   -13.432 1.00 60.14  ? 97  LYS A O   1 
ATOM   155  C CB  . LYS A 1 21 ? -8.160  8.156   -13.205 1.00 62.09  ? 97  LYS A CB  1 
ATOM   156  C CG  . LYS A 1 21 ? -8.123  9.619   -13.619 0.50 69.67  ? 97  LYS A CG  1 
ATOM   157  C CD  . LYS A 1 21 ? -8.590  10.524  -12.493 0.50 68.77  ? 97  LYS A CD  1 
ATOM   158  C CE  . LYS A 1 21 ? -8.531  11.987  -12.899 0.50 71.52  ? 97  LYS A CE  1 
ATOM   159  N NZ  . LYS A 1 21 ? -9.011  12.885  -11.813 0.50 78.65  ? 97  LYS A NZ  1 
ATOM   160  N N   . VAL A 1 22 ? -6.363  5.310   -13.636 1.00 59.34  ? 98  VAL A N   1 
ATOM   161  C CA  . VAL A 1 22 ? -6.135  3.998   -13.048 1.00 54.27  ? 98  VAL A CA  1 
ATOM   162  C C   . VAL A 1 22 ? -5.357  4.110   -11.753 1.00 46.59  ? 98  VAL A C   1 
ATOM   163  O O   . VAL A 1 22 ? -4.335  4.755   -11.703 1.00 48.71  ? 98  VAL A O   1 
ATOM   164  C CB  . VAL A 1 22 ? -5.397  3.062   -14.006 1.00 56.39  ? 98  VAL A CB  1 
ATOM   165  C CG1 . VAL A 1 22 ? -5.086  1.749   -13.317 1.00 50.38  ? 98  VAL A CG1 1 
ATOM   166  C CG2 . VAL A 1 22 ? -6.233  2.819   -15.242 1.00 58.10  ? 98  VAL A CG2 1 
ATOM   167  N N   . VAL A 1 23 ? -5.853  3.474   -10.707 1.00 47.55  ? 99  VAL A N   1 
ATOM   168  C CA  . VAL A 1 23 ? -5.223  3.549   -9.405  1.00 50.26  ? 99  VAL A CA  1 
ATOM   169  C C   . VAL A 1 23 ? -4.722  2.192   -8.951  1.00 47.09  ? 99  VAL A C   1 
ATOM   170  O O   . VAL A 1 23 ? -5.457  1.232   -8.966  1.00 45.06  ? 99  VAL A O   1 
ATOM   171  C CB  . VAL A 1 23 ? -6.204  4.069   -8.358  1.00 46.20  ? 99  VAL A CB  1 
ATOM   172  C CG1 . VAL A 1 23 ? -5.647  3.873   -6.970  1.00 45.07  ? 99  VAL A CG1 1 
ATOM   173  C CG2 . VAL A 1 23 ? -6.510  5.526   -8.607  1.00 46.38  ? 99  VAL A CG2 1 
ATOM   174  N N   . ALA A 1 24 ? -3.459  2.132   -8.554  1.00 39.92  ? 100 ALA A N   1 
ATOM   175  C CA  . ALA A 1 24 ? -2.850  0.897   -8.107  1.00 42.85  ? 100 ALA A CA  1 
ATOM   176  C C   . ALA A 1 24 ? -2.111  1.032   -6.797  1.00 47.48  ? 100 ALA A C   1 
ATOM   177  O O   . ALA A 1 24 ? -1.359  1.961   -6.607  1.00 48.97  ? 100 ALA A O   1 
ATOM   178  C CB  . ALA A 1 24 ? -1.908  0.369   -9.179  1.00 37.97  ? 100 ALA A CB  1 
ATOM   179  N N   . GLU A 1 25 ? -2.286  0.060   -5.923  1.00 43.85  ? 101 GLU A N   1 
ATOM   180  C CA  . GLU A 1 25 ? -1.545  0.049   -4.696  1.00 42.56  ? 101 GLU A CA  1 
ATOM   181  C C   . GLU A 1 25 ? -0.410  -0.899  -4.828  1.00 47.99  ? 101 GLU A C   1 
ATOM   182  O O   . GLU A 1 25 ? -0.590  -2.080  -5.028  1.00 42.65  ? 101 GLU A O   1 
ATOM   183  C CB  . GLU A 1 25 ? -2.400  -0.467  -3.592  1.00 40.51  ? 101 GLU A CB  1 
ATOM   184  C CG  . GLU A 1 25 ? -3.653  0.308   -3.385  1.00 44.95  ? 101 GLU A CG  1 
ATOM   185  C CD  . GLU A 1 25 ? -4.227  -0.032  -2.059  1.00 49.15  ? 101 GLU A CD  1 
ATOM   186  O OE1 . GLU A 1 25 ? -3.756  -0.988  -1.439  1.00 59.10  ? 101 GLU A OE1 1 
ATOM   187  O OE2 . GLU A 1 25 ? -5.141  0.671   -1.616  1.00 47.41  ? 101 GLU A OE2 1 
ATOM   188  N N   . VAL A 1 26 ? 0.774   -0.369  -4.660  1.00 46.99  ? 102 VAL A N   1 
ATOM   189  C CA  . VAL A 1 26 ? 1.958   -1.172  -4.765  1.00 45.42  ? 102 VAL A CA  1 
ATOM   190  C C   . VAL A 1 26 ? 2.928   -0.797  -3.658  1.00 43.96  ? 102 VAL A C   1 
ATOM   191  O O   . VAL A 1 26 ? 4.015   -0.327  -3.927  1.00 43.46  ? 102 VAL A O   1 
ATOM   192  C CB  . VAL A 1 26 ? 2.619   -0.867  -6.103  1.00 38.73  ? 102 VAL A CB  1 
ATOM   193  C CG1 . VAL A 1 26 ? 4.094   -1.183  -6.057  1.00 53.89  ? 102 VAL A CG1 1 
ATOM   194  C CG2 . VAL A 1 26 ? 1.922   -1.597  -7.222  1.00 35.77  ? 102 VAL A CG2 1 
ATOM   195  N N   . PRO A 1 27 ? 2.561   -1.013  -2.405  1.00 46.13  ? 103 PRO A N   1 
ATOM   196  C CA  . PRO A 1 27 ? 3.454   -0.542  -1.351  1.00 44.59  ? 103 PRO A CA  1 
ATOM   197  C C   . PRO A 1 27 ? 4.691   -1.423  -1.176  1.00 47.72  ? 103 PRO A C   1 
ATOM   198  O O   . PRO A 1 27 ? 4.648   -2.626  -1.431  1.00 45.67  ? 103 PRO A O   1 
ATOM   199  C CB  . PRO A 1 27 ? 2.570   -0.578  -0.111  1.00 40.10  ? 103 PRO A CB  1 
ATOM   200  C CG  . PRO A 1 27 ? 1.578   -1.641  -0.393  1.00 45.33  ? 103 PRO A CG  1 
ATOM   201  C CD  . PRO A 1 27 ? 1.325   -1.608  -1.862  1.00 45.29  ? 103 PRO A CD  1 
ATOM   202  N N   . GLY A 1 28 ? 5.779   -0.792  -0.739  1.00 48.49  ? 104 GLY A N   1 
ATOM   203  C CA  . GLY A 1 28 ? 7.038   -1.454  -0.533  1.00 48.91  ? 104 GLY A CA  1 
ATOM   204  C C   . GLY A 1 28 ? 8.021   -0.935  -1.540  1.00 51.19  ? 104 GLY A C   1 
ATOM   205  O O   . GLY A 1 28 ? 9.217   -0.858  -1.292  1.00 61.13  ? 104 GLY A O   1 
ATOM   206  N N   . VAL A 1 29 ? 7.494   -0.535  -2.679  1.00 46.70  ? 105 VAL A N   1 
ATOM   207  C CA  . VAL A 1 29 ? 8.298   -0.287  -3.850  1.00 44.42  ? 105 VAL A CA  1 
ATOM   208  C C   . VAL A 1 29 ? 8.591   1.192   -4.036  1.00 43.77  ? 105 VAL A C   1 
ATOM   209  O O   . VAL A 1 29 ? 7.724   2.019   -3.821  1.00 50.39  ? 105 VAL A O   1 
ATOM   210  C CB  . VAL A 1 29 ? 7.586   -0.864  -5.082  1.00 47.37  ? 105 VAL A CB  1 
ATOM   211  C CG1 . VAL A 1 29 ? 8.273   -0.458  -6.339  1.00 52.02  ? 105 VAL A CG1 1 
ATOM   212  C CG2 . VAL A 1 29 ? 7.525   -2.373  -4.973  1.00 47.32  ? 105 VAL A CG2 1 
ATOM   213  N N   . ASN A 1 30 ? 9.821   1.524   -4.407  1.00 44.70  ? 106 ASN A N   1 
ATOM   214  C CA  . ASN A 1 30 ? 10.179  2.906   -4.702  1.00 47.27  ? 106 ASN A CA  1 
ATOM   215  C C   . ASN A 1 30 ? 9.689   3.268   -6.095  1.00 53.64  ? 106 ASN A C   1 
ATOM   216  O O   . ASN A 1 30 ? 9.456   2.379   -6.912  1.00 55.87  ? 106 ASN A O   1 
ATOM   217  C CB  . ASN A 1 30 ? 11.690  3.128   -4.604  1.00 47.49  ? 106 ASN A CB  1 
ATOM   218  C CG  . ASN A 1 30 ? 12.219  2.959   -3.203  1.00 44.87  ? 106 ASN A CG  1 
ATOM   219  O OD1 . ASN A 1 30 ? 11.956  3.778   -2.340  1.00 51.78  ? 106 ASN A OD1 1 
ATOM   220  N ND2 . ASN A 1 30 ? 12.987  1.901   -2.975  1.00 54.46  ? 106 ASN A ND2 1 
ATOM   221  N N   . LYS A 1 31 ? 9.550   4.559   -6.388  1.00 51.78  ? 107 LYS A N   1 
ATOM   222  C CA  . LYS A 1 31 ? 8.900   4.960   -7.631  1.00 58.98  ? 107 LYS A CA  1 
ATOM   223  C C   . LYS A 1 31 ? 9.712   4.595   -8.892  1.00 61.90  ? 107 LYS A C   1 
ATOM   224  O O   . LYS A 1 31 ? 9.130   4.246   -9.933  1.00 66.34  ? 107 LYS A O   1 
ATOM   225  C CB  . LYS A 1 31 ? 8.580   6.466   -7.610  1.00 58.47  ? 107 LYS A CB  1 
ATOM   226  C CG  . LYS A 1 31 ? 9.772   7.402   -7.714  1.00 62.21  ? 107 LYS A CG  1 
ATOM   227  C CD  . LYS A 1 31 ? 9.302   8.801   -8.069  1.00 58.10  ? 107 LYS A CD  1 
ATOM   228  C CE  . LYS A 1 31 ? 10.448  9.794   -8.185  1.00 65.30  ? 107 LYS A CE  1 
ATOM   229  N NZ  . LYS A 1 31 ? 9.935   11.103  -8.686  1.00 67.15  ? 107 LYS A NZ  1 
ATOM   230  N N   . GLU A 1 32 ? 11.036  4.647   -8.807  1.00 54.21  ? 108 GLU A N   1 
ATOM   231  C CA  . GLU A 1 32 ? 11.871  4.287   -9.952  1.00 60.25  ? 108 GLU A CA  1 
ATOM   232  C C   . GLU A 1 32 ? 11.782  2.795   -10.256 1.00 56.85  ? 108 GLU A C   1 
ATOM   233  O O   . GLU A 1 32 ? 12.094  2.362   -11.362 1.00 55.11  ? 108 GLU A O   1 
ATOM   234  C CB  . GLU A 1 32 ? 13.336  4.685   -9.731  1.00 55.07  ? 108 GLU A CB  1 
ATOM   235  C CG  . GLU A 1 32 ? 13.786  4.764   -8.297  1.00 54.50  ? 108 GLU A CG  1 
ATOM   236  C CD  . GLU A 1 32 ? 13.223  5.986   -7.597  1.00 70.42  ? 108 GLU A CD  1 
ATOM   237  O OE1 . GLU A 1 32 ? 13.592  7.127   -7.978  1.00 85.05  ? 108 GLU A OE1 1 
ATOM   238  O OE2 . GLU A 1 32 ? 12.380  5.804   -6.689  1.00 62.80  ? 108 GLU A OE2 1 
ATOM   239  N N   . ASP A 1 33 ? 11.348  2.017   -9.269  1.00 57.34  ? 109 ASP A N   1 
ATOM   240  C CA  . ASP A 1 33 ? 11.191  0.572   -9.419  1.00 53.97  ? 109 ASP A CA  1 
ATOM   241  C C   . ASP A 1 33 ? 9.866   0.203   -10.070 1.00 52.18  ? 109 ASP A C   1 
ATOM   242  O O   . ASP A 1 33 ? 9.511   -0.969  -10.134 1.00 52.15  ? 109 ASP A O   1 
ATOM   243  C CB  . ASP A 1 33 ? 11.276  -0.138  -8.063  1.00 61.87  ? 109 ASP A CB  1 
ATOM   244  C CG  . ASP A 1 33 ? 12.689  -0.260  -7.533  1.00 62.16  ? 109 ASP A CG  1 
ATOM   245  O OD1 . ASP A 1 33 ? 13.651  -0.239  -8.338  1.00 65.28  ? 109 ASP A OD1 1 
ATOM   246  O OD2 . ASP A 1 33 ? 12.818  -0.407  -6.296  1.00 64.71  ? 109 ASP A OD2 1 
ATOM   247  N N   . ILE A 1 34 ? 9.134   1.204   -10.546 1.00 55.53  ? 110 ILE A N   1 
ATOM   248  C CA  . ILE A 1 34 ? 7.847   0.977   -11.173 1.00 44.31  ? 110 ILE A CA  1 
ATOM   249  C C   . ILE A 1 34 ? 7.933   1.177   -12.666 1.00 47.07  ? 110 ILE A C   1 
ATOM   250  O O   . ILE A 1 34 ? 8.589   2.095   -13.131 1.00 52.30  ? 110 ILE A O   1 
ATOM   251  C CB  . ILE A 1 34 ? 6.785   1.921   -10.589 1.00 53.65  ? 110 ILE A CB  1 
ATOM   252  C CG1 . ILE A 1 34 ? 6.769   1.810   -9.063  1.00 50.96  ? 110 ILE A CG1 1 
ATOM   253  C CG2 . ILE A 1 34 ? 5.402   1.633   -11.179 1.00 53.90  ? 110 ILE A CG2 1 
ATOM   254  C CD1 . ILE A 1 34 ? 5.890   2.817   -8.384  1.00 50.38  ? 110 ILE A CD1 1 
ATOM   255  N N   . LYS A 1 35 ? 7.264   0.313   -13.419 1.00 52.78  ? 111 LYS A N   1 
ATOM   256  C CA  . LYS A 1 35 ? 7.143   0.465   -14.862 1.00 50.39  ? 111 LYS A CA  1 
ATOM   257  C C   . LYS A 1 35 ? 5.688   0.450   -15.297 1.00 50.81  ? 111 LYS A C   1 
ATOM   258  O O   . LYS A 1 35 ? 4.943   -0.427  -14.914 1.00 51.89  ? 111 LYS A O   1 
ATOM   259  C CB  . LYS A 1 35 ? 7.896   -0.639  -15.588 1.00 51.36  ? 111 LYS A CB  1 
ATOM   260  C CG  . LYS A 1 35 ? 9.353   -0.772  -15.193 1.00 54.80  ? 111 LYS A CG  1 
ATOM   261  C CD  . LYS A 1 35 ? 10.126  0.511   -15.440 1.00 68.74  ? 111 LYS A CD  1 
ATOM   262  C CE  . LYS A 1 35 ? 11.300  0.636   -14.483 1.00 69.25  ? 111 LYS A CE  1 
ATOM   263  N NZ  . LYS A 1 35 ? 12.090  1.871   -14.728 1.00 76.93  ? 111 LYS A NZ  1 
ATOM   264  N N   . VAL A 1 36 ? 5.293   1.422   -16.103 1.00 53.52  ? 112 VAL A N   1 
ATOM   265  C CA  . VAL A 1 36 ? 3.937   1.478   -16.623 1.00 50.29  ? 112 VAL A CA  1 
ATOM   266  C C   . VAL A 1 36 ? 3.944   1.484   -18.139 1.00 55.10  ? 112 VAL A C   1 
ATOM   267  O O   . VAL A 1 36 ? 4.608   2.296   -18.746 1.00 54.34  ? 112 VAL A O   1 
ATOM   268  C CB  . VAL A 1 36 ? 3.230   2.748   -16.153 1.00 51.35  ? 112 VAL A CB  1 
ATOM   269  C CG1 . VAL A 1 36 ? 1.892   2.879   -16.838 1.00 60.11  ? 112 VAL A CG1 1 
ATOM   270  C CG2 . VAL A 1 36 ? 3.052   2.729   -14.652 1.00 54.78  ? 112 VAL A CG2 1 
ATOM   271  N N   . LYS A 1 37 ? 3.217   0.574   -18.764 1.00 62.70  ? 113 LYS A N   1 
ATOM   272  C CA  . LYS A 1 37 ? 3.190   0.556   -20.217 1.00 65.79  ? 113 LYS A CA  1 
ATOM   273  C C   . LYS A 1 37 ? 1.824   0.210   -20.791 1.00 68.31  ? 113 LYS A C   1 
ATOM   274  O O   . LYS A 1 37 ? 1.009   -0.416  -20.131 1.00 68.40  ? 113 LYS A O   1 
ATOM   275  C CB  . LYS A 1 37 ? 4.278   -0.365  -20.760 1.00 66.12  ? 113 LYS A CB  1 
ATOM   276  C CG  . LYS A 1 37 ? 3.830   -1.281  -21.874 1.00 69.69  ? 113 LYS A CG  1 
ATOM   277  C CD  . LYS A 1 37 ? 4.919   -2.285  -22.201 1.00 73.75  ? 113 LYS A CD  1 
ATOM   278  C CE  . LYS A 1 37 ? 4.586   -3.664  -21.665 1.00 77.12  ? 113 LYS A CE  1 
ATOM   279  N NZ  . LYS A 1 37 ? 5.789   -4.354  -21.133 1.00 76.47  ? 113 LYS A NZ  1 
ATOM   280  N N   . VAL A 1 38 ? 1.578   0.642   -22.021 1.00 67.96  ? 114 VAL A N   1 
ATOM   281  C CA  . VAL A 1 38 ? 0.296   0.440   -22.674 1.00 69.14  ? 114 VAL A CA  1 
ATOM   282  C C   . VAL A 1 38 ? 0.468   -0.410  -23.922 1.00 70.76  ? 114 VAL A C   1 
ATOM   283  O O   . VAL A 1 38 ? 1.386   -0.208  -24.696 1.00 69.58  ? 114 VAL A O   1 
ATOM   284  C CB  . VAL A 1 38 ? -0.387  1.775   -22.996 1.00 68.48  ? 114 VAL A CB  1 
ATOM   285  C CG1 . VAL A 1 38 ? 0.645   2.840   -23.293 1.00 81.89  ? 114 VAL A CG1 1 
ATOM   286  C CG2 . VAL A 1 38 ? -1.355  1.622   -24.145 1.00 66.82  ? 114 VAL A CG2 1 
ATOM   287  N N   . THR A 1 39 ? -0.415  -1.385  -24.083 1.00 71.20  ? 115 THR A N   1 
ATOM   288  C CA  . THR A 1 39 ? -0.251  -2.454  -25.050 1.00 71.70  ? 115 THR A CA  1 
ATOM   289  C C   . THR A 1 39 ? -1.550  -2.836  -25.736 1.00 74.90  ? 115 THR A C   1 
ATOM   290  O O   . THR A 1 39 ? -2.620  -2.446  -25.303 1.00 71.68  ? 115 THR A O   1 
ATOM   291  C CB  . THR A 1 39 ? 0.293   -3.699  -24.363 1.00 74.50  ? 115 THR A CB  1 
ATOM   292  O OG1 . THR A 1 39 ? -0.604  -4.080  -23.320 1.00 75.16  ? 115 THR A OG1 1 
ATOM   293  C CG2 . THR A 1 39 ? 1.630   -3.399  -23.764 1.00 75.16  ? 115 THR A CG2 1 
ATOM   294  N N   . ASN A 1 40 ? -1.452  -3.601  -26.815 1.00 75.86  ? 116 ASN A N   1 
ATOM   295  C CA  . ASN A 1 40 ? -2.639  -4.038  -27.524 1.00 70.32  ? 116 ASN A CA  1 
ATOM   296  C C   . ASN A 1 40 ? -3.482  -2.858  -27.945 1.00 75.42  ? 116 ASN A C   1 
ATOM   297  O O   . ASN A 1 40 ? -4.679  -2.796  -27.687 1.00 75.09  ? 116 ASN A O   1 
ATOM   298  C CB  . ASN A 1 40 ? -3.434  -5.004  -26.666 1.00 75.43  ? 116 ASN A CB  1 
ATOM   299  C CG  . ASN A 1 40 ? -2.590  -6.150  -26.165 1.00 78.87  ? 116 ASN A CG  1 
ATOM   300  O OD1 . ASN A 1 40 ? -3.076  -7.054  -25.497 1.00 77.30  ? 116 ASN A OD1 1 
ATOM   301  N ND2 . ASN A 1 40 ? -1.312  -6.117  -26.489 1.00 75.33  ? 116 ASN A ND2 1 
ATOM   302  N N   . GLY A 1 41 ? -2.815  -1.897  -28.566 1.00 78.68  ? 117 GLY A N   1 
ATOM   303  C CA  . GLY A 1 41 ? -3.428  -0.647  -28.935 1.00 76.95  ? 117 GLY A CA  1 
ATOM   304  C C   . GLY A 1 41 ? -3.948  0.043   -27.697 1.00 86.48  ? 117 GLY A C   1 
ATOM   305  O O   . GLY A 1 41 ? -3.265  0.142   -26.688 1.00 81.27  ? 117 GLY A O   1 
ATOM   306  N N   . GLY A 1 42 ? -5.169  0.533   -27.772 1.00 90.31  ? 118 GLY A N   1 
ATOM   307  C CA  . GLY A 1 42 ? -5.761  1.224   -26.648 1.00 87.95  ? 118 GLY A CA  1 
ATOM   308  C C   . GLY A 1 42 ? -6.031  0.425   -25.401 1.00 80.01  ? 118 GLY A C   1 
ATOM   309  O O   . GLY A 1 42 ? -5.859  0.905   -24.308 1.00 83.77  ? 118 GLY A O   1 
ATOM   310  N N   . LYS A 1 43 ? -6.488  -0.798  -25.582 1.00 81.67  ? 119 LYS A N   1 
ATOM   311  C CA  . LYS A 1 43 ? -7.245  -1.524  -24.580 1.00 78.14  ? 119 LYS A CA  1 
ATOM   312  C C   . LYS A 1 43 ? -6.599  -1.878  -23.239 1.00 72.52  ? 119 LYS A C   1 
ATOM   313  O O   . LYS A 1 43 ? -7.282  -1.876  -22.226 1.00 73.69  ? 119 LYS A O   1 
ATOM   314  C CB  . LYS A 1 43 ? -7.883  -2.761  -25.211 1.00 83.62  ? 119 LYS A CB  1 
ATOM   315  C CG  . LYS A 1 43 ? -9.273  -2.512  -25.769 1.00 80.39  ? 119 LYS A CG  1 
ATOM   316  C CD  . LYS A 1 43 ? -9.251  -2.331  -27.276 0.60 84.82  ? 119 LYS A CD  1 
ATOM   317  C CE  . LYS A 1 43 ? -9.222  -3.669  -27.999 0.60 82.78  ? 119 LYS A CE  1 
ATOM   318  N NZ  . LYS A 1 43 ? -8.595  -3.566  -29.345 0.60 78.98  ? 119 LYS A NZ  1 
ATOM   319  N N   . LYS A 1 44 ? -5.325  -2.234  -23.222 1.00 70.55  ? 120 LYS A N   1 
ATOM   320  C CA  . LYS A 1 44 ? -4.736  -2.793  -22.009 1.00 72.51  ? 120 LYS A CA  1 
ATOM   321  C C   . LYS A 1 44 ? -3.564  -2.027  -21.393 1.00 67.72  ? 120 LYS A C   1 
ATOM   322  O O   . LYS A 1 44 ? -2.658  -1.599  -22.082 1.00 67.13  ? 120 LYS A O   1 
ATOM   323  C CB  . LYS A 1 44 ? -4.379  -4.264  -22.236 1.00 72.12  ? 120 LYS A CB  1 
ATOM   324  C CG  . LYS A 1 44 ? -2.930  -4.635  -21.996 1.00 71.16  ? 120 LYS A CG  1 
ATOM   325  C CD  . LYS A 1 44 ? -2.711  -6.108  -22.284 1.00 77.42  ? 120 LYS A CD  1 
ATOM   326  C CE  . LYS A 1 44 ? -3.993  -6.894  -22.090 1.00 74.08  ? 120 LYS A CE  1 
ATOM   327  N NZ  . LYS A 1 44 ? -3.956  -8.224  -22.752 1.00 73.35  ? 120 LYS A NZ  1 
ATOM   328  N N   . LEU A 1 45 ? -3.602  -1.861  -20.079 1.00 66.44  ? 121 LEU A N   1 
ATOM   329  C CA  . LEU A 1 45 ? -2.537  -1.178  -19.359 1.00 63.20  ? 121 LEU A CA  1 
ATOM   330  C C   . LEU A 1 45 ? -1.766  -2.128  -18.466 1.00 58.26  ? 121 LEU A C   1 
ATOM   331  O O   . LEU A 1 45 ? -2.340  -2.916  -17.744 1.00 59.44  ? 121 LEU A O   1 
ATOM   332  C CB  . LEU A 1 45 ? -3.080  -0.033  -18.520 1.00 59.23  ? 121 LEU A CB  1 
ATOM   333  C CG  . LEU A 1 45 ? -1.979  0.619   -17.694 1.00 57.61  ? 121 LEU A CG  1 
ATOM   334  C CD1 . LEU A 1 45 ? -1.122  1.518   -18.551 1.00 54.51  ? 121 LEU A CD1 1 
ATOM   335  C CD2 . LEU A 1 45 ? -2.537  1.387   -16.522 1.00 57.65  ? 121 LEU A CD2 1 
ATOM   336  N N   . VAL A 1 46 ? -0.453  -2.037  -18.529 1.00 54.07  ? 122 VAL A N   1 
ATOM   337  C CA  . VAL A 1 46 ? 0.420   -2.993  -17.862 1.00 55.03  ? 122 VAL A CA  1 
ATOM   338  C C   . VAL A 1 46 ? 1.346   -2.347  -16.843 1.00 53.52  ? 122 VAL A C   1 
ATOM   339  O O   . VAL A 1 46 ? 2.140   -1.469  -17.178 1.00 52.57  ? 122 VAL A O   1 
ATOM   340  C CB  . VAL A 1 46 ? 1.257   -3.764  -18.892 1.00 59.99  ? 122 VAL A CB  1 
ATOM   341  C CG1 . VAL A 1 46 ? 2.407   -4.499  -18.217 1.00 48.17  ? 122 VAL A CG1 1 
ATOM   342  C CG2 . VAL A 1 46 ? 0.363   -4.727  -19.650 1.00 62.58  ? 122 VAL A CG2 1 
ATOM   343  N N   . ILE A 1 47 ? 1.255   -2.792  -15.595 1.00 50.41  ? 123 ILE A N   1 
ATOM   344  C CA  . ILE A 1 47 ? 2.039   -2.227  -14.499 1.00 52.39  ? 123 ILE A CA  1 
ATOM   345  C C   . ILE A 1 47 ? 2.993   -3.218  -13.839 1.00 51.09  ? 123 ILE A C   1 
ATOM   346  O O   . ILE A 1 47 ? 2.591   -4.283  -13.418 1.00 51.09  ? 123 ILE A O   1 
ATOM   347  C CB  . ILE A 1 47 ? 1.121   -1.684  -13.399 1.00 50.99  ? 123 ILE A CB  1 
ATOM   348  C CG1 . ILE A 1 47 ? 0.291   -0.523  -13.904 1.00 44.96  ? 123 ILE A CG1 1 
ATOM   349  C CG2 . ILE A 1 47 ? 1.931   -1.244  -12.204 1.00 47.80  ? 123 ILE A CG2 1 
ATOM   350  C CD1 . ILE A 1 47 ? -0.979  -0.331  -13.123 1.00 37.54  ? 123 ILE A CD1 1 
ATOM   351  N N   . THR A 1 48 ? 4.259   -2.840  -13.740 1.00 51.92  ? 124 THR A N   1 
ATOM   352  C CA  . THR A 1 48 ? 5.273   -3.673  -13.124 1.00 46.90  ? 124 THR A CA  1 
ATOM   353  C C   . THR A 1 48 ? 5.967   -2.952  -11.990 1.00 49.80  ? 124 THR A C   1 
ATOM   354  O O   . THR A 1 48 ? 6.520   -1.898  -12.200 1.00 55.78  ? 124 THR A O   1 
ATOM   355  C CB  . THR A 1 48 ? 6.369   -3.982  -14.136 1.00 49.96  ? 124 THR A CB  1 
ATOM   356  O OG1 . THR A 1 48 ? 6.022   -5.146  -14.876 1.00 65.75  ? 124 THR A OG1 1 
ATOM   357  C CG2 . THR A 1 48 ? 7.654   -4.225  -13.432 1.00 54.57  ? 124 THR A CG2 1 
ATOM   358  N N   . ALA A 1 49 ? 5.971   -3.532  -10.802 1.00 44.39  ? 125 ALA A N   1 
ATOM   359  C CA  . ALA A 1 49 ? 6.680   -2.946  -9.676  1.00 47.44  ? 125 ALA A CA  1 
ATOM   360  C C   . ALA A 1 49 ? 7.597   -3.942  -9.003  1.00 51.31  ? 125 ALA A C   1 
ATOM   361  O O   . ALA A 1 49 ? 7.178   -5.024  -8.659  1.00 56.80  ? 125 ALA A O   1 
ATOM   362  C CB  . ALA A 1 49 ? 5.694   -2.387  -8.677  1.00 48.00  ? 125 ALA A CB  1 
ATOM   363  N N   . LYS A 1 50 ? 8.858   -3.576  -8.825  1.00 51.57  ? 126 LYS A N   1 
ATOM   364  C CA  . LYS A 1 50 ? 9.846   -4.477  -8.240  1.00 59.68  ? 126 LYS A CA  1 
ATOM   365  C C   . LYS A 1 50 ? 10.657  -3.891  -7.090  1.00 59.42  ? 126 LYS A C   1 
ATOM   366  O O   . LYS A 1 50 ? 11.163  -2.792  -7.169  1.00 65.25  ? 126 LYS A O   1 
ATOM   367  C CB  . LYS A 1 50 ? 10.803  -4.974  -9.316  1.00 59.72  ? 126 LYS A CB  1 
ATOM   368  C CG  . LYS A 1 50 ? 10.754  -6.466  -9.549  1.00 60.92  ? 126 LYS A CG  1 
ATOM   369  C CD  . LYS A 1 50 ? 10.743  -6.768  -11.033 1.00 63.31  ? 126 LYS A CD  1 
ATOM   370  C CE  . LYS A 1 50 ? 9.681   -7.791  -11.374 1.00 70.68  ? 126 LYS A CE  1 
ATOM   371  N NZ  . LYS A 1 50 ? 10.117  -9.159  -10.990 1.00 75.12  ? 126 LYS A NZ  1 
ATOM   372  N N   . SER A 1 51 ? 10.795  -4.655  -6.027  1.00 53.69  ? 127 SER A N   1 
ATOM   373  C CA  . SER A 1 51 ? 11.625  -4.269  -4.909  1.00 61.22  ? 127 SER A CA  1 
ATOM   374  C C   . SER A 1 51 ? 12.013  -5.575  -4.258  1.00 62.05  ? 127 SER A C   1 
ATOM   375  O O   . SER A 1 51 ? 11.416  -6.589  -4.554  1.00 62.98  ? 127 SER A O   1 
ATOM   376  C CB  . SER A 1 51 ? 10.864  -3.359  -3.957  1.00 56.90  ? 127 SER A CB  1 
ATOM   377  O OG  . SER A 1 51 ? 10.604  -4.001  -2.736  1.00 58.27  ? 127 SER A OG  1 
ATOM   378  N N   . GLU A 1 52 ? 13.029  -5.588  -3.414  1.00 56.25  ? 128 GLU A N   1 
ATOM   379  C CA  . GLU A 1 52 ? 13.498  -6.862  -2.909  1.00 63.33  ? 128 GLU A CA  1 
ATOM   380  C C   . GLU A 1 52 ? 12.450  -7.597  -2.110  1.00 66.49  ? 128 GLU A C   1 
ATOM   381  O O   . GLU A 1 52 ? 12.233  -8.781  -2.290  1.00 69.41  ? 128 GLU A O   1 
ATOM   382  C CB  . GLU A 1 52 ? 14.686  -6.633  -1.990  1.00 68.61  ? 128 GLU A CB  1 
ATOM   383  C CG  . GLU A 1 52 ? 16.025  -6.588  -2.686  1.00 73.89  ? 128 GLU A CG  1 
ATOM   384  C CD  . GLU A 1 52 ? 17.162  -6.683  -1.707  1.00 74.72  ? 128 GLU A CD  1 
ATOM   385  O OE1 . GLU A 1 52 ? 17.475  -7.808  -1.284  1.00 81.42  ? 128 GLU A OE1 1 
ATOM   386  O OE2 . GLU A 1 52 ? 17.729  -5.638  -1.354  1.00 77.61  ? 128 GLU A OE2 1 
ATOM   387  N N   . ASP A 1 53 ? 11.806  -6.892  -1.205  1.00 62.23  ? 129 ASP A N   1 
ATOM   388  C CA  . ASP A 1 53 ? 10.758  -7.488  -0.411  1.00 62.95  ? 129 ASP A CA  1 
ATOM   389  C C   . ASP A 1 53 ? 9.487   -7.835  -1.165  1.00 61.00  ? 129 ASP A C   1 
ATOM   390  O O   . ASP A 1 53 ? 8.905   -8.879  -0.937  1.00 64.34  ? 129 ASP A O   1 
ATOM   391  C CB  . ASP A 1 53 ? 10.478  -6.632  0.808   1.00 67.91  ? 129 ASP A CB  1 
ATOM   392  C CG  . ASP A 1 53 ? 11.693  -6.473  1.677   1.00 74.76  ? 129 ASP A CG  1 
ATOM   393  O OD1 . ASP A 1 53 ? 12.085  -7.456  2.322   1.00 75.60  ? 129 ASP A OD1 1 
ATOM   394  O OD2 . ASP A 1 53 ? 12.266  -5.372  1.703   1.00 80.64  ? 129 ASP A OD2 1 
ATOM   395  N N   . ARG A 1 54 ? 9.059   -6.957  -2.060  1.00 57.24  ? 130 ARG A N   1 
ATOM   396  C CA  . ARG A 1 54 ? 7.781   -7.110  -2.736  1.00 57.10  ? 130 ARG A CA  1 
ATOM   397  C C   . ARG A 1 54 ? 7.840   -6.905  -4.239  1.00 56.33  ? 130 ARG A C   1 
ATOM   398  O O   . ARG A 1 54 ? 8.472   -5.982  -4.705  1.00 55.17  ? 130 ARG A O   1 
ATOM   399  C CB  . ARG A 1 54 ? 6.759   -6.171  -2.106  1.00 52.37  ? 130 ARG A CB  1 
ATOM   400  C CG  . ARG A 1 54 ? 6.074   -6.780  -0.904  1.00 56.04  ? 130 ARG A CG  1 
ATOM   401  C CD  . ARG A 1 54 ? 5.454   -5.740  -0.010  1.00 56.33  ? 130 ARG A CD  1 
ATOM   402  N NE  . ARG A 1 54 ? 6.361   -5.335  1.045   1.00 61.61  ? 130 ARG A NE  1 
ATOM   403  C CZ  . ARG A 1 54 ? 6.215   -5.674  2.311   1.00 59.96  ? 130 ARG A CZ  1 
ATOM   404  N NH1 . ARG A 1 54 ? 7.084   -5.267  3.211   1.00 56.50  ? 130 ARG A NH1 1 
ATOM   405  N NH2 . ARG A 1 54 ? 5.199   -6.425  2.672   1.00 65.01  ? 130 ARG A NH2 1 
ATOM   406  N N   . GLN A 1 55 ? 7.183   -7.774  -4.995  1.00 48.19  ? 131 GLN A N   1 
ATOM   407  C CA  . GLN A 1 55 ? 7.102   -7.603  -6.436  1.00 52.33  ? 131 GLN A CA  1 
ATOM   408  C C   . GLN A 1 55 ? 5.669   -7.708  -6.976  1.00 50.98  ? 131 GLN A C   1 
ATOM   409  O O   . GLN A 1 55 ? 4.947   -8.601  -6.596  1.00 50.63  ? 131 GLN A O   1 
ATOM   410  C CB  . GLN A 1 55 ? 8.065   -8.562  -7.147  1.00 52.81  ? 131 GLN A CB  1 
ATOM   411  C CG  . GLN A 1 55 ? 8.174   -9.962  -6.559  1.00 56.35  ? 131 GLN A CG  1 
ATOM   412  C CD  . GLN A 1 55 ? 9.056   -10.041 -5.340  1.00 55.64  ? 131 GLN A CD  1 
ATOM   413  O OE1 . GLN A 1 55 ? 10.173  -9.560  -5.338  1.00 55.93  ? 131 GLN A OE1 1 
ATOM   414  N NE2 . GLN A 1 55 ? 8.550   -10.658 -4.294  1.00 59.21  ? 131 GLN A NE2 1 
ATOM   415  N N   . TYR A 1 56 ? 5.265   -6.783  -7.838  1.00 47.01  ? 132 TYR A N   1 
ATOM   416  C CA  . TYR A 1 56 ? 3.907   -6.774  -8.365  1.00 45.71  ? 132 TYR A CA  1 
ATOM   417  C C   . TYR A 1 56 ? 3.874   -6.730  -9.875  1.00 45.65  ? 132 TYR A C   1 
ATOM   418  O O   . TYR A 1 56 ? 4.704   -6.102  -10.490 1.00 46.13  ? 132 TYR A O   1 
ATOM   419  C CB  . TYR A 1 56 ? 3.119   -5.569  -7.868  1.00 45.21  ? 132 TYR A CB  1 
ATOM   420  C CG  . TYR A 1 56 ? 3.202   -5.246  -6.403  1.00 47.40  ? 132 TYR A CG  1 
ATOM   421  C CD1 . TYR A 1 56 ? 2.149   -5.517  -5.563  1.00 47.35  ? 132 TYR A CD1 1 
ATOM   422  C CD2 . TYR A 1 56 ? 4.305   -4.623  -5.874  1.00 46.60  ? 132 TYR A CD2 1 
ATOM   423  C CE1 . TYR A 1 56 ? 2.208   -5.205  -4.228  1.00 45.84  ? 132 TYR A CE1 1 
ATOM   424  C CE2 . TYR A 1 56 ? 4.368   -4.307  -4.543  1.00 47.84  ? 132 TYR A CE2 1 
ATOM   425  C CZ  . TYR A 1 56 ? 3.315   -4.603  -3.727  1.00 45.87  ? 132 TYR A CZ  1 
ATOM   426  O OH  . TYR A 1 56 ? 3.366   -4.288  -2.397  1.00 48.74  ? 132 TYR A OH  1 
ATOM   427  N N   . TYR A 1 57 ? 2.898   -7.412  -10.453 1.00 47.90  ? 133 TYR A N   1 
ATOM   428  C CA  . TYR A 1 57 ? 2.560   -7.270  -11.854 1.00 49.09  ? 133 TYR A CA  1 
ATOM   429  C C   . TYR A 1 57 ? 1.056   -7.241  -12.000 1.00 46.11  ? 133 TYR A C   1 
ATOM   430  O O   . TYR A 1 57 ? 0.370   -8.047  -11.414 1.00 46.91  ? 133 TYR A O   1 
ATOM   431  C CB  . TYR A 1 57 ? 3.156   -8.414  -12.663 1.00 53.65  ? 133 TYR A CB  1 
ATOM   432  C CG  . TYR A 1 57 ? 2.767   -8.447  -14.113 1.00 56.66  ? 133 TYR A CG  1 
ATOM   433  C CD1 . TYR A 1 57 ? 3.583   -7.901  -15.083 1.00 59.12  ? 133 TYR A CD1 1 
ATOM   434  C CD2 . TYR A 1 57 ? 1.597   -9.044  -14.517 1.00 59.49  ? 133 TYR A CD2 1 
ATOM   435  C CE1 . TYR A 1 57 ? 3.230   -7.940  -16.415 1.00 55.88  ? 133 TYR A CE1 1 
ATOM   436  C CE2 . TYR A 1 57 ? 1.239   -9.082  -15.841 1.00 62.28  ? 133 TYR A CE2 1 
ATOM   437  C CZ  . TYR A 1 57 ? 2.060   -8.530  -16.781 1.00 60.69  ? 133 TYR A CZ  1 
ATOM   438  O OH  . TYR A 1 57 ? 1.690   -8.576  -18.090 1.00 62.46  ? 133 TYR A OH  1 
ATOM   439  N N   . LYS A 1 58 ? 0.540   -6.307  -12.782 1.00 53.91  ? 134 LYS A N   1 
ATOM   440  C CA  . LYS A 1 58 ? -0.880  -6.281  -13.079 1.00 53.55  ? 134 LYS A CA  1 
ATOM   441  C C   . LYS A 1 58 ? -1.125  -5.893  -14.517 1.00 57.85  ? 134 LYS A C   1 
ATOM   442  O O   . LYS A 1 58 ? -0.404  -5.095  -15.074 1.00 56.95  ? 134 LYS A O   1 
ATOM   443  C CB  . LYS A 1 58 ? -1.605  -5.307  -12.165 1.00 52.59  ? 134 LYS A CB  1 
ATOM   444  C CG  . LYS A 1 58 ? -3.072  -5.139  -12.486 1.00 51.30  ? 134 LYS A CG  1 
ATOM   445  C CD  . LYS A 1 58 ? -3.909  -6.201  -11.813 1.00 52.97  ? 134 LYS A CD  1 
ATOM   446  C CE  . LYS A 1 58 ? -5.269  -5.668  -11.420 1.00 50.60  ? 134 LYS A CE  1 
ATOM   447  N NZ  . LYS A 1 58 ? -6.302  -6.725  -11.470 1.00 58.53  ? 134 LYS A NZ  1 
ATOM   448  N N   . GLU A 1 59 ? -2.155  -6.458  -15.119 1.00 58.35  ? 135 GLU A N   1 
ATOM   449  C CA  . GLU A 1 59 ? -2.560  -6.024  -16.435 1.00 59.27  ? 135 GLU A CA  1 
ATOM   450  C C   . GLU A 1 59 ? -4.041  -5.732  -16.434 1.00 62.18  ? 135 GLU A C   1 
ATOM   451  O O   . GLU A 1 59 ? -4.828  -6.485  -15.890 1.00 62.19  ? 135 GLU A O   1 
ATOM   452  C CB  . GLU A 1 59 ? -2.148  -7.025  -17.503 1.00 57.40  ? 135 GLU A CB  1 
ATOM   453  C CG  . GLU A 1 59 ? -3.196  -8.023  -17.927 1.00 65.29  ? 135 GLU A CG  1 
ATOM   454  C CD  . GLU A 1 59 ? -2.624  -9.052  -18.871 1.00 76.55  ? 135 GLU A CD  1 
ATOM   455  O OE1 . GLU A 1 59 ? -3.353  -9.977  -19.263 1.00 80.88  ? 135 GLU A OE1 1 
ATOM   456  O OE2 . GLU A 1 59 ? -1.435  -8.934  -19.213 1.00 67.04  ? 135 GLU A OE2 1 
ATOM   457  N N   . ILE A 1 60 ? -4.406  -4.602  -17.012 1.00 61.26  ? 136 ILE A N   1 
ATOM   458  C CA  . ILE A 1 60 ? -5.769  -4.135  -16.978 1.00 63.69  ? 136 ILE A CA  1 
ATOM   459  C C   . ILE A 1 60 ? -6.319  -3.954  -18.361 1.00 65.88  ? 136 ILE A C   1 
ATOM   460  O O   . ILE A 1 60 ? -5.683  -3.347  -19.203 1.00 67.07  ? 136 ILE A O   1 
ATOM   461  C CB  . ILE A 1 60 ? -5.863  -2.766  -16.314 1.00 61.47  ? 136 ILE A CB  1 
ATOM   462  C CG1 . ILE A 1 60 ? -5.675  -2.884  -14.808 1.00 54.79  ? 136 ILE A CG1 1 
ATOM   463  C CG2 . ILE A 1 60 ? -7.195  -2.133  -16.643 1.00 54.47  ? 136 ILE A CG2 1 
ATOM   464  C CD1 . ILE A 1 60 ? -4.409  -2.234  -14.316 1.00 52.03  ? 136 ILE A CD1 1 
ATOM   465  N N   . ASP A 1 61 ? -7.521  -4.455  -18.586 1.00 65.40  ? 137 ASP A N   1 
ATOM   466  C CA  . ASP A 1 61 ? -8.191  -4.229  -19.840 1.00 67.16  ? 137 ASP A CA  1 
ATOM   467  C C   . ASP A 1 61 ? -8.989  -2.968  -19.667 1.00 67.72  ? 137 ASP A C   1 
ATOM   468  O O   . ASP A 1 61 ? -9.869  -2.896  -18.836 1.00 66.41  ? 137 ASP A O   1 
ATOM   469  C CB  . ASP A 1 61 ? -9.125  -5.387  -20.156 1.00 67.98  ? 137 ASP A CB  1 
ATOM   470  C CG  . ASP A 1 61 ? -8.421  -6.719  -20.140 1.00 78.83  ? 137 ASP A CG  1 
ATOM   471  O OD1 . ASP A 1 61 ? -7.738  -7.046  -21.126 1.00 80.25  ? 137 ASP A OD1 1 
ATOM   472  O OD2 . ASP A 1 61 ? -8.547  -7.445  -19.140 1.00 80.62  ? 137 ASP A OD2 1 
ATOM   473  N N   . LEU A 1 62 ? -8.668  -1.967  -20.463 1.00 65.52  ? 138 LEU A N   1 
ATOM   474  C CA  . LEU A 1 62 ? -9.312  -0.675  -20.386 1.00 66.97  ? 138 LEU A CA  1 
ATOM   475  C C   . LEU A 1 62 ? -10.667 -0.629  -21.064 1.00 72.58  ? 138 LEU A C   1 
ATOM   476  O O   . LEU A 1 62 ? -10.904 -1.326  -22.031 1.00 74.13  ? 138 LEU A O   1 
ATOM   477  C CB  . LEU A 1 62 ? -8.385  0.387   -20.952 1.00 73.73  ? 138 LEU A CB  1 
ATOM   478  C CG  . LEU A 1 62 ? -7.045  0.468   -20.235 1.00 67.13  ? 138 LEU A CG  1 
ATOM   479  C CD1 . LEU A 1 62 ? -6.023  1.196   -21.080 1.00 67.07  ? 138 LEU A CD1 1 
ATOM   480  C CD2 . LEU A 1 62 ? -7.211  1.147   -18.893 1.00 60.75  ? 138 LEU A CD2 1 
ATOM   481  N N   . PRO A 1 63 ? -11.549 0.214   -20.553 1.00 71.98  ? 139 PRO A N   1 
ATOM   482  C CA  . PRO A 1 63 ? -12.873 0.414   -21.135 1.00 79.01  ? 139 PRO A CA  1 
ATOM   483  C C   . PRO A 1 63 ? -12.791 0.988   -22.537 1.00 79.92  ? 139 PRO A C   1 
ATOM   484  O O   . PRO A 1 63 ? -13.634 0.677   -23.356 1.00 87.85  ? 139 PRO A O   1 
ATOM   485  C CB  . PRO A 1 63 ? -13.541 1.403   -20.182 1.00 78.45  ? 139 PRO A CB  1 
ATOM   486  C CG  . PRO A 1 63 ? -12.535 1.721   -19.130 1.00 74.00  ? 139 PRO A CG  1 
ATOM   487  C CD  . PRO A 1 63 ? -11.523 0.629   -19.151 1.00 68.73  ? 139 PRO A CD  1 
ATOM   488  N N   . ALA A 1 64 ? -11.782 1.802   -22.810 1.00 81.49  ? 140 ALA A N   1 
ATOM   489  C CA  . ALA A 1 64 ? -11.617 2.375   -24.136 1.00 84.34  ? 140 ALA A CA  1 
ATOM   490  C C   . ALA A 1 64 ? -10.162 2.438   -24.549 1.00 86.89  ? 140 ALA A C   1 
ATOM   491  O O   . ALA A 1 64 ? -9.282  2.499   -23.712 1.00 85.13  ? 140 ALA A O   1 
ATOM   492  C CB  . ALA A 1 64 ? -12.229 3.758   -24.190 1.00 82.85  ? 140 ALA A CB  1 
ATOM   493  N N   . GLU A 1 65 ? -9.911  2.459   -25.848 1.00 86.56  ? 141 GLU A N   1 
ATOM   494  C CA  . GLU A 1 65 ? -8.549  2.541   -26.334 1.00 85.59  ? 141 GLU A CA  1 
ATOM   495  C C   . GLU A 1 65 ? -7.968  3.853   -25.859 1.00 81.14  ? 141 GLU A C   1 
ATOM   496  O O   . GLU A 1 65 ? -8.674  4.830   -25.735 1.00 78.89  ? 141 GLU A O   1 
ATOM   497  C CB  . GLU A 1 65 ? -8.515  2.464   -27.859 1.00 84.63  ? 141 GLU A CB  1 
ATOM   498  C CG  . GLU A 1 65 ? -9.016  1.152   -28.439 1.00 89.45  ? 141 GLU A CG  1 
ATOM   499  C CD  . GLU A 1 65 ? -8.438  0.862   -29.813 1.00 98.92  ? 141 GLU A CD  1 
ATOM   500  O OE1 . GLU A 1 65 ? -7.873  1.786   -30.433 1.00 96.20  ? 141 GLU A OE1 1 
ATOM   501  O OE2 . GLU A 1 65 ? -8.544  -0.291  -30.281 1.00 94.71  ? 141 GLU A OE2 1 
ATOM   502  N N   . VAL A 1 66 ? -6.683  3.860   -25.548 1.00 81.87  ? 142 VAL A N   1 
ATOM   503  C CA  . VAL A 1 66 ? -6.033  5.058   -25.053 1.00 82.18  ? 142 VAL A CA  1 
ATOM   504  C C   . VAL A 1 66 ? -4.722  5.313   -25.763 1.00 84.10  ? 142 VAL A C   1 
ATOM   505  O O   . VAL A 1 66 ? -4.046  4.379   -26.146 1.00 88.06  ? 142 VAL A O   1 
ATOM   506  C CB  . VAL A 1 66 ? -5.698  4.897   -23.578 1.00 81.31  ? 142 VAL A CB  1 
ATOM   507  C CG1 . VAL A 1 66 ? -4.242  5.259   -23.341 1.00 77.88  ? 142 VAL A CG1 1 
ATOM   508  C CG2 . VAL A 1 66 ? -6.629  5.739   -22.733 1.00 80.25  ? 142 VAL A CG2 1 
ATOM   509  N N   . ASP A 1 67 ? -4.345  6.570   -25.930 1.00 81.25  ? 143 ASP A N   1 
ATOM   510  C CA  . ASP A 1 67 ? -3.051  6.861   -26.519 1.00 84.49  ? 143 ASP A CA  1 
ATOM   511  C C   . ASP A 1 67 ? -1.992  6.414   -25.546 1.00 85.60  ? 143 ASP A C   1 
ATOM   512  O O   . ASP A 1 67 ? -2.093  6.707   -24.369 1.00 91.12  ? 143 ASP A O   1 
ATOM   513  C CB  . ASP A 1 67 ? -2.897  8.353   -26.742 1.00 87.89  ? 143 ASP A CB  1 
ATOM   514  C CG  . ASP A 1 67 ? -4.152  8.989   -27.260 1.00 90.83  ? 143 ASP A CG  1 
ATOM   515  O OD1 . ASP A 1 67 ? -4.451  10.131  -26.870 1.00 89.25  ? 143 ASP A OD1 1 
ATOM   516  O OD2 . ASP A 1 67 ? -4.840  8.343   -28.063 1.00 91.10  ? 143 ASP A OD2 1 
ATOM   517  N N   . GLU A 1 68 ? -0.976  5.700   -26.015 1.00 89.73  ? 144 GLU A N   1 
ATOM   518  C CA  . GLU A 1 68 ? 0.103   5.321   -25.115 1.00 89.95  ? 144 GLU A CA  1 
ATOM   519  C C   . GLU A 1 68 ? 0.924   6.483   -24.620 1.00 90.45  ? 144 GLU A C   1 
ATOM   520  O O   . GLU A 1 68 ? 1.240   6.572   -23.450 1.00 97.23  ? 144 GLU A O   1 
ATOM   521  C CB  . GLU A 1 68 ? 1.035   4.269   -25.717 1.00 90.02  ? 144 GLU A CB  1 
ATOM   522  C CG  . GLU A 1 68 ? 1.065   4.168   -27.228 1.00 94.26  ? 144 GLU A CG  1 
ATOM   523  C CD  . GLU A 1 68 ? 1.844   2.951   -27.683 1.00 95.19  ? 144 GLU A CD  1 
ATOM   524  O OE1 . GLU A 1 68 ? 3.055   2.889   -27.405 1.00 97.61  ? 144 GLU A OE1 1 
ATOM   525  O OE2 . GLU A 1 68 ? 1.248   2.047   -28.300 1.00 95.86  ? 144 GLU A OE2 1 
ATOM   526  N N   . LYS A 1 69 ? 1.262   7.389   -25.515 1.00 92.96  ? 145 LYS A N   1 
ATOM   527  C CA  . LYS A 1 69 ? 2.225   8.416   -25.172 1.00 96.70  ? 145 LYS A CA  1 
ATOM   528  C C   . LYS A 1 69 ? 1.714   9.290   -24.056 1.00 95.15  ? 145 LYS A C   1 
ATOM   529  O O   . LYS A 1 69 ? 2.456   9.656   -23.156 1.00 100.60 ? 145 LYS A O   1 
ATOM   530  C CB  . LYS A 1 69 ? 2.562   9.271   -26.389 1.00 100.72 ? 145 LYS A CB  1 
ATOM   531  N N   . ALA A 1 70 ? 0.439   9.632   -24.119 1.00 96.28  ? 146 ALA A N   1 
ATOM   532  C CA  . ALA A 1 70 ? -0.125  10.528  -23.131 1.00 95.69  ? 146 ALA A CA  1 
ATOM   533  C C   . ALA A 1 70 ? -0.132  9.902   -21.753 1.00 96.45  ? 146 ALA A C   1 
ATOM   534  O O   . ALA A 1 70 ? -0.493  8.748   -21.577 1.00 97.82  ? 146 ALA A O   1 
ATOM   535  C CB  . ALA A 1 70 ? -1.529  10.939  -23.527 1.00 89.10  ? 146 ALA A CB  1 
ATOM   536  N N   . ALA A 1 71 ? 0.254   10.691  -20.769 1.00 91.68  ? 147 ALA A N   1 
ATOM   537  C CA  . ALA A 1 71 ? 0.067   10.307  -19.398 1.00 85.89  ? 147 ALA A CA  1 
ATOM   538  C C   . ALA A 1 71 ? 0.366   11.444  -18.429 1.00 85.94  ? 147 ALA A C   1 
ATOM   539  O O   . ALA A 1 71 ? 1.173   12.323  -18.701 1.00 80.82  ? 147 ALA A O   1 
ATOM   540  C CB  . ALA A 1 71 ? 0.926   9.097   -19.084 1.00 84.91  ? 147 ALA A CB  1 
ATOM   541  N N   . LYS A 1 72 ? -0.309  11.390  -17.295 1.00 84.85  ? 148 LYS A N   1 
ATOM   542  C CA  . LYS A 1 72 ? 0.079   12.059  -16.089 1.00 69.74  ? 148 LYS A CA  1 
ATOM   543  C C   . LYS A 1 72 ? 0.169   10.895  -15.135 1.00 70.29  ? 148 LYS A C   1 
ATOM   544  O O   . LYS A 1 72 ? -0.727  10.068  -15.117 1.00 69.32  ? 148 LYS A O   1 
ATOM   545  C CB  . LYS A 1 72 ? -1.020  13.013  -15.653 1.00 72.12  ? 148 LYS A CB  1 
ATOM   546  C CG  . LYS A 1 72 ? -0.660  13.887  -14.467 1.00 69.16  ? 148 LYS A CG  1 
ATOM   547  N N   . ALA A 1 73 ? 1.256   10.792  -14.382 1.00 67.98  ? 149 ALA A N   1 
ATOM   548  C CA  . ALA A 1 73 ? 1.408   9.715   -13.414 1.00 52.17  ? 149 ALA A CA  1 
ATOM   549  C C   . ALA A 1 73 ? 1.956   10.212  -12.091 1.00 55.80  ? 149 ALA A C   1 
ATOM   550  O O   . ALA A 1 73 ? 2.861   11.013  -12.065 1.00 57.52  ? 149 ALA A O   1 
ATOM   551  C CB  . ALA A 1 73 ? 2.303   8.638   -13.978 1.00 59.73  ? 149 ALA A CB  1 
ATOM   552  N N   . ASN A 1 74 ? 1.411   9.727   -10.989 1.00 52.21  ? 150 ASN A N   1 
ATOM   553  C CA  . ASN A 1 74 ? 1.883   10.158  -9.689  1.00 47.59  ? 150 ASN A CA  1 
ATOM   554  C C   . ASN A 1 74 ? 1.918   9.043   -8.663  1.00 51.98  ? 150 ASN A C   1 
ATOM   555  O O   . ASN A 1 74 ? 1.095   8.156   -8.690  1.00 52.75  ? 150 ASN A O   1 
ATOM   556  C CB  . ASN A 1 74 ? 1.029   11.311  -9.188  1.00 49.97  ? 150 ASN A CB  1 
ATOM   557  C CG  . ASN A 1 74 ? 1.783   12.226  -8.256  1.00 62.13  ? 150 ASN A CG  1 
ATOM   558  O OD1 . ASN A 1 74 ? 2.675   12.954  -8.670  1.00 61.93  ? 150 ASN A OD1 1 
ATOM   559  N ND2 . ASN A 1 74 ? 1.424   12.193  -6.985  1.00 64.04  ? 150 ASN A ND2 1 
ATOM   560  N N   . PHE A 1 75 ? 2.874   9.105   -7.750  1.00 44.85  ? 151 PHE A N   1 
ATOM   561  C CA  . PHE A 1 75 ? 3.030   8.091   -6.726  1.00 43.32  ? 151 PHE A CA  1 
ATOM   562  C C   . PHE A 1 75 ? 2.950   8.753   -5.366  1.00 43.00  ? 151 PHE A C   1 
ATOM   563  O O   . PHE A 1 75 ? 3.600   9.745   -5.140  1.00 50.87  ? 151 PHE A O   1 
ATOM   564  C CB  . PHE A 1 75 ? 4.386   7.422   -6.895  1.00 44.88  ? 151 PHE A CB  1 
ATOM   565  C CG  . PHE A 1 75 ? 4.536   6.137   -6.155  1.00 43.85  ? 151 PHE A CG  1 
ATOM   566  C CD1 . PHE A 1 75 ? 3.516   5.228   -6.109  1.00 45.45  ? 151 PHE A CD1 1 
ATOM   567  C CD2 . PHE A 1 75 ? 5.709   5.838   -5.523  1.00 43.68  ? 151 PHE A CD2 1 
ATOM   568  C CE1 . PHE A 1 75 ? 3.660   4.043   -5.436  1.00 40.55  ? 151 PHE A CE1 1 
ATOM   569  C CE2 . PHE A 1 75 ? 5.862   4.657   -4.850  1.00 40.99  ? 151 PHE A CE2 1 
ATOM   570  C CZ  . PHE A 1 75 ? 4.836   3.758   -4.806  1.00 38.80  ? 151 PHE A CZ  1 
ATOM   571  N N   . LYS A 1 76 ? 2.121   8.244   -4.473  1.00 39.11  ? 152 LYS A N   1 
ATOM   572  C CA  . LYS A 1 76 ? 2.093   8.770   -3.121  1.00 39.58  ? 152 LYS A CA  1 
ATOM   573  C C   . LYS A 1 76 ? 1.886   7.695   -2.085  1.00 45.63  ? 152 LYS A C   1 
ATOM   574  O O   . LYS A 1 76 ? 0.895   7.006   -2.110  1.00 44.59  ? 152 LYS A O   1 
ATOM   575  C CB  . LYS A 1 76 ? 0.984   9.802   -2.988  1.00 41.48  ? 152 LYS A CB  1 
ATOM   576  C CG  . LYS A 1 76 ? 1.065   10.653  -1.744  1.00 43.89  ? 152 LYS A CG  1 
ATOM   577  C CD  . LYS A 1 76 ? 0.124   11.828  -1.837  1.00 37.95  ? 152 LYS A CD  1 
ATOM   578  C CE  . LYS A 1 76 ? -0.019  12.504  -0.494  1.00 47.57  ? 152 LYS A CE  1 
ATOM   579  N NZ  . LYS A 1 76 ? -1.421  12.893  -0.218  1.00 56.87  ? 152 LYS A NZ  1 
ATOM   580  N N   . ASN A 1 77 ? 2.795   7.576   -1.141  1.00 43.52  ? 153 ASN A N   1 
ATOM   581  C CA  . ASN A 1 77 ? 2.571   6.693   -0.021  1.00 43.41  ? 153 ASN A CA  1 
ATOM   582  C C   . ASN A 1 77 ? 2.218   5.279   -0.436  1.00 47.15  ? 153 ASN A C   1 
ATOM   583  O O   . ASN A 1 77 ? 1.380   4.658   0.175   1.00 41.84  ? 153 ASN A O   1 
ATOM   584  C CB  . ASN A 1 77 ? 1.492   7.253   0.886   1.00 42.76  ? 153 ASN A CB  1 
ATOM   585  C CG  . ASN A 1 77 ? 1.990   8.379   1.751   1.00 48.96  ? 153 ASN A CG  1 
ATOM   586  O OD1 . ASN A 1 77 ? 3.017   8.265   2.390   1.00 53.60  ? 153 ASN A OD1 1 
ATOM   587  N ND2 . ASN A 1 77 ? 1.264   9.470   1.773   1.00 42.70  ? 153 ASN A ND2 1 
ATOM   588  N N   . GLY A 1 78 ? 2.877   4.766   -1.459  1.00 48.54  ? 154 GLY A N   1 
ATOM   589  C CA  . GLY A 1 78 ? 2.629   3.424   -1.937  1.00 40.52  ? 154 GLY A CA  1 
ATOM   590  C C   . GLY A 1 78 ? 1.484   3.268   -2.907  1.00 40.81  ? 154 GLY A C   1 
ATOM   591  O O   . GLY A 1 78 ? 1.151   2.169   -3.285  1.00 42.88  ? 154 GLY A O   1 
ATOM   592  N N   . VAL A 1 79 ? 0.875   4.365   -3.317  1.00 42.09  ? 155 VAL A N   1 
ATOM   593  C CA  . VAL A 1 79 ? -0.245  4.280   -4.236  1.00 40.95  ? 155 VAL A CA  1 
ATOM   594  C C   . VAL A 1 79 ? 0.036   4.936   -5.568  1.00 41.50  ? 155 VAL A C   1 
ATOM   595  O O   . VAL A 1 79 ? 0.474   6.058   -5.629  1.00 37.87  ? 155 VAL A O   1 
ATOM   596  C CB  . VAL A 1 79 ? -1.516  4.880   -3.641  1.00 38.51  ? 155 VAL A CB  1 
ATOM   597  C CG1 . VAL A 1 79 ? -2.555  5.075   -4.720  1.00 36.46  ? 155 VAL A CG1 1 
ATOM   598  C CG2 . VAL A 1 79 ? -2.057  3.975   -2.561  1.00 40.50  ? 155 VAL A CG2 1 
ATOM   599  N N   . LEU A 1 80 ? -0.232  4.218   -6.642  1.00 41.65  ? 156 LEU A N   1 
ATOM   600  C CA  . LEU A 1 80 ? 0.062   4.740   -7.950  1.00 42.05  ? 156 LEU A CA  1 
ATOM   601  C C   . LEU A 1 80 ? -1.207  5.132   -8.665  1.00 48.25  ? 156 LEU A C   1 
ATOM   602  O O   . LEU A 1 80 ? -2.132  4.360   -8.784  1.00 45.96  ? 156 LEU A O   1 
ATOM   603  C CB  . LEU A 1 80 ? 0.851   3.727   -8.764  1.00 41.74  ? 156 LEU A CB  1 
ATOM   604  C CG  . LEU A 1 80 ? 1.329   4.168   -10.139 1.00 46.58  ? 156 LEU A CG  1 
ATOM   605  C CD1 . LEU A 1 80 ? 2.697   4.806   -10.063 1.00 49.03  ? 156 LEU A CD1 1 
ATOM   606  C CD2 . LEU A 1 80 ? 1.370   2.976   -11.067 1.00 54.00  ? 156 LEU A CD2 1 
ATOM   607  N N   . GLU A 1 81 ? -1.229  6.370   -9.120  1.00 51.95  ? 157 GLU A N   1 
ATOM   608  C CA  . GLU A 1 81 ? -2.344  6.923   -9.835  1.00 50.18  ? 157 GLU A CA  1 
ATOM   609  C C   . GLU A 1 81 ? -1.827  7.362   -11.176 1.00 55.45  ? 157 GLU A C   1 
ATOM   610  O O   . GLU A 1 81 ? -0.896  8.137   -11.255 1.00 57.43  ? 157 GLU A O   1 
ATOM   611  C CB  . GLU A 1 81 ? -2.848  8.139   -9.087  1.00 44.82  ? 157 GLU A CB  1 
ATOM   612  C CG  . GLU A 1 81 ? -4.340  8.355   -9.140  1.00 61.69  ? 157 GLU A CG  1 
ATOM   613  C CD  . GLU A 1 81 ? -4.773  9.538   -8.311  1.00 70.26  ? 157 GLU A CD  1 
ATOM   614  O OE1 . GLU A 1 81 ? -4.561  10.674  -8.751  1.00 78.61  ? 157 GLU A OE1 1 
ATOM   615  O OE2 . GLU A 1 81 ? -5.321  9.335   -7.217  1.00 66.48  ? 157 GLU A OE2 1 
ATOM   616  N N   . ILE A 1 82 ? -2.429  6.869   -12.241 1.00 52.03  ? 158 ILE A N   1 
ATOM   617  C CA  . ILE A 1 82 ? -2.026  7.273   -13.565 1.00 55.70  ? 158 ILE A CA  1 
ATOM   618  C C   . ILE A 1 82 ? -3.232  7.706   -14.364 1.00 58.80  ? 158 ILE A C   1 
ATOM   619  O O   . ILE A 1 82 ? -4.284  7.110   -14.275 1.00 54.81  ? 158 ILE A O   1 
ATOM   620  C CB  . ILE A 1 82 ? -1.304  6.146   -14.295 1.00 57.05  ? 158 ILE A CB  1 
ATOM   621  C CG1 . ILE A 1 82 ? -1.958  5.900   -15.635 1.00 61.28  ? 158 ILE A CG1 1 
ATOM   622  C CG2 . ILE A 1 82 ? -1.311  4.880   -13.466 1.00 59.01  ? 158 ILE A CG2 1 
ATOM   623  C CD1 . ILE A 1 82 ? -0.998  6.054   -16.785 1.00 69.95  ? 158 ILE A CD1 1 
ATOM   624  N N   . THR A 1 83 ? -3.070  8.760   -15.145 1.00 63.87  ? 159 THR A N   1 
ATOM   625  C CA  . THR A 1 83 ? -4.172  9.302   -15.909 1.00 67.98  ? 159 THR A CA  1 
ATOM   626  C C   . THR A 1 83 ? -3.946  9.094   -17.388 1.00 68.56  ? 159 THR A C   1 
ATOM   627  O O   . THR A 1 83 ? -2.896  9.426   -17.913 1.00 69.60  ? 159 THR A O   1 
ATOM   628  C CB  . THR A 1 83 ? -4.356  10.795  -15.626 1.00 69.37  ? 159 THR A CB  1 
ATOM   629  O OG1 . THR A 1 83 ? -3.370  11.227  -14.686 1.00 68.44  ? 159 THR A OG1 1 
ATOM   630  C CG2 . THR A 1 83 ? -5.718  11.040  -15.045 1.00 66.01  ? 159 THR A CG2 1 
ATOM   631  N N   . LEU A 1 84 ? -4.950  8.548   -18.055 1.00 65.81  ? 160 LEU A N   1 
ATOM   632  C CA  . LEU A 1 84 ? -4.825  8.161   -19.444 1.00 69.07  ? 160 LEU A CA  1 
ATOM   633  C C   . LEU A 1 84 ? -5.802  8.922   -20.298 1.00 72.01  ? 160 LEU A C   1 
ATOM   634  O O   . LEU A 1 84 ? -6.883  9.268   -19.849 1.00 72.70  ? 160 LEU A O   1 
ATOM   635  C CB  . LEU A 1 84 ? -5.105  6.678   -19.600 1.00 64.29  ? 160 LEU A CB  1 
ATOM   636  C CG  . LEU A 1 84 ? -4.307  5.712   -18.744 1.00 67.74  ? 160 LEU A CG  1 
ATOM   637  C CD1 . LEU A 1 84 ? -4.950  4.344   -18.812 1.00 68.08  ? 160 LEU A CD1 1 
ATOM   638  C CD2 . LEU A 1 84 ? -2.873  5.647   -19.222 1.00 56.90  ? 160 LEU A CD2 1 
ATOM   639  N N   . LYS A 1 85 ? -5.413  9.170   -21.543 1.00 77.38  ? 161 LYS A N   1 
ATOM   640  C CA  . LYS A 1 85 ? -6.260  9.889   -22.485 1.00 78.85  ? 161 LYS A CA  1 
ATOM   641  C C   . LYS A 1 85 ? -6.881  8.951   -23.500 1.00 73.15  ? 161 LYS A C   1 
ATOM   642  O O   . LYS A 1 85 ? -6.214  8.088   -24.047 1.00 75.54  ? 161 LYS A O   1 
ATOM   643  C CB  . LYS A 1 85 ? -5.463  10.969  -23.210 1.00 79.10  ? 161 LYS A CB  1 
ATOM   644  N N   . LYS A 1 86 ? -8.170  9.131   -23.740 1.00 76.24  ? 162 LYS A N   1 
ATOM   645  C CA  . LYS A 1 86 ? -8.891  8.319   -24.696 1.00 82.47  ? 162 LYS A CA  1 
ATOM   646  C C   . LYS A 1 86 ? -8.426  8.671   -26.088 1.00 86.57  ? 162 LYS A C   1 
ATOM   647  O O   . LYS A 1 86 ? -7.971  9.779   -26.326 1.00 85.38  ? 162 LYS A O   1 
ATOM   648  C CB  . LYS A 1 86 ? -10.389 8.556   -24.582 1.00 83.59  ? 162 LYS A CB  1 
ATOM   649  C CG  . LYS A 1 86 ? -11.105 7.622   -23.627 1.00 78.37  ? 162 LYS A CG  1 
ATOM   650  C CD  . LYS A 1 86 ? -12.459 8.188   -23.234 1.00 84.00  ? 162 LYS A CD  1 
ATOM   651  C CE  . LYS A 1 86 ? -13.327 7.145   -22.552 1.00 78.25  ? 162 LYS A CE  1 
ATOM   652  N NZ  . LYS A 1 86 ? -14.560 6.858   -23.327 1.00 72.59  ? 162 LYS A NZ  1 
ATOM   653  N N   . LYS A 1 87 ? -8.513  7.718   -27.005 1.00 90.09  ? 163 LYS A N   1 
ATOM   654  C CA  . LYS A 1 87 ? -8.120  7.984   -28.377 1.00 93.24  ? 163 LYS A CA  1 
ATOM   655  C C   . LYS A 1 87 ? -9.054  9.011   -28.988 1.00 96.15  ? 163 LYS A C   1 
ATOM   656  O O   . LYS A 1 87 ? -10.268 8.921   -28.854 1.00 93.47  ? 163 LYS A O   1 
ATOM   657  C CB  . LYS A 1 87 ? -8.139  6.701   -29.200 1.00 92.00  ? 163 LYS A CB  1 
ATOM   658  N N   . ALA A 1 88 ? -8.478  9.978   -29.686 1.00 98.90  ? 164 ALA A N   1 
ATOM   659  C CA  . ALA A 1 88 ? -9.250  11.072  -30.245 1.00 99.07  ? 164 ALA A CA  1 
ATOM   660  C C   . ALA A 1 88 ? -10.462 10.565  -31.018 1.00 101.24 ? 164 ALA A C   1 
ATOM   661  O O   . ALA A 1 88 ? -11.597 10.696  -30.562 1.00 98.75  ? 164 ALA A O   1 
ATOM   662  C CB  . ALA A 1 88 ? -8.366  11.936  -31.126 1.00 91.57  ? 164 ALA A CB  1 
ATOM   663  N N   . PRO B 1 1  ? -15.149 14.321  3.711   1.00 73.72  ? 77  PRO B N   1 
ATOM   664  C CA  . PRO B 1 1  ? -16.549 13.961  3.481   1.00 76.84  ? 77  PRO B CA  1 
ATOM   665  C C   . PRO B 1 1  ? -17.053 13.029  4.562   1.00 73.54  ? 77  PRO B C   1 
ATOM   666  O O   . PRO B 1 1  ? -16.266 12.503  5.334   1.00 73.46  ? 77  PRO B O   1 
ATOM   667  C CB  . PRO B 1 1  ? -16.503 13.230  2.143   1.00 72.03  ? 77  PRO B CB  1 
ATOM   668  N N   . MET B 1 2  ? -18.363 12.859  4.624   1.00 66.01  ? 78  MET B N   1 
ATOM   669  C CA  . MET B 1 2  ? -18.995 12.040  5.640   1.00 61.40  ? 78  MET B CA  1 
ATOM   670  C C   . MET B 1 2  ? -18.662 10.558  5.586   1.00 63.10  ? 78  MET B C   1 
ATOM   671  O O   . MET B 1 2  ? -18.449 9.933   6.609   1.00 61.64  ? 78  MET B O   1 
ATOM   672  C CB  . MET B 1 2  ? -20.504 12.231  5.572   1.00 62.82  ? 78  MET B CB  1 
ATOM   673  C CG  . MET B 1 2  ? -21.275 11.394  6.560   1.00 59.15  ? 78  MET B CG  1 
ATOM   674  S SD  . MET B 1 2  ? -22.935 12.014  6.711   1.00 62.09  ? 78  MET B SD  1 
ATOM   675  C CE  . MET B 1 2  ? -22.685 13.715  6.260   1.00 57.42  ? 78  MET B CE  1 
ATOM   676  N N   . ILE B 1 3  ? -18.619 10.000  4.387   1.00 62.96  ? 79  ILE B N   1 
ATOM   677  C CA  . ILE B 1 3  ? -18.513 8.562   4.209   1.00 58.19  ? 79  ILE B CA  1 
ATOM   678  C C   . ILE B 1 3  ? -17.098 8.102   3.930   1.00 56.71  ? 79  ILE B C   1 
ATOM   679  O O   . ILE B 1 3  ? -16.377 8.731   3.184   1.00 64.55  ? 79  ILE B O   1 
ATOM   680  C CB  . ILE B 1 3  ? -19.407 8.086   3.068   1.00 59.47  ? 79  ILE B CB  1 
ATOM   681  C CG1 . ILE B 1 3  ? -20.817 8.631   3.254   1.00 65.02  ? 79  ILE B CG1 1 
ATOM   682  C CG2 . ILE B 1 3  ? -19.436 6.576   3.021   1.00 59.77  ? 79  ILE B CG2 1 
ATOM   683  C CD1 . ILE B 1 3  ? -21.896 7.769   2.650   1.00 61.95  ? 79  ILE B CD1 1 
ATOM   684  N N   . SER B 1 4  ? -16.699 7.009   4.559   1.00 57.51  ? 80  SER B N   1 
ATOM   685  C CA  . SER B 1 4  ? -15.361 6.487   4.401   1.00 53.10  ? 80  SER B CA  1 
ATOM   686  C C   . SER B 1 4  ? -15.383 4.978   4.343   1.00 54.42  ? 80  SER B C   1 
ATOM   687  O O   . SER B 1 4  ? -16.348 4.357   4.737   1.00 54.01  ? 80  SER B O   1 
ATOM   688  C CB  . SER B 1 4  ? -14.475 6.965   5.540   1.00 54.11  ? 80  SER B CB  1 
ATOM   689  O OG  . SER B 1 4  ? -14.916 6.464   6.779   1.00 54.66  ? 80  SER B OG  1 
ATOM   690  N N   . GLU B 1 5  ? -14.319 4.393   3.815   1.00 60.20  ? 81  GLU B N   1 
ATOM   691  C CA  . GLU B 1 5  ? -14.164 2.950   3.791   1.00 58.06  ? 81  GLU B CA  1 
ATOM   692  C C   . GLU B 1 5  ? -13.044 2.572   4.737   1.00 53.97  ? 81  GLU B C   1 
ATOM   693  O O   . GLU B 1 5  ? -11.995 3.165   4.705   1.00 58.73  ? 81  GLU B O   1 
ATOM   694  C CB  . GLU B 1 5  ? -13.845 2.474   2.374   1.00 57.25  ? 81  GLU B CB  1 
ATOM   695  C CG  . GLU B 1 5  ? -13.574 0.986   2.241   1.00 62.40  ? 81  GLU B CG  1 
ATOM   696  C CD  . GLU B 1 5  ? -13.056 0.593   0.869   1.00 65.43  ? 81  GLU B CD  1 
ATOM   697  O OE1 . GLU B 1 5  ? -12.619 1.471   0.110   1.00 65.81  ? 81  GLU B OE1 1 
ATOM   698  O OE2 . GLU B 1 5  ? -13.088 -0.604  0.545   1.00 61.06  ? 81  GLU B OE2 1 
ATOM   699  N N   . GLU B 1 6  ? -13.278 1.589   5.588   1.00 50.30  ? 82  GLU B N   1 
ATOM   700  C CA  . GLU B 1 6  ? -12.289 1.146   6.554   1.00 50.29  ? 82  GLU B CA  1 
ATOM   701  C C   . GLU B 1 6  ? -11.863 -0.254  6.195   1.00 52.20  ? 82  GLU B C   1 
ATOM   702  O O   . GLU B 1 6  ? -12.677 -1.144  6.062   1.00 53.77  ? 82  GLU B O   1 
ATOM   703  C CB  . GLU B 1 6  ? -12.870 1.162   7.967   1.00 52.72  ? 82  GLU B CB  1 
ATOM   704  C CG  . GLU B 1 6  ? -11.847 1.058   9.081   1.00 45.59  ? 82  GLU B CG  1 
ATOM   705  C CD  . GLU B 1 6  ? -12.464 1.023   10.463  1.00 55.16  ? 82  GLU B CD  1 
ATOM   706  O OE1 . GLU B 1 6  ? -13.290 0.149   10.738  1.00 58.57  ? 82  GLU B OE1 1 
ATOM   707  O OE2 . GLU B 1 6  ? -12.115 1.864   11.293  1.00 55.29  ? 82  GLU B OE2 1 
ATOM   708  N N   . ARG B 1 7  ? -10.569 -0.454  6.061   1.00 45.07  ? 83  ARG B N   1 
ATOM   709  C CA  . ARG B 1 7  ? -10.059 -1.704  5.576   1.00 41.58  ? 83  ARG B CA  1 
ATOM   710  C C   . ARG B 1 7  ? -9.221  -2.298  6.651   1.00 47.48  ? 83  ARG B C   1 
ATOM   711  O O   . ARG B 1 7  ? -8.752  -1.597  7.518   1.00 52.62  ? 83  ARG B O   1 
ATOM   712  C CB  . ARG B 1 7  ? -9.182  -1.473  4.366   1.00 41.38  ? 83  ARG B CB  1 
ATOM   713  C CG  . ARG B 1 7  ? -9.792  -0.596  3.303   1.00 51.10  ? 83  ARG B CG  1 
ATOM   714  C CD  . ARG B 1 7  ? -9.597  -1.237  1.950   1.00 56.47  ? 83  ARG B CD  1 
ATOM   715  N NE  . ARG B 1 7  ? -9.338  -0.274  0.896   1.00 56.03  ? 83  ARG B NE  1 
ATOM   716  C CZ  . ARG B 1 7  ? -8.151  -0.073  0.358   1.00 55.07  ? 83  ARG B CZ  1 
ATOM   717  N NH1 . ARG B 1 7  ? -7.108  -0.751  0.783   1.00 55.43  ? 83  ARG B NH1 1 
ATOM   718  N NH2 . ARG B 1 7  ? -8.006  0.811   -0.601  1.00 57.91  ? 83  ARG B NH2 1 
ATOM   719  N N   . GLU B 1 8  ? -9.049  -3.606  6.607   1.00 46.41  ? 84  GLU B N   1 
ATOM   720  C CA  . GLU B 1 8  ? -8.116  -4.238  7.499   1.00 48.50  ? 84  GLU B CA  1 
ATOM   721  C C   . GLU B 1 8  ? -6.873  -4.519  6.697   1.00 50.90  ? 84  GLU B C   1 
ATOM   722  O O   . GLU B 1 8  ? -6.897  -5.274  5.747   1.00 52.56  ? 84  GLU B O   1 
ATOM   723  C CB  . GLU B 1 8  ? -8.686  -5.531  8.039   1.00 48.68  ? 84  GLU B CB  1 
ATOM   724  C CG  . GLU B 1 8  ? -7.706  -6.291  8.895   1.00 50.55  ? 84  GLU B CG  1 
ATOM   725  C CD  . GLU B 1 8  ? -8.268  -7.591  9.382   1.00 49.77  ? 84  GLU B CD  1 
ATOM   726  O OE1 . GLU B 1 8  ? -9.474  -7.792  9.238   1.00 53.83  ? 84  GLU B OE1 1 
ATOM   727  O OE2 . GLU B 1 8  ? -7.505  -8.405  9.908   1.00 51.83  ? 84  GLU B OE2 1 
ATOM   728  N N   . PRO B 1 9  ? -5.781  -3.899  7.096   1.00 52.08  ? 85  PRO B N   1 
ATOM   729  C CA  . PRO B 1 9  ? -4.529  -3.963  6.359   1.00 48.43  ? 85  PRO B CA  1 
ATOM   730  C C   . PRO B 1 9  ? -3.835  -5.296  6.491   1.00 56.28  ? 85  PRO B C   1 
ATOM   731  O O   . PRO B 1 9  ? -4.092  -6.025  7.436   1.00 57.04  ? 85  PRO B O   1 
ATOM   732  C CB  . PRO B 1 9  ? -3.689  -2.877  7.023   1.00 45.55  ? 85  PRO B CB  1 
ATOM   733  C CG  . PRO B 1 9  ? -4.285  -2.700  8.357   1.00 49.56  ? 85  PRO B CG  1 
ATOM   734  C CD  . PRO B 1 9  ? -5.741  -2.872  8.136   1.00 50.19  ? 85  PRO B CD  1 
ATOM   735  N N   . LEU B 1 10 ? -2.969  -5.607  5.538   1.00 51.71  ? 86  LEU B N   1 
ATOM   736  C CA  . LEU B 1 10 ? -2.153  -6.794  5.634   1.00 51.50  ? 86  LEU B CA  1 
ATOM   737  C C   . LEU B 1 10 ? -1.034  -6.546  6.611   1.00 49.19  ? 86  LEU B C   1 
ATOM   738  O O   . LEU B 1 10 ? -0.296  -5.591  6.480   1.00 53.62  ? 86  LEU B O   1 
ATOM   739  C CB  . LEU B 1 10 ? -1.563  -7.135  4.275   1.00 49.48  ? 86  LEU B CB  1 
ATOM   740  C CG  . LEU B 1 10 ? -2.537  -7.617  3.207   1.00 53.84  ? 86  LEU B CG  1 
ATOM   741  C CD1 . LEU B 1 10 ? -1.803  -7.888  1.914   1.00 60.28  ? 86  LEU B CD1 1 
ATOM   742  C CD2 . LEU B 1 10 ? -3.274  -8.860  3.653   1.00 45.75  ? 86  LEU B CD2 1 
ATOM   743  N N   . ALA B 1 11 ? -0.897  -7.433  7.580   1.00 50.10  ? 87  ALA B N   1 
ATOM   744  C CA  . ALA B 1 11 ? 0.128   -7.303  8.594   1.00 55.14  ? 87  ALA B CA  1 
ATOM   745  C C   . ALA B 1 11 ? 0.783   -8.638  8.902   1.00 61.23  ? 87  ALA B C   1 
ATOM   746  O O   . ALA B 1 11 ? 0.161   -9.680  8.807   1.00 61.75  ? 87  ALA B O   1 
ATOM   747  C CB  . ALA B 1 11 ? -0.460  -6.707  9.855   1.00 57.50  ? 87  ALA B CB  1 
ATOM   748  N N   . ASP B 1 12 ? 2.044   -8.594  9.296   1.00 64.97  ? 88  ASP B N   1 
ATOM   749  C CA  . ASP B 1 12 ? 2.758   -9.798  9.664   1.00 68.65  ? 88  ASP B CA  1 
ATOM   750  C C   . ASP B 1 12 ? 3.558   -9.592  10.943  1.00 65.76  ? 88  ASP B C   1 
ATOM   751  O O   . ASP B 1 12 ? 3.872   -8.476  11.308  1.00 57.38  ? 88  ASP B O   1 
ATOM   752  C CB  . ASP B 1 12 ? 3.666   -10.253 8.524   1.00 70.50  ? 88  ASP B CB  1 
ATOM   753  C CG  . ASP B 1 12 ? 3.363   -11.661 8.069   1.00 85.31  ? 88  ASP B CG  1 
ATOM   754  O OD1 . ASP B 1 12 ? 3.125   -11.862 6.864   1.00 85.60  ? 88  ASP B OD1 1 
ATOM   755  O OD2 . ASP B 1 12 ? 3.355   -12.569 8.917   1.00 83.93  ? 88  ASP B OD2 1 
ATOM   756  N N   . VAL B 1 13 ? 3.823   -10.681 11.647  1.00 73.81  ? 89  VAL B N   1 
ATOM   757  C CA  . VAL B 1 13 ? 4.578   -10.630 12.886  1.00 70.41  ? 89  VAL B CA  1 
ATOM   758  C C   . VAL B 1 13 ? 5.827   -11.488 12.819  1.00 72.28  ? 89  VAL B C   1 
ATOM   759  O O   . VAL B 1 13 ? 5.792   -12.632 12.391  1.00 72.23  ? 89  VAL B O   1 
ATOM   760  C CB  . VAL B 1 13 ? 3.741   -11.104 14.074  1.00 63.36  ? 89  VAL B CB  1 
ATOM   761  C CG1 . VAL B 1 13 ? 4.351   -10.613 15.364  1.00 70.60  ? 89  VAL B CG1 1 
ATOM   762  C CG2 . VAL B 1 13 ? 2.317   -10.618 13.945  1.00 59.18  ? 89  VAL B CG2 1 
ATOM   763  N N   . ILE B 1 14 ? 6.940   -10.913 13.234  1.00 77.52  ? 90  ILE B N   1 
ATOM   764  C CA  . ILE B 1 14 ? 8.176   -11.646 13.335  1.00 77.84  ? 90  ILE B CA  1 
ATOM   765  C C   . ILE B 1 14 ? 8.545   -11.697 14.796  1.00 81.70  ? 90  ILE B C   1 
ATOM   766  O O   . ILE B 1 14 ? 8.831   -10.672 15.395  1.00 79.74  ? 90  ILE B O   1 
ATOM   767  C CB  . ILE B 1 14 ? 9.287   -10.885 12.616  1.00 74.65  ? 90  ILE B CB  1 
ATOM   768  C CG1 . ILE B 1 14 ? 9.129   -11.013 11.106  1.00 77.18  ? 90  ILE B CG1 1 
ATOM   769  C CG2 . ILE B 1 14 ? 10.642  -11.373 13.074  1.00 79.07  ? 90  ILE B CG2 1 
ATOM   770  C CD1 . ILE B 1 14 ? 8.865   -9.700  10.410  1.00 70.23  ? 90  ILE B CD1 1 
ATOM   771  N N   . GLU B 1 15 ? 8.545   -12.887 15.378  1.00 87.29  ? 91  GLU B N   1 
ATOM   772  C CA  . GLU B 1 15 ? 8.954   -13.024 16.767  1.00 89.58  ? 91  GLU B CA  1 
ATOM   773  C C   . GLU B 1 15 ? 10.429  -13.314 16.960  1.00 91.99  ? 91  GLU B C   1 
ATOM   774  O O   . GLU B 1 15 ? 10.772  -14.363 17.476  1.00 98.11  ? 91  GLU B O   1 
ATOM   775  C CB  . GLU B 1 15 ? 8.146   -14.105 17.472  1.00 88.29  ? 91  GLU B CB  1 
ATOM   776  C CG  . GLU B 1 15 ? 8.828   -14.627 18.721  1.00 89.87  ? 91  GLU B CG  1 
ATOM   777  C CD  . GLU B 1 15 ? 7.853   -15.228 19.709  1.00 94.69  ? 91  GLU B CD  1 
ATOM   778  O OE1 . GLU B 1 15 ? 7.867   -14.812 20.882  1.00 90.85  ? 91  GLU B OE1 1 
ATOM   779  O OE2 . GLU B 1 15 ? 7.075   -16.117 19.314  1.00 92.71  ? 91  GLU B OE2 1 
ATOM   780  N N   . LYS B 1 16 ? 11.304  -12.380 16.618  1.00 86.80  ? 92  LYS B N   1 
ATOM   781  C CA  . LYS B 1 16 ? 12.697  -12.560 16.959  1.00 85.97  ? 92  LYS B CA  1 
ATOM   782  C C   . LYS B 1 16 ? 12.571  -12.578 18.455  1.00 95.63  ? 92  LYS B C   1 
ATOM   783  O O   . LYS B 1 16 ? 11.649  -11.973 18.981  1.00 96.00  ? 92  LYS B O   1 
ATOM   784  C CB  . LYS B 1 16 ? 13.530  -11.372 16.512  1.00 84.28  ? 92  LYS B CB  1 
ATOM   785  N N   . GLY B 1 17 ? 13.406  -13.326 19.158  1.00 90.86  ? 93  GLY B N   1 
ATOM   786  C CA  . GLY B 1 17 ? 13.131  -13.487 20.568  1.00 86.67  ? 93  GLY B CA  1 
ATOM   787  C C   . GLY B 1 17 ? 13.167  -12.186 21.344  1.00 94.38  ? 93  GLY B C   1 
ATOM   788  O O   . GLY B 1 17 ? 12.253  -11.892 22.110  1.00 96.71  ? 93  GLY B O   1 
ATOM   789  N N   . ASP B 1 18 ? 14.194  -11.379 21.118  1.00 89.86  ? 94  ASP B N   1 
ATOM   790  C CA  . ASP B 1 18 ? 14.301  -10.097 21.796  1.00 90.01  ? 94  ASP B CA  1 
ATOM   791  C C   . ASP B 1 18 ? 13.216  -9.109  21.390  1.00 89.15  ? 94  ASP B C   1 
ATOM   792  O O   . ASP B 1 18 ? 12.700  -8.333  22.196  1.00 85.40  ? 94  ASP B O   1 
ATOM   793  C CB  . ASP B 1 18 ? 15.673  -9.477  21.585  1.00 83.26  ? 94  ASP B CB  1 
ATOM   794  C CG  . ASP B 1 18 ? 15.842  -8.203  22.362  0.60 80.27  ? 94  ASP B CG  1 
ATOM   795  O OD1 . ASP B 1 18 ? 14.814  -7.641  22.775  0.60 84.99  ? 94  ASP B OD1 1 
ATOM   796  O OD2 . ASP B 1 18 ? 16.986  -7.764  22.568  0.60 79.95  ? 94  ASP B OD2 1 
ATOM   797  N N   . GLU B 1 19 ? 12.892  -9.119  20.115  1.00 88.14  ? 95  GLU B N   1 
ATOM   798  C CA  . GLU B 1 19 ? 12.071  -8.073  19.590  1.00 81.70  ? 95  GLU B CA  1 
ATOM   799  C C   . GLU B 1 19 ? 10.851  -8.642  18.948  1.00 80.79  ? 95  GLU B C   1 
ATOM   800  O O   . GLU B 1 19 ? 10.812  -9.797  18.568  1.00 87.89  ? 95  GLU B O   1 
ATOM   801  C CB  . GLU B 1 19 ? 12.870  -7.230  18.611  1.00 72.52  ? 95  GLU B CB  1 
ATOM   802  C CG  . GLU B 1 19 ? 13.897  -6.368  19.313  1.00 73.22  ? 95  GLU B CG  1 
ATOM   803  C CD  . GLU B 1 19 ? 14.560  -5.391  18.386  1.00 76.84  ? 95  GLU B CD  1 
ATOM   804  O OE1 . GLU B 1 19 ? 15.380  -4.591  18.857  1.00 82.42  ? 95  GLU B OE1 1 
ATOM   805  O OE2 . GLU B 1 19 ? 14.255  -5.423  17.188  1.00 80.74  ? 95  GLU B OE2 1 
ATOM   806  N N   . ILE B 1 20 ? 9.824   -7.825  18.888  1.00 76.84  ? 96  ILE B N   1 
ATOM   807  C CA  . ILE B 1 20 ? 8.625   -8.169  18.160  1.00 77.00  ? 96  ILE B CA  1 
ATOM   808  C C   . ILE B 1 20 ? 8.499   -7.155  17.049  1.00 75.12  ? 96  ILE B C   1 
ATOM   809  O O   . ILE B 1 20 ? 8.503   -5.964  17.293  1.00 73.03  ? 96  ILE B O   1 
ATOM   810  C CB  . ILE B 1 20 ? 7.382   -8.111  19.043  1.00 73.85  ? 96  ILE B CB  1 
ATOM   811  C CG1 . ILE B 1 20 ? 7.362   -9.300  19.990  1.00 76.04  ? 96  ILE B CG1 1 
ATOM   812  C CG2 . ILE B 1 20 ? 6.134   -8.109  18.189  1.00 66.20  ? 96  ILE B CG2 1 
ATOM   813  C CD1 . ILE B 1 20 ? 6.076   -10.085 19.941  1.00 80.04  ? 96  ILE B CD1 1 
ATOM   814  N N   . LYS B 1 21 ? 8.419   -7.625  15.815  1.00 76.66  ? 97  LYS B N   1 
ATOM   815  C CA  . LYS B 1 21 ? 8.376   -6.739  14.662  1.00 72.67  ? 97  LYS B CA  1 
ATOM   816  C C   . LYS B 1 21 ? 7.039   -6.913  13.985  1.00 71.95  ? 97  LYS B C   1 
ATOM   817  O O   . LYS B 1 21 ? 6.637   -8.023  13.679  1.00 69.73  ? 97  LYS B O   1 
ATOM   818  C CB  . LYS B 1 21 ? 9.508   -7.083  13.686  1.00 74.76  ? 97  LYS B CB  1 
ATOM   819  C CG  . LYS B 1 21 ? 9.872   -6.016  12.658  1.00 71.24  ? 97  LYS B CG  1 
ATOM   820  C CD  . LYS B 1 21 ? 11.227  -6.301  12.009  1.00 76.47  ? 97  LYS B CD  1 
ATOM   821  C CE  . LYS B 1 21 ? 11.287  -5.903  10.534  1.00 76.60  ? 97  LYS B CE  1 
ATOM   822  N NZ  . LYS B 1 21 ? 12.395  -6.532  9.770   1.00 69.55  ? 97  LYS B NZ  1 
ATOM   823  N N   . VAL B 1 22 ? 6.346   -5.806  13.765  1.00 68.99  ? 98  VAL B N   1 
ATOM   824  C CA  . VAL B 1 22 ? 5.068   -5.832  13.103  1.00 61.56  ? 98  VAL B CA  1 
ATOM   825  C C   . VAL B 1 22 ? 5.213   -5.035  11.849  1.00 50.19  ? 98  VAL B C   1 
ATOM   826  O O   . VAL B 1 22 ? 5.743   -3.947  11.858  1.00 55.51  ? 98  VAL B O   1 
ATOM   827  C CB  . VAL B 1 22 ? 3.968   -5.230  13.978  1.00 60.88  ? 98  VAL B CB  1 
ATOM   828  C CG1 . VAL B 1 22 ? 2.716   -4.999  13.166  1.00 51.25  ? 98  VAL B CG1 1 
ATOM   829  C CG2 . VAL B 1 22 ? 3.672   -6.158  15.130  1.00 61.11  ? 98  VAL B CG2 1 
ATOM   830  N N   . VAL B 1 23 ? 4.762   -5.598  10.754  1.00 52.10  ? 99  VAL B N   1 
ATOM   831  C CA  . VAL B 1 23 ? 4.836   -4.903  9.494   1.00 57.83  ? 99  VAL B CA  1 
ATOM   832  C C   . VAL B 1 23 ? 3.458   -4.864  8.860   1.00 51.13  ? 99  VAL B C   1 
ATOM   833  O O   . VAL B 1 23 ? 2.829   -5.887  8.689   1.00 52.73  ? 99  VAL B O   1 
ATOM   834  C CB  . VAL B 1 23 ? 5.834   -5.598  8.561   1.00 57.28  ? 99  VAL B CB  1 
ATOM   835  C CG1 . VAL B 1 23 ? 5.418   -5.441  7.114   1.00 57.97  ? 99  VAL B CG1 1 
ATOM   836  C CG2 . VAL B 1 23 ? 7.228   -5.053  8.784   1.00 58.99  ? 99  VAL B CG2 1 
ATOM   837  N N   . ALA B 1 24 ? 2.995   -3.681  8.499   1.00 46.04  ? 100 ALA B N   1 
ATOM   838  C CA  . ALA B 1 24 ? 1.680   -3.556  7.917   1.00 42.16  ? 100 ALA B CA  1 
ATOM   839  C C   . ALA B 1 24 ? 1.744   -2.765  6.660   1.00 43.75  ? 100 ALA B C   1 
ATOM   840  O O   . ALA B 1 24 ? 2.518   -1.844  6.556   1.00 46.61  ? 100 ALA B O   1 
ATOM   841  C CB  . ALA B 1 24 ? 0.716   -2.917  8.905   1.00 47.07  ? 100 ALA B CB  1 
ATOM   842  N N   . GLU B 1 25 ? 0.905   -3.119  5.707   1.00 44.03  ? 101 GLU B N   1 
ATOM   843  C CA  . GLU B 1 25 ? 0.810   -2.355  4.496   1.00 48.67  ? 101 GLU B CA  1 
ATOM   844  C C   . GLU B 1 25 ? -0.383  -1.456  4.635   1.00 46.01  ? 101 GLU B C   1 
ATOM   845  O O   . GLU B 1 25 ? -1.501  -1.913  4.698   1.00 42.94  ? 101 GLU B O   1 
ATOM   846  C CB  . GLU B 1 25 ? 0.639   -3.287  3.309   1.00 43.65  ? 101 GLU B CB  1 
ATOM   847  C CG  . GLU B 1 25 ? 1.770   -4.282  3.175   1.00 47.85  ? 101 GLU B CG  1 
ATOM   848  C CD  . GLU B 1 25 ? 1.592   -5.213  2.011   1.00 52.91  ? 101 GLU B CD  1 
ATOM   849  O OE1 . GLU B 1 25 ? 0.481   -5.274  1.486   1.00 55.58  ? 101 GLU B OE1 1 
ATOM   850  O OE2 . GLU B 1 25 ? 2.560   -5.876  1.622   1.00 45.79  ? 101 GLU B OE2 1 
ATOM   851  N N   . VAL B 1 26 ? -0.116  -0.162  4.686   1.00 42.89  ? 102 VAL B N   1 
ATOM   852  C CA  . VAL B 1 26 ? -1.137  0.843   4.804   1.00 42.24  ? 102 VAL B CA  1 
ATOM   853  C C   . VAL B 1 26 ? -0.862  1.902   3.785   1.00 39.93  ? 102 VAL B C   1 
ATOM   854  O O   . VAL B 1 26 ? -0.534  3.011   4.117   1.00 43.69  ? 102 VAL B O   1 
ATOM   855  C CB  . VAL B 1 26 ? -1.107  1.528   6.171   1.00 40.52  ? 102 VAL B CB  1 
ATOM   856  C CG1 . VAL B 1 26 ? -1.975  0.785   7.151   1.00 43.36  ? 102 VAL B CG1 1 
ATOM   857  C CG2 . VAL B 1 26 ? 0.302   1.607   6.701   1.00 44.10  ? 102 VAL B CG2 1 
ATOM   858  N N   . PRO B 1 27 ? -1.028  1.566   2.531   1.00 41.67  ? 103 PRO B N   1 
ATOM   859  C CA  . PRO B 1 27 ? -0.822  2.540   1.478   1.00 39.98  ? 103 PRO B CA  1 
ATOM   860  C C   . PRO B 1 27 ? -1.924  3.572   1.533   1.00 41.32  ? 103 PRO B C   1 
ATOM   861  O O   . PRO B 1 27 ? -3.007  3.271   2.000   1.00 40.00  ? 103 PRO B O   1 
ATOM   862  C CB  . PRO B 1 27 ? -0.925  1.706   0.211   1.00 40.34  ? 103 PRO B CB  1 
ATOM   863  C CG  . PRO B 1 27 ? -1.525  0.420   0.624   1.00 39.59  ? 103 PRO B CG  1 
ATOM   864  C CD  . PRO B 1 27 ? -1.065  0.204   2.008   1.00 36.97  ? 103 PRO B CD  1 
ATOM   865  N N   . GLY B 1 28 ? -1.641  4.772   1.058   1.00 37.37  ? 104 GLY B N   1 
ATOM   866  C CA  . GLY B 1 28 ? -2.629  5.818   1.020   1.00 36.89  ? 104 GLY B CA  1 
ATOM   867  C C   . GLY B 1 28 ? -2.784  6.671   2.247   1.00 41.52  ? 104 GLY B C   1 
ATOM   868  O O   . GLY B 1 28 ? -3.726  7.422   2.341   1.00 51.29  ? 104 GLY B O   1 
ATOM   869  N N   . VAL B 1 29 ? -1.881  6.554   3.200   1.00 43.11  ? 105 VAL B N   1 
ATOM   870  C CA  . VAL B 1 29 ? -1.901  7.451   4.333   1.00 46.51  ? 105 VAL B CA  1 
ATOM   871  C C   . VAL B 1 29 ? -0.530  8.018   4.578   1.00 45.46  ? 105 VAL B C   1 
ATOM   872  O O   . VAL B 1 29 ? 0.453   7.378   4.287   1.00 46.40  ? 105 VAL B O   1 
ATOM   873  C CB  . VAL B 1 29 ? -2.352  6.748   5.617   1.00 46.43  ? 105 VAL B CB  1 
ATOM   874  C CG1 . VAL B 1 29 ? -3.805  6.356   5.529   1.00 47.60  ? 105 VAL B CG1 1 
ATOM   875  C CG2 . VAL B 1 29 ? -1.477  5.551   5.905   1.00 45.23  ? 105 VAL B CG2 1 
ATOM   876  N N   . ASN B 1 30 ? -0.468  9.226   5.104   1.00 42.32  ? 106 ASN B N   1 
ATOM   877  C CA  . ASN B 1 30 ? 0.772   9.813   5.569   1.00 45.66  ? 106 ASN B CA  1 
ATOM   878  C C   . ASN B 1 30 ? 1.154   9.220   6.908   1.00 46.61  ? 106 ASN B C   1 
ATOM   879  O O   . ASN B 1 30 ? 0.329   8.652   7.577   1.00 50.25  ? 106 ASN B O   1 
ATOM   880  C CB  . ASN B 1 30 ? 0.643   11.327  5.680   1.00 46.47  ? 106 ASN B CB  1 
ATOM   881  C CG  . ASN B 1 30 ? 0.564   12.007  4.337   1.00 43.99  ? 106 ASN B CG  1 
ATOM   882  O OD1 . ASN B 1 30 ? 1.508   11.990  3.572   1.00 51.63  ? 106 ASN B OD1 1 
ATOM   883  N ND2 . ASN B 1 30 ? -0.564  12.613  4.053   1.00 39.57  ? 106 ASN B ND2 1 
ATOM   884  N N   . LYS B 1 31 ? 2.411   9.353   7.292   1.00 49.00  ? 107 LYS B N   1 
ATOM   885  C CA  . LYS B 1 31 ? 2.902   8.828   8.559   1.00 48.98  ? 107 LYS B CA  1 
ATOM   886  C C   . LYS B 1 31 ? 2.206   9.468   9.746   1.00 50.98  ? 107 LYS B C   1 
ATOM   887  O O   . LYS B 1 31 ? 1.920   8.821   10.737  1.00 48.80  ? 107 LYS B O   1 
ATOM   888  C CB  . LYS B 1 31 ? 4.398   9.080   8.671   1.00 45.95  ? 107 LYS B CB  1 
ATOM   889  C CG  . LYS B 1 31 ? 5.096   8.215   9.692   1.00 52.03  ? 107 LYS B CG  1 
ATOM   890  C CD  . LYS B 1 31 ? 6.214   8.973   10.370  1.00 52.85  ? 107 LYS B CD  1 
ATOM   891  C CE  . LYS B 1 31 ? 7.044   8.048   11.230  1.00 49.37  ? 107 LYS B CE  1 
ATOM   892  N NZ  . LYS B 1 31 ? 8.115   7.405   10.432  1.00 60.89  ? 107 LYS B NZ  1 
ATOM   893  N N   . GLU B 1 32 ? 1.953   10.759  9.637   1.00 56.68  ? 108 GLU B N   1 
ATOM   894  C CA  . GLU B 1 32 ? 1.313   11.521  10.688  1.00 54.37  ? 108 GLU B CA  1 
ATOM   895  C C   . GLU B 1 32 ? -0.077  10.995  10.923  1.00 51.52  ? 108 GLU B C   1 
ATOM   896  O O   . GLU B 1 32 ? -0.626  11.130  11.999  1.00 55.54  ? 108 GLU B O   1 
ATOM   897  C CB  . GLU B 1 32 ? 1.254   12.995  10.319  1.00 57.48  ? 108 GLU B CB  1 
ATOM   898  C CG  . GLU B 1 32 ? 1.322   13.271  8.832   1.00 67.23  ? 108 GLU B CG  1 
ATOM   899  C CD  . GLU B 1 32 ? 0.761   14.632  8.472   1.00 82.24  ? 108 GLU B CD  1 
ATOM   900  O OE1 . GLU B 1 32 ? -0.023  15.184  9.270   1.00 82.58  ? 108 GLU B OE1 1 
ATOM   901  O OE2 . GLU B 1 32 ? 1.103   15.148  7.392   1.00 81.57  ? 108 GLU B OE2 1 
ATOM   902  N N   . ASP B 1 33 ? -0.654  10.433  9.883   1.00 50.66  ? 109 ASP B N   1 
ATOM   903  C CA  . ASP B 1 33 ? -2.009  9.931   9.912   1.00 47.59  ? 109 ASP B CA  1 
ATOM   904  C C   . ASP B 1 33 ? -2.183  8.664   10.742  1.00 49.41  ? 109 ASP B C   1 
ATOM   905  O O   . ASP B 1 33 ? -3.291  8.252   11.010  1.00 47.07  ? 109 ASP B O   1 
ATOM   906  C CB  . ASP B 1 33 ? -2.504  9.722   8.490   1.00 46.04  ? 109 ASP B CB  1 
ATOM   907  C CG  . ASP B 1 33 ? -2.744  11.020  7.767   1.00 49.06  ? 109 ASP B CG  1 
ATOM   908  O OD1 . ASP B 1 33 ? -2.725  12.071  8.415   1.00 57.76  ? 109 ASP B OD1 1 
ATOM   909  O OD2 . ASP B 1 33 ? -2.970  11.003  6.555   1.00 43.55  ? 109 ASP B OD2 1 
ATOM   910  N N   . ILE B 1 34 ? -1.081  8.036   11.115  1.00 50.70  ? 110 ILE B N   1 
ATOM   911  C CA  . ILE B 1 34 ? -1.099  6.740   11.774  1.00 48.05  ? 110 ILE B CA  1 
ATOM   912  C C   . ILE B 1 34 ? -0.946  6.768   13.286  1.00 49.32  ? 110 ILE B C   1 
ATOM   913  O O   . ILE B 1 34 ? -0.090  7.444   13.808  1.00 50.72  ? 110 ILE B O   1 
ATOM   914  C CB  . ILE B 1 34 ? 0.043   5.868   11.254  1.00 48.02  ? 110 ILE B CB  1 
ATOM   915  C CG1 . ILE B 1 34 ? 0.083   5.891   9.739   1.00 44.02  ? 110 ILE B CG1 1 
ATOM   916  C CG2 . ILE B 1 34 ? -0.093  4.452   11.773  1.00 51.55  ? 110 ILE B CG2 1 
ATOM   917  C CD1 . ILE B 1 34 ? 1.284   5.181   9.176   1.00 45.52  ? 110 ILE B CD1 1 
ATOM   918  N N   . LYS B 1 35 ? -1.783  6.018   13.984  1.00 47.80  ? 111 LYS B N   1 
ATOM   919  C CA  . LYS B 1 35 ? -1.634  5.859   15.419  1.00 48.67  ? 111 LYS B CA  1 
ATOM   920  C C   . LYS B 1 35 ? -1.572  4.403   15.846  1.00 52.53  ? 111 LYS B C   1 
ATOM   921  O O   . LYS B 1 35 ? -2.397  3.607   15.458  1.00 55.53  ? 111 LYS B O   1 
ATOM   922  C CB  . LYS B 1 35 ? -2.761  6.570   16.155  1.00 43.22  ? 111 LYS B CB  1 
ATOM   923  C CG  . LYS B 1 35 ? -3.097  7.934   15.595  1.00 51.11  ? 111 LYS B CG  1 
ATOM   924  N N   . VAL B 1 36 ? -0.610  4.080   16.694  1.00 49.86  ? 112 VAL B N   1 
ATOM   925  C CA  . VAL B 1 36 ? -0.479  2.741   17.226  1.00 51.38  ? 112 VAL B CA  1 
ATOM   926  C C   . VAL B 1 36 ? -0.573  2.763   18.740  1.00 58.22  ? 112 VAL B C   1 
ATOM   927  O O   . VAL B 1 36 ? 0.097   3.545   19.379  1.00 59.43  ? 112 VAL B O   1 
ATOM   928  C CB  . VAL B 1 36 ? 0.885   2.164   16.841  1.00 53.72  ? 112 VAL B CB  1 
ATOM   929  C CG1 . VAL B 1 36 ? 0.777   0.696   16.513  1.00 51.06  ? 112 VAL B CG1 1 
ATOM   930  C CG2 . VAL B 1 36 ? 1.442   2.914   15.654  1.00 52.65  ? 112 VAL B CG2 1 
ATOM   931  N N   . LYS B 1 37 ? -1.409  1.919   19.323  1.00 51.84  ? 113 LYS B N   1 
ATOM   932  C CA  . LYS B 1 37 ? -1.402  1.772   20.765  1.00 51.36  ? 113 LYS B CA  1 
ATOM   933  C C   . LYS B 1 37 ? -1.312  0.337   21.217  1.00 55.96  ? 113 LYS B C   1 
ATOM   934  O O   . LYS B 1 37 ? -2.038  -0.509  20.746  1.00 59.97  ? 113 LYS B O   1 
ATOM   935  C CB  . LYS B 1 37 ? -2.614  2.430   21.405  1.00 53.34  ? 113 LYS B CB  1 
ATOM   936  C CG  . LYS B 1 37 ? -3.837  2.508   20.532  1.00 50.40  ? 113 LYS B CG  1 
ATOM   937  C CD  . LYS B 1 37 ? -4.984  3.101   21.315  1.00 45.08  ? 113 LYS B CD  1 
ATOM   938  C CE  . LYS B 1 37 ? -6.310  2.724   20.702  1.00 51.48  ? 113 LYS B CE  1 
ATOM   939  N NZ  . LYS B 1 37 ? -7.093  1.867   21.616  1.00 57.37  ? 113 LYS B NZ  1 
ATOM   940  N N   . VAL B 1 38 ? -0.409  0.067   22.141  1.00 55.24  ? 114 VAL B N   1 
ATOM   941  C CA  . VAL B 1 38 ? -0.354  -1.228  22.780  1.00 59.21  ? 114 VAL B CA  1 
ATOM   942  C C   . VAL B 1 38 ? -1.384  -1.310  23.896  1.00 57.96  ? 114 VAL B C   1 
ATOM   943  O O   . VAL B 1 38 ? -1.568  -0.377  24.643  1.00 62.11  ? 114 VAL B O   1 
ATOM   944  C CB  . VAL B 1 38 ? 1.027   -1.497  23.349  1.00 59.08  ? 114 VAL B CB  1 
ATOM   945  C CG1 . VAL B 1 38 ? 2.002   -0.465  22.832  1.00 53.85  ? 114 VAL B CG1 1 
ATOM   946  C CG2 . VAL B 1 38 ? 0.966   -1.480  24.858  1.00 63.35  ? 114 VAL B CG2 1 
ATOM   947  N N   . THR B 1 39 ? -2.050  -2.443  24.000  1.00 54.64  ? 115 THR B N   1 
ATOM   948  C CA  . THR B 1 39 ? -3.140  -2.607  24.936  1.00 61.70  ? 115 THR B CA  1 
ATOM   949  C C   . THR B 1 39 ? -3.092  -3.972  25.588  1.00 66.70  ? 115 THR B C   1 
ATOM   950  O O   . THR B 1 39 ? -2.318  -4.820  25.195  1.00 73.03  ? 115 THR B O   1 
ATOM   951  C CB  . THR B 1 39 ? -4.497  -2.377  24.271  1.00 66.98  ? 115 THR B CB  1 
ATOM   952  O OG1 . THR B 1 39 ? -4.794  -3.460  23.391  1.00 70.39  ? 115 THR B OG1 1 
ATOM   953  C CG2 . THR B 1 39 ? -4.456  -1.119  23.477  1.00 63.69  ? 115 THR B CG2 1 
ATOM   954  N N   . ASN B 1 40 ? -3.887  -4.162  26.625  1.00 69.10  ? 116 ASN B N   1 
ATOM   955  C CA  . ASN B 1 40 ? -3.889  -5.417  27.337  1.00 74.21  ? 116 ASN B CA  1 
ATOM   956  C C   . ASN B 1 40 ? -2.532  -5.772  27.879  1.00 69.84  ? 116 ASN B C   1 
ATOM   957  O O   . ASN B 1 40 ? -2.105  -6.904  27.795  1.00 72.01  ? 116 ASN B O   1 
ATOM   958  C CB  . ASN B 1 40 ? -4.397  -6.530  26.447  1.00 67.22  ? 116 ASN B CB  1 
ATOM   959  C CG  . ASN B 1 40 ? -5.864  -6.399  26.160  1.00 71.09  ? 116 ASN B CG  1 
ATOM   960  O OD1 . ASN B 1 40 ? -6.363  -5.302  25.981  1.00 74.77  ? 116 ASN B OD1 1 
ATOM   961  N ND2 . ASN B 1 40 ? -6.562  -7.516  26.119  1.00 77.62  ? 116 ASN B ND2 1 
ATOM   962  N N   . GLY B 1 41 ? -1.852  -4.790  28.437  1.00 63.36  ? 117 GLY B N   1 
ATOM   963  C CA  . GLY B 1 41 ? -0.610  -5.043  29.124  1.00 73.25  ? 117 GLY B CA  1 
ATOM   964  C C   . GLY B 1 41 ? 0.511   -5.320  28.162  1.00 78.53  ? 117 GLY B C   1 
ATOM   965  O O   . GLY B 1 41 ? 1.547   -5.842  28.542  1.00 81.70  ? 117 GLY B O   1 
ATOM   966  N N   . GLY B 1 42 ? 0.312   -4.942  26.913  1.00 73.23  ? 118 GLY B N   1 
ATOM   967  C CA  . GLY B 1 42 ? 1.288   -5.238  25.893  1.00 73.25  ? 118 GLY B CA  1 
ATOM   968  C C   . GLY B 1 42 ? 1.013   -6.577  25.269  1.00 71.71  ? 118 GLY B C   1 
ATOM   969  O O   . GLY B 1 42 ? 1.794   -7.065  24.483  1.00 78.88  ? 118 GLY B O   1 
ATOM   970  N N   . LYS B 1 43 ? -0.094  -7.188  25.650  1.00 67.78  ? 119 LYS B N   1 
ATOM   971  C CA  . LYS B 1 43 ? -0.578  -8.371  24.973  1.00 68.62  ? 119 LYS B CA  1 
ATOM   972  C C   . LYS B 1 43 ? -0.996  -8.089  23.532  1.00 70.42  ? 119 LYS B C   1 
ATOM   973  O O   . LYS B 1 43 ? -0.706  -8.860  22.633  1.00 68.07  ? 119 LYS B O   1 
ATOM   974  C CB  . LYS B 1 43 ? -1.742  -8.974  25.744  1.00 70.37  ? 119 LYS B CB  1 
ATOM   975  N N   . LYS B 1 44 ? -1.644  -6.947  23.326  1.00 69.68  ? 120 LYS B N   1 
ATOM   976  C CA  . LYS B 1 44 ? -2.335  -6.624  22.084  1.00 65.45  ? 120 LYS B CA  1 
ATOM   977  C C   . LYS B 1 44 ? -1.818  -5.349  21.418  1.00 62.58  ? 120 LYS B C   1 
ATOM   978  O O   . LYS B 1 44 ? -1.280  -4.489  22.083  1.00 61.73  ? 120 LYS B O   1 
ATOM   979  C CB  . LYS B 1 44 ? -3.816  -6.449  22.388  0.80 64.92  ? 120 LYS B CB  1 
ATOM   980  C CG  . LYS B 1 44 ? -4.742  -7.415  21.682  0.80 68.27  ? 120 LYS B CG  1 
ATOM   981  C CD  . LYS B 1 44 ? -5.864  -6.665  20.983  0.80 68.58  ? 120 LYS B CD  1 
ATOM   982  C CE  . LYS B 1 44 ? -7.055  -7.567  20.724  0.60 67.38  ? 120 LYS B CE  1 
ATOM   983  N NZ  . LYS B 1 44 ? -7.261  -8.531  21.840  0.60 76.45  ? 120 LYS B NZ  1 
ATOM   984  N N   . LEU B 1 45 ? -1.974  -5.238  20.101  1.00 60.25  ? 121 LEU B N   1 
ATOM   985  C CA  . LEU B 1 45 ? -1.599  -4.031  19.377  1.00 52.53  ? 121 LEU B CA  1 
ATOM   986  C C   . LEU B 1 45 ? -2.737  -3.504  18.519  1.00 55.13  ? 121 LEU B C   1 
ATOM   987  O O   . LEU B 1 45 ? -3.458  -4.273  17.918  1.00 56.26  ? 121 LEU B O   1 
ATOM   988  C CB  . LEU B 1 45 ? -0.406  -4.315  18.484  1.00 52.40  ? 121 LEU B CB  1 
ATOM   989  C CG  . LEU B 1 45 ? 0.331   -3.075  18.026  1.00 50.08  ? 121 LEU B CG  1 
ATOM   990  C CD1 . LEU B 1 45 ? 1.118   -2.529  19.190  1.00 62.24  ? 121 LEU B CD1 1 
ATOM   991  C CD2 . LEU B 1 45 ? 1.260   -3.402  16.879  1.00 56.69  ? 121 LEU B CD2 1 
ATOM   992  N N   . VAL B 1 46 ? -2.899  -2.187  18.475  1.00 55.35  ? 122 VAL B N   1 
ATOM   993  C CA  . VAL B 1 46 ? -3.938  -1.559  17.670  1.00 51.89  ? 122 VAL B CA  1 
ATOM   994  C C   . VAL B 1 46 ? -3.378  -0.533  16.700  1.00 50.47  ? 122 VAL B C   1 
ATOM   995  O O   . VAL B 1 46 ? -2.587  0.296   17.083  1.00 50.80  ? 122 VAL B O   1 
ATOM   996  C CB  . VAL B 1 46 ? -4.970  -0.855  18.557  1.00 53.63  ? 122 VAL B CB  1 
ATOM   997  C CG1 . VAL B 1 46 ? -6.228  -0.554  17.772  1.00 46.72  ? 122 VAL B CG1 1 
ATOM   998  C CG2 . VAL B 1 46 ? -5.289  -1.700  19.765  1.00 49.12  ? 122 VAL B CG2 1 
ATOM   999  N N   . ILE B 1 47 ? -3.794  -0.592  15.445  1.00 46.45  ? 123 ILE B N   1 
ATOM   1000 C CA  . ILE B 1 47 ? -3.361  0.385   14.467  1.00 42.41  ? 123 ILE B CA  1 
ATOM   1001 C C   . ILE B 1 47 ? -4.542  1.106   13.862  1.00 46.36  ? 123 ILE B C   1 
ATOM   1002 O O   . ILE B 1 47 ? -5.461  0.494   13.366  1.00 46.17  ? 123 ILE B O   1 
ATOM   1003 C CB  . ILE B 1 47 ? -2.581  -0.271  13.326  1.00 48.85  ? 123 ILE B CB  1 
ATOM   1004 C CG1 . ILE B 1 47 ? -1.448  -1.116  13.878  1.00 44.89  ? 123 ILE B CG1 1 
ATOM   1005 C CG2 . ILE B 1 47 ? -2.024  0.776   12.391  1.00 42.05  ? 123 ILE B CG2 1 
ATOM   1006 C CD1 . ILE B 1 47 ? -1.018  -2.222  12.951  1.00 50.35  ? 123 ILE B CD1 1 
ATOM   1007 N N   . THR B 1 48 ? -4.507  2.426   13.895  1.00 46.94  ? 124 THR B N   1 
ATOM   1008 C CA  . THR B 1 48 ? -5.530  3.219   13.257  1.00 44.38  ? 124 THR B CA  1 
ATOM   1009 C C   . THR B 1 48 ? -4.894  4.197   12.302  1.00 47.24  ? 124 THR B C   1 
ATOM   1010 O O   . THR B 1 48 ? -3.981  4.891   12.672  1.00 56.55  ? 124 THR B O   1 
ATOM   1011 C CB  . THR B 1 48 ? -6.315  4.001   14.304  1.00 46.83  ? 124 THR B CB  1 
ATOM   1012 O OG1 . THR B 1 48 ? -6.515  3.177   15.444  1.00 42.30  ? 124 THR B OG1 1 
ATOM   1013 C CG2 . THR B 1 48 ? -7.646  4.384   13.773  1.00 52.18  ? 124 THR B CG2 1 
ATOM   1014 N N   . ALA B 1 49 ? -5.360  4.248   11.068  1.00 46.00  ? 125 ALA B N   1 
ATOM   1015 C CA  . ALA B 1 49 ? -4.903  5.277   10.147  1.00 48.17  ? 125 ALA B CA  1 
ATOM   1016 C C   . ALA B 1 49 ? -6.056  5.936   9.417   1.00 49.80  ? 125 ALA B C   1 
ATOM   1017 O O   . ALA B 1 49 ? -6.896  5.266   8.864   1.00 46.53  ? 125 ALA B O   1 
ATOM   1018 C CB  . ALA B 1 49 ? -3.906  4.702   9.160   1.00 46.23  ? 125 ALA B CB  1 
ATOM   1019 N N   . LYS B 1 50 ? -6.099  7.254   9.412   1.00 53.03  ? 126 LYS B N   1 
ATOM   1020 C CA  . LYS B 1 50 ? -7.105  7.943   8.629   1.00 48.69  ? 126 LYS B CA  1 
ATOM   1021 C C   . LYS B 1 50 ? -6.525  9.067   7.815   1.00 47.65  ? 126 LYS B C   1 
ATOM   1022 O O   . LYS B 1 50 ? -5.876  9.932   8.339   1.00 47.70  ? 126 LYS B O   1 
ATOM   1023 C CB  . LYS B 1 50 ? -8.210  8.473   9.528   1.00 51.31  ? 126 LYS B CB  1 
ATOM   1024 C CG  . LYS B 1 50 ? -9.601  8.267   8.975   1.00 54.13  ? 126 LYS B CG  1 
ATOM   1025 C CD  . LYS B 1 50 ? -9.907  9.266   7.884   1.00 48.83  ? 126 LYS B CD  1 
ATOM   1026 C CE  . LYS B 1 50 ? -11.399 9.433   7.702   1.00 55.71  ? 126 LYS B CE  1 
ATOM   1027 N NZ  . LYS B 1 50 ? -11.711 10.533  6.758   1.00 63.72  ? 126 LYS B NZ  1 
ATOM   1028 N N   . SER B 1 51 ? -6.814  9.071   6.533   1.00 47.83  ? 127 SER B N   1 
ATOM   1029 C CA  . SER B 1 51 ? -6.316  10.084  5.633   1.00 52.44  ? 127 SER B CA  1 
ATOM   1030 C C   . SER B 1 51 ? -7.462  10.392  4.710   1.00 52.88  ? 127 SER B C   1 
ATOM   1031 O O   . SER B 1 51 ? -8.448  9.687   4.723   1.00 59.01  ? 127 SER B O   1 
ATOM   1032 C CB  . SER B 1 51 ? -5.114  9.574   4.858   1.00 48.79  ? 127 SER B CB  1 
ATOM   1033 O OG  . SER B 1 51 ? -5.508  9.077   3.613   1.00 51.34  ? 127 SER B OG  1 
ATOM   1034 N N   . GLU B 1 52 ? -7.384  11.453  3.932   1.00 48.51  ? 128 GLU B N   1 
ATOM   1035 C CA  . GLU B 1 52 ? -8.510  11.738  3.076   1.00 62.24  ? 128 GLU B CA  1 
ATOM   1036 C C   . GLU B 1 52 ? -8.726  10.579  2.130   1.00 63.53  ? 128 GLU B C   1 
ATOM   1037 O O   . GLU B 1 52 ? -9.856  10.214  1.846   1.00 63.63  ? 128 GLU B O   1 
ATOM   1038 C CB  . GLU B 1 52 ? -8.298  13.002  2.263   1.00 64.60  ? 128 GLU B CB  1 
ATOM   1039 C CG  . GLU B 1 52 ? -7.024  13.754  2.551   1.00 69.03  ? 128 GLU B CG  1 
ATOM   1040 C CD  . GLU B 1 52 ? -6.924  15.001  1.707   1.00 83.67  ? 128 GLU B CD  1 
ATOM   1041 O OE1 . GLU B 1 52 ? -6.841  14.874  0.475   1.00 83.88  ? 128 GLU B OE1 1 
ATOM   1042 O OE2 . GLU B 1 52 ? -6.943  16.109  2.269   1.00 88.94  ? 128 GLU B OE2 1 
ATOM   1043 N N   . ASP B 1 53 ? -7.640  10.033  1.608   1.00 53.02  ? 129 ASP B N   1 
ATOM   1044 C CA  . ASP B 1 53 ? -7.692  8.850   0.759   1.00 50.38  ? 129 ASP B CA  1 
ATOM   1045 C C   . ASP B 1 53 ? -8.116  7.522   1.394   1.00 52.50  ? 129 ASP B C   1 
ATOM   1046 O O   . ASP B 1 53 ? -8.853  6.767   0.792   1.00 48.58  ? 129 ASP B O   1 
ATOM   1047 C CB  . ASP B 1 53 ? -6.363  8.674   0.035   1.00 55.37  ? 129 ASP B CB  1 
ATOM   1048 C CG  . ASP B 1 53 ? -6.159  9.690   -1.045  1.00 57.06  ? 129 ASP B CG  1 
ATOM   1049 O OD1 . ASP B 1 53 ? -6.949  9.713   -1.996  1.00 56.36  ? 129 ASP B OD1 1 
ATOM   1050 O OD2 . ASP B 1 53 ? -5.206  10.472  -0.951  1.00 65.04  ? 129 ASP B OD2 1 
ATOM   1051 N N   . ARG B 1 54 ? -7.626  7.224   2.588   1.00 48.90  ? 130 ARG B N   1 
ATOM   1052 C CA  . ARG B 1 54 ? -7.779  5.888   3.144   1.00 45.02  ? 130 ARG B CA  1 
ATOM   1053 C C   . ARG B 1 54 ? -8.131  5.828   4.609   1.00 45.87  ? 130 ARG B C   1 
ATOM   1054 O O   . ARG B 1 54 ? -7.828  6.725   5.362   1.00 49.01  ? 130 ARG B O   1 
ATOM   1055 C CB  . ARG B 1 54 ? -6.499  5.079   2.956   1.00 49.54  ? 130 ARG B CB  1 
ATOM   1056 C CG  . ARG B 1 54 ? -5.913  5.093   1.570   1.00 46.41  ? 130 ARG B CG  1 
ATOM   1057 C CD  . ARG B 1 54 ? -6.527  4.032   0.689   1.00 48.56  ? 130 ARG B CD  1 
ATOM   1058 N NE  . ARG B 1 54 ? -6.855  4.607   -0.601  1.00 60.47  ? 130 ARG B NE  1 
ATOM   1059 C CZ  . ARG B 1 54 ? -6.587  4.036   -1.759  1.00 57.95  ? 130 ARG B CZ  1 
ATOM   1060 N NH1 . ARG B 1 54 ? -6.914  4.631   -2.885  1.00 52.80  ? 130 ARG B NH1 1 
ATOM   1061 N NH2 . ARG B 1 54 ? -5.989  2.866   -1.781  1.00 50.53  ? 130 ARG B NH2 1 
ATOM   1062 N N   . GLN B 1 55 ? -8.780  4.743   4.998   1.00 46.23  ? 131 GLN B N   1 
ATOM   1063 C CA  . GLN B 1 55 ? -9.012  4.429   6.390   1.00 49.45  ? 131 GLN B CA  1 
ATOM   1064 C C   . GLN B 1 55 ? -8.579  3.001   6.685   1.00 53.93  ? 131 GLN B C   1 
ATOM   1065 O O   . GLN B 1 55 ? -8.942  2.101   5.964   1.00 47.89  ? 131 GLN B O   1 
ATOM   1066 C CB  . GLN B 1 55 ? -10.481 4.609   6.724   1.00 45.60  ? 131 GLN B CB  1 
ATOM   1067 C CG  . GLN B 1 55 ? -10.738 4.961   8.164   1.00 48.91  ? 131 GLN B CG  1 
ATOM   1068 C CD  . GLN B 1 55 ? -12.140 5.454   8.414   1.00 52.13  ? 131 GLN B CD  1 
ATOM   1069 O OE1 . GLN B 1 55 ? -12.959 5.530   7.513   1.00 48.84  ? 131 GLN B OE1 1 
ATOM   1070 N NE2 . GLN B 1 55 ? -12.418 5.797   9.649   1.00 47.74  ? 131 GLN B NE2 1 
ATOM   1071 N N   . TYR B 1 56 ? -7.817  2.800   7.752   1.00 49.99  ? 132 TYR B N   1 
ATOM   1072 C CA  . TYR B 1 56 ? -7.382  1.468   8.161   1.00 44.41  ? 132 TYR B CA  1 
ATOM   1073 C C   . TYR B 1 56 ? -7.567  1.238   9.657   1.00 44.44  ? 132 TYR B C   1 
ATOM   1074 O O   . TYR B 1 56 ? -7.408  2.150   10.460  1.00 47.31  ? 132 TYR B O   1 
ATOM   1075 C CB  . TYR B 1 56 ? -5.898  1.250   7.833   1.00 49.09  ? 132 TYR B CB  1 
ATOM   1076 C CG  . TYR B 1 56 ? -5.490  1.268   6.371   1.00 47.43  ? 132 TYR B CG  1 
ATOM   1077 C CD1 . TYR B 1 56 ? -5.540  0.116   5.601   1.00 42.86  ? 132 TYR B CD1 1 
ATOM   1078 C CD2 . TYR B 1 56 ? -5.009  2.426   5.776   1.00 48.94  ? 132 TYR B CD2 1 
ATOM   1079 C CE1 . TYR B 1 56 ? -5.142  0.114   4.270   1.00 39.96  ? 132 TYR B CE1 1 
ATOM   1080 C CE2 . TYR B 1 56 ? -4.594  2.429   4.444   1.00 48.94  ? 132 TYR B CE2 1 
ATOM   1081 C CZ  . TYR B 1 56 ? -4.671  1.266   3.699   1.00 43.52  ? 132 TYR B CZ  1 
ATOM   1082 O OH  . TYR B 1 56 ? -4.278  1.257   2.381   1.00 44.51  ? 132 TYR B OH  1 
ATOM   1083 N N   . TYR B 1 57 ? -7.864  -0.001  10.022  1.00 43.77  ? 133 TYR B N   1 
ATOM   1084 C CA  . TYR B 1 57 ? -7.950  -0.401  11.414  1.00 43.19  ? 133 TYR B CA  1 
ATOM   1085 C C   . TYR B 1 57 ? -7.448  -1.819  11.618  1.00 45.68  ? 133 TYR B C   1 
ATOM   1086 O O   . TYR B 1 57 ? -7.811  -2.715  10.875  1.00 44.96  ? 133 TYR B O   1 
ATOM   1087 C CB  . TYR B 1 57 ? -9.387  -0.294  11.913  1.00 48.80  ? 133 TYR B CB  1 
ATOM   1088 C CG  . TYR B 1 57 ? -9.561  -0.796  13.320  1.00 46.77  ? 133 TYR B CG  1 
ATOM   1089 C CD1 . TYR B 1 57 ? -9.304  0.027   14.401  1.00 50.94  ? 133 TYR B CD1 1 
ATOM   1090 C CD2 . TYR B 1 57 ? -9.951  -2.104  13.572  1.00 47.22  ? 133 TYR B CD2 1 
ATOM   1091 C CE1 . TYR B 1 57 ? -9.448  -0.435  15.709  1.00 52.89  ? 133 TYR B CE1 1 
ATOM   1092 C CE2 . TYR B 1 57 ? -10.097 -2.576  14.860  1.00 48.83  ? 133 TYR B CE2 1 
ATOM   1093 C CZ  . TYR B 1 57 ? -9.850  -1.732  15.927  1.00 52.65  ? 133 TYR B CZ  1 
ATOM   1094 O OH  . TYR B 1 57 ? -10.018 -2.178  17.211  1.00 54.49  ? 133 TYR B OH  1 
ATOM   1095 N N   . LYS B 1 58 ? -6.563  -2.026  12.579  1.00 45.30  ? 134 LYS B N   1 
ATOM   1096 C CA  . LYS B 1 58 ? -6.061  -3.366  12.835  1.00 49.38  ? 134 LYS B CA  1 
ATOM   1097 C C   . LYS B 1 58 ? -5.856  -3.685  14.298  1.00 49.34  ? 134 LYS B C   1 
ATOM   1098 O O   . LYS B 1 58 ? -5.343  -2.881  15.043  1.00 49.13  ? 134 LYS B O   1 
ATOM   1099 C CB  . LYS B 1 58 ? -4.757  -3.604  12.078  1.00 54.18  ? 134 LYS B CB  1 
ATOM   1100 C CG  . LYS B 1 58 ? -4.263  -5.033  12.119  1.00 53.34  ? 134 LYS B CG  1 
ATOM   1101 C CD  . LYS B 1 58 ? -4.876  -5.850  11.006  1.00 55.81  ? 134 LYS B CD  1 
ATOM   1102 C CE  . LYS B 1 58 ? -4.351  -7.266  11.012  1.00 59.97  ? 134 LYS B CE  1 
ATOM   1103 N NZ  . LYS B 1 58 ? -4.606  -7.924  9.707   1.00 63.56  ? 134 LYS B NZ  1 
ATOM   1104 N N   . GLU B 1 59 ? -6.215  -4.902  14.673  1.00 51.89  ? 135 GLU B N   1 
ATOM   1105 C CA  . GLU B 1 59 ? -5.988  -5.426  16.002  1.00 49.12  ? 135 GLU B CA  1 
ATOM   1106 C C   . GLU B 1 59 ? -5.043  -6.591  15.851  1.00 52.84  ? 135 GLU B C   1 
ATOM   1107 O O   . GLU B 1 59 ? -5.256  -7.443  15.019  1.00 58.67  ? 135 GLU B O   1 
ATOM   1108 C CB  . GLU B 1 59 ? -7.288  -5.952  16.583  1.00 52.11  ? 135 GLU B CB  1 
ATOM   1109 C CG  . GLU B 1 59 ? -8.123  -4.951  17.347  1.00 61.36  ? 135 GLU B CG  1 
ATOM   1110 C CD  . GLU B 1 59 ? -9.305  -5.615  17.998  1.00 66.22  ? 135 GLU B CD  1 
ATOM   1111 O OE1 . GLU B 1 59 ? -9.128  -6.731  18.503  1.00 73.10  ? 135 GLU B OE1 1 
ATOM   1112 O OE2 . GLU B 1 59 ? -10.404 -5.040  17.999  1.00 61.13  ? 135 GLU B OE2 1 
ATOM   1113 N N   . ILE B 1 60 ? -3.984  -6.618  16.638  1.00 51.96  ? 136 ILE B N   1 
ATOM   1114 C CA  . ILE B 1 60 ? -3.031  -7.705  16.570  1.00 53.75  ? 136 ILE B CA  1 
ATOM   1115 C C   . ILE B 1 60 ? -2.748  -8.304  17.930  1.00 62.54  ? 136 ILE B C   1 
ATOM   1116 O O   . ILE B 1 60 ? -2.415  -7.591  18.851  1.00 61.14  ? 136 ILE B O   1 
ATOM   1117 C CB  . ILE B 1 60 ? -1.705  -7.210  15.997  1.00 56.50  ? 136 ILE B CB  1 
ATOM   1118 C CG1 . ILE B 1 60 ? -1.942  -6.505  14.678  1.00 55.51  ? 136 ILE B CG1 1 
ATOM   1119 C CG2 . ILE B 1 60 ? -0.749  -8.364  15.795  1.00 56.98  ? 136 ILE B CG2 1 
ATOM   1120 C CD1 . ILE B 1 60 ? -0.775  -6.615  13.738  1.00 60.64  ? 136 ILE B CD1 1 
ATOM   1121 N N   . ASP B 1 61 ? -2.824  -9.621  18.045  1.00 62.91  ? 137 ASP B N   1 
ATOM   1122 C CA  . ASP B 1 61 ? -2.471  -10.271 19.294  1.00 65.58  ? 137 ASP B CA  1 
ATOM   1123 C C   . ASP B 1 61 ? -1.008  -10.676 19.220  1.00 67.95  ? 137 ASP B C   1 
ATOM   1124 O O   . ASP B 1 61 ? -0.621  -11.459 18.380  1.00 73.94  ? 137 ASP B O   1 
ATOM   1125 C CB  . ASP B 1 61 ? -3.332  -11.512 19.514  1.00 58.93  ? 137 ASP B CB  1 
ATOM   1126 C CG  . ASP B 1 61 ? -4.770  -11.182 19.824  1.00 65.32  ? 137 ASP B CG  1 
ATOM   1127 O OD1 . ASP B 1 61 ? -5.029  -10.530 20.840  1.00 70.07  ? 137 ASP B OD1 1 
ATOM   1128 O OD2 . ASP B 1 61 ? -5.650  -11.588 19.056  1.00 71.33  ? 137 ASP B OD2 1 
ATOM   1129 N N   . LEU B 1 62 ? -0.184  -10.096 20.073  1.00 67.36  ? 138 LEU B N   1 
ATOM   1130 C CA  . LEU B 1 62 ? 1.239   -10.394 20.090  1.00 70.13  ? 138 LEU B CA  1 
ATOM   1131 C C   . LEU B 1 62 ? 1.594   -11.709 20.777  1.00 78.18  ? 138 LEU B C   1 
ATOM   1132 O O   . LEU B 1 62 ? 0.837   -12.220 21.586  1.00 73.88  ? 138 LEU B O   1 
ATOM   1133 C CB  . LEU B 1 62 ? 1.991   -9.249  20.737  1.00 74.48  ? 138 LEU B CB  1 
ATOM   1134 C CG  . LEU B 1 62 ? 1.526   -7.883  20.266  1.00 67.13  ? 138 LEU B CG  1 
ATOM   1135 C CD1 . LEU B 1 62 ? 2.106   -6.812  21.156  1.00 61.53  ? 138 LEU B CD1 1 
ATOM   1136 C CD2 . LEU B 1 62 ? 1.983   -7.676  18.841  1.00 64.93  ? 138 LEU B CD2 1 
ATOM   1137 N N   . PRO B 1 63 ? 2.751   -12.260 20.439  1.00 79.01  ? 139 PRO B N   1 
ATOM   1138 C CA  . PRO B 1 63 ? 3.249   -13.466 21.101  1.00 77.26  ? 139 PRO B CA  1 
ATOM   1139 C C   . PRO B 1 63 ? 3.544   -13.260 22.582  1.00 81.81  ? 139 PRO B C   1 
ATOM   1140 O O   . PRO B 1 63 ? 3.212   -14.119 23.390  1.00 87.41  ? 139 PRO B O   1 
ATOM   1141 C CB  . PRO B 1 63 ? 4.552   -13.750 20.360  1.00 77.14  ? 139 PRO B CB  1 
ATOM   1142 C CG  . PRO B 1 63 ? 4.381   -13.110 19.034  1.00 74.51  ? 139 PRO B CG  1 
ATOM   1143 C CD  . PRO B 1 63 ? 3.596   -11.870 19.305  1.00 78.07  ? 139 PRO B CD  1 
ATOM   1144 N N   . ALA B 1 64 ? 4.146   -12.128 22.931  1.00 84.13  ? 140 ALA B N   1 
ATOM   1145 C CA  . ALA B 1 64 ? 4.602   -11.877 24.295  1.00 83.21  ? 140 ALA B CA  1 
ATOM   1146 C C   . ALA B 1 64 ? 4.313   -10.469 24.797  1.00 84.45  ? 140 ALA B C   1 
ATOM   1147 O O   . ALA B 1 64 ? 4.077   -9.565  24.019  1.00 79.07  ? 140 ALA B O   1 
ATOM   1148 C CB  . ALA B 1 64 ? 6.085   -12.169 24.404  1.00 86.68  ? 140 ALA B CB  1 
ATOM   1149 N N   . GLU B 1 65 ? 4.345   -10.282 26.108  1.00 91.50  ? 141 GLU B N   1 
ATOM   1150 C CA  . GLU B 1 65 ? 4.160   -8.953  26.665  1.00 85.67  ? 141 GLU B CA  1 
ATOM   1151 C C   . GLU B 1 65 ? 5.271   -8.080  26.129  1.00 83.87  ? 141 GLU B C   1 
ATOM   1152 O O   . GLU B 1 65 ? 6.419   -8.493  26.053  1.00 81.41  ? 141 GLU B O   1 
ATOM   1153 C CB  . GLU B 1 65 ? 4.233   -8.986  28.192  1.00 83.37  ? 141 GLU B CB  1 
ATOM   1154 C CG  . GLU B 1 65 ? 2.923   -9.314  28.891  1.00 89.17  ? 141 GLU B CG  1 
ATOM   1155 C CD  . GLU B 1 65 ? 2.671   -8.457  30.119  1.00 92.72  ? 141 GLU B CD  1 
ATOM   1156 O OE1 . GLU B 1 65 ? 3.123   -7.296  30.145  1.00 92.18  ? 141 GLU B OE1 1 
ATOM   1157 O OE2 . GLU B 1 65 ? 2.015   -8.941  31.058  1.00 91.59  ? 141 GLU B OE2 1 
ATOM   1158 N N   . VAL B 1 66 ? 4.925   -6.860  25.758  1.00 85.86  ? 142 VAL B N   1 
ATOM   1159 C CA  . VAL B 1 66 ? 5.875   -5.974  25.119  1.00 84.60  ? 142 VAL B CA  1 
ATOM   1160 C C   . VAL B 1 66 ? 5.820   -4.615  25.765  1.00 80.88  ? 142 VAL B C   1 
ATOM   1161 O O   . VAL B 1 66 ? 4.828   -4.256  26.373  1.00 76.69  ? 142 VAL B O   1 
ATOM   1162 C CB  . VAL B 1 66 ? 5.557   -5.811  23.631  1.00 79.94  ? 142 VAL B CB  1 
ATOM   1163 C CG1 . VAL B 1 66 ? 5.191   -7.151  23.031  1.00 80.69  ? 142 VAL B CG1 1 
ATOM   1164 C CG2 . VAL B 1 66 ? 4.416   -4.832  23.447  1.00 74.55  ? 142 VAL B CG2 1 
ATOM   1165 N N   . ASP B 1 67 ? 6.888   -3.849  25.639  1.00 81.31  ? 143 ASP B N   1 
ATOM   1166 C CA  . ASP B 1 67 ? 6.846   -2.506  26.168  1.00 81.15  ? 143 ASP B CA  1 
ATOM   1167 C C   . ASP B 1 67 ? 6.987   -1.436  25.120  1.00 83.32  ? 143 ASP B C   1 
ATOM   1168 O O   . ASP B 1 67 ? 7.778   -1.554  24.189  1.00 86.92  ? 143 ASP B O   1 
ATOM   1169 C CB  . ASP B 1 67 ? 7.880   -2.271  27.245  1.00 84.30  ? 143 ASP B CB  1 
ATOM   1170 C CG  . ASP B 1 67 ? 7.688   -0.937  27.918  1.00 87.68  ? 143 ASP B CG  1 
ATOM   1171 O OD1 . ASP B 1 67 ? 8.387   0.021   27.540  1.00 84.21  ? 143 ASP B OD1 1 
ATOM   1172 O OD2 . ASP B 1 67 ? 6.808   -0.840  28.797  1.00 82.46  ? 143 ASP B OD2 1 
ATOM   1173 N N   . GLU B 1 68 ? 6.199   -0.389  25.302  1.00 78.48  ? 144 GLU B N   1 
ATOM   1174 C CA  . GLU B 1 68 ? 6.191   0.774   24.442  1.00 79.08  ? 144 GLU B CA  1 
ATOM   1175 C C   . GLU B 1 68 ? 7.435   1.617   24.621  1.00 79.23  ? 144 GLU B C   1 
ATOM   1176 O O   . GLU B 1 68 ? 7.697   2.515   23.838  1.00 79.95  ? 144 GLU B O   1 
ATOM   1177 C CB  . GLU B 1 68 ? 4.947   1.617   24.726  1.00 75.49  ? 144 GLU B CB  1 
ATOM   1178 C CG  . GLU B 1 68 ? 5.228   3.035   25.188  1.00 76.45  ? 144 GLU B CG  1 
ATOM   1179 C CD  . GLU B 1 68 ? 5.863   3.077   26.554  1.00 85.44  ? 144 GLU B CD  1 
ATOM   1180 O OE1 . GLU B 1 68 ? 7.099   3.151   26.622  1.00 84.74  ? 144 GLU B OE1 1 
ATOM   1181 O OE2 . GLU B 1 68 ? 5.136   3.027   27.559  1.00 83.54  ? 144 GLU B OE2 1 
ATOM   1182 N N   . LYS B 1 69 ? 8.183   1.356   25.679  1.00 82.74  ? 145 LYS B N   1 
ATOM   1183 C CA  . LYS B 1 69 ? 9.270   2.239   26.055  1.00 84.59  ? 145 LYS B CA  1 
ATOM   1184 C C   . LYS B 1 69 ? 10.372  2.380   25.016  1.00 80.73  ? 145 LYS B C   1 
ATOM   1185 O O   . LYS B 1 69 ? 10.817  3.482   24.730  1.00 82.21  ? 145 LYS B O   1 
ATOM   1186 C CB  . LYS B 1 69 ? 9.885   1.758   27.364  1.00 82.30  ? 145 LYS B CB  1 
ATOM   1187 C CG  . LYS B 1 69 ? 9.003   1.978   28.575  1.00 85.11  ? 145 LYS B CG  1 
ATOM   1188 C CD  . LYS B 1 69 ? 9.828   2.109   29.841  1.00 87.46  ? 145 LYS B CD  1 
ATOM   1189 C CE  . LYS B 1 69 ? 8.996   1.781   31.065  1.00 89.41  ? 145 LYS B CE  1 
ATOM   1190 N NZ  . LYS B 1 69 ? 7.802   2.662   31.160  1.00 84.58  ? 145 LYS B NZ  1 
ATOM   1191 N N   . ALA B 1 70 ? 10.808  1.278   24.433  1.00 75.59  ? 146 ALA B N   1 
ATOM   1192 C CA  . ALA B 1 70 ? 11.909  1.355   23.489  1.00 78.39  ? 146 ALA B CA  1 
ATOM   1193 C C   . ALA B 1 70 ? 11.455  1.428   22.036  1.00 78.88  ? 146 ALA B C   1 
ATOM   1194 O O   . ALA B 1 70 ? 12.268  1.508   21.127  1.00 78.94  ? 146 ALA B O   1 
ATOM   1195 C CB  . ALA B 1 70 ? 12.853  0.188   23.699  1.00 86.99  ? 146 ALA B CB  1 
ATOM   1196 N N   . ALA B 1 71 ? 10.147  1.435   21.835  1.00 80.37  ? 147 ALA B N   1 
ATOM   1197 C CA  . ALA B 1 71 ? 9.543   1.173   20.545  1.00 75.85  ? 147 ALA B CA  1 
ATOM   1198 C C   . ALA B 1 71 ? 9.920   2.173   19.466  1.00 75.15  ? 147 ALA B C   1 
ATOM   1199 O O   . ALA B 1 71 ? 10.144  3.342   19.745  1.00 77.01  ? 147 ALA B O   1 
ATOM   1200 C CB  . ALA B 1 71 ? 8.039   1.109   20.695  1.00 68.95  ? 147 ALA B CB  1 
ATOM   1201 N N   . LYS B 1 72 ? 10.015  1.679   18.234  1.00 67.62  ? 148 LYS B N   1 
ATOM   1202 C CA  . LYS B 1 72 ? 10.383  2.492   17.080  1.00 70.16  ? 148 LYS B CA  1 
ATOM   1203 C C   . LYS B 1 72 ? 9.430   2.285   15.903  1.00 64.77  ? 148 LYS B C   1 
ATOM   1204 O O   . LYS B 1 72 ? 8.787   1.256   15.792  1.00 60.28  ? 148 LYS B O   1 
ATOM   1205 C CB  . LYS B 1 72 ? 11.816  2.178   16.649  1.00 68.40  ? 148 LYS B CB  1 
ATOM   1206 C CG  . LYS B 1 72 ? 12.875  2.591   17.659  1.00 77.78  ? 148 LYS B CG  1 
ATOM   1207 C CD  . LYS B 1 72 ? 14.270  2.229   17.180  1.00 84.47  ? 148 LYS B CD  1 
ATOM   1208 C CE  . LYS B 1 72 ? 15.329  2.663   18.180  1.00 94.73  ? 148 LYS B CE  1 
ATOM   1209 N NZ  . LYS B 1 72 ? 16.699  2.292   17.732  1.00 94.03  ? 148 LYS B NZ  1 
ATOM   1210 N N   . ALA B 1 73 ? 9.305   3.310   15.068  1.00 59.11  ? 149 ALA B N   1 
ATOM   1211 C CA  . ALA B 1 73 ? 8.371   3.292   13.954  1.00 52.67  ? 149 ALA B CA  1 
ATOM   1212 C C   . ALA B 1 73 ? 8.981   3.693   12.628  1.00 55.22  ? 149 ALA B C   1 
ATOM   1213 O O   . ALA B 1 73 ? 9.661   4.697   12.536  1.00 62.77  ? 149 ALA B O   1 
ATOM   1214 C CB  . ALA B 1 73 ? 7.190   4.183   14.257  1.00 60.46  ? 149 ALA B CB  1 
ATOM   1215 N N   . ASN B 1 74 ? 8.710   2.910   11.596  1.00 51.51  ? 150 ASN B N   1 
ATOM   1216 C CA  . ASN B 1 74 ? 9.165   3.225   10.256  1.00 60.43  ? 150 ASN B CA  1 
ATOM   1217 C C   . ASN B 1 74 ? 8.034   3.204   9.245   1.00 53.35  ? 150 ASN B C   1 
ATOM   1218 O O   . ASN B 1 74 ? 7.264   2.268   9.230   1.00 54.22  ? 150 ASN B O   1 
ATOM   1219 C CB  . ASN B 1 74 ? 10.233  2.224   9.842   1.00 65.13  ? 150 ASN B CB  1 
ATOM   1220 C CG  . ASN B 1 74 ? 11.281  2.828   8.950   1.00 65.11  ? 150 ASN B CG  1 
ATOM   1221 O OD1 . ASN B 1 74 ? 12.217  3.456   9.419   1.00 70.79  ? 150 ASN B OD1 1 
ATOM   1222 N ND2 . ASN B 1 74 ? 11.131  2.634   7.653   1.00 66.75  ? 150 ASN B ND2 1 
ATOM   1223 N N   . PHE B 1 75 ? 7.951   4.218   8.391   1.00 50.01  ? 151 PHE B N   1 
ATOM   1224 C CA  . PHE B 1 75 ? 6.974   4.227   7.310   1.00 51.57  ? 151 PHE B CA  1 
ATOM   1225 C C   . PHE B 1 75 ? 7.615   4.512   5.958   1.00 52.62  ? 151 PHE B C   1 
ATOM   1226 O O   . PHE B 1 75 ? 8.105   5.593   5.723   1.00 46.49  ? 151 PHE B O   1 
ATOM   1227 C CB  . PHE B 1 75 ? 5.921   5.283   7.606   1.00 50.41  ? 151 PHE B CB  1 
ATOM   1228 C CG  . PHE B 1 75 ? 4.667   5.129   6.816   1.00 52.37  ? 151 PHE B CG  1 
ATOM   1229 C CD1 . PHE B 1 75 ? 4.072   3.903   6.684   1.00 49.62  ? 151 PHE B CD1 1 
ATOM   1230 C CD2 . PHE B 1 75 ? 4.083   6.216   6.216   1.00 47.87  ? 151 PHE B CD2 1 
ATOM   1231 C CE1 . PHE B 1 75 ? 2.916   3.761   5.966   1.00 43.23  ? 151 PHE B CE1 1 
ATOM   1232 C CE2 . PHE B 1 75 ? 2.930   6.081   5.494   1.00 50.21  ? 151 PHE B CE2 1 
ATOM   1233 C CZ  . PHE B 1 75 ? 2.345   4.850   5.372   1.00 44.13  ? 151 PHE B CZ  1 
ATOM   1234 N N   . LYS B 1 76 ? 7.584   3.543   5.056   1.00 54.33  ? 152 LYS B N   1 
ATOM   1235 C CA  . LYS B 1 76 ? 8.171   3.716   3.737   1.00 50.99  ? 152 LYS B CA  1 
ATOM   1236 C C   . LYS B 1 76 ? 7.275   3.225   2.631   1.00 48.85  ? 152 LYS B C   1 
ATOM   1237 O O   . LYS B 1 76 ? 6.901   2.072   2.604   1.00 49.09  ? 152 LYS B O   1 
ATOM   1238 C CB  . LYS B 1 76 ? 9.486   2.959   3.658   1.00 53.79  ? 152 LYS B CB  1 
ATOM   1239 C CG  . LYS B 1 76 ? 10.707  3.848   3.617   1.00 59.00  ? 152 LYS B CG  1 
ATOM   1240 C CD  . LYS B 1 76 ? 10.643  4.803   2.448   1.00 55.58  ? 152 LYS B CD  1 
ATOM   1241 C CE  . LYS B 1 76 ? 11.716  4.485   1.430   1.00 58.10  ? 152 LYS B CE  1 
ATOM   1242 N NZ  . LYS B 1 76 ? 11.945  5.639   0.525   1.00 62.02  ? 152 LYS B NZ  1 
ATOM   1243 N N   . ASN B 1 77 ? 6.945   4.089   1.696   1.00 45.76  ? 153 ASN B N   1 
ATOM   1244 C CA  . ASN B 1 77 ? 6.196   3.651   0.543   1.00 49.34  ? 153 ASN B CA  1 
ATOM   1245 C C   . ASN B 1 77 ? 4.962   2.892   0.969   1.00 52.96  ? 153 ASN B C   1 
ATOM   1246 O O   . ASN B 1 77 ? 4.639   1.878   0.388   1.00 48.92  ? 153 ASN B O   1 
ATOM   1247 C CB  . ASN B 1 77 ? 7.042   2.782   -0.372  1.00 49.07  ? 153 ASN B CB  1 
ATOM   1248 C CG  . ASN B 1 77 ? 8.178   3.533   -1.002  1.00 45.55  ? 153 ASN B CG  1 
ATOM   1249 O OD1 . ASN B 1 77 ? 9.318   3.135   -0.885  1.00 47.95  ? 153 ASN B OD1 1 
ATOM   1250 N ND2 . ASN B 1 77 ? 7.872   4.610   -1.683  1.00 40.92  ? 153 ASN B ND2 1 
ATOM   1251 N N   . GLY B 1 78 ? 4.277   3.374   1.990   1.00 44.34  ? 154 GLY B N   1 
ATOM   1252 C CA  . GLY B 1 78 ? 3.023   2.786   2.398   1.00 43.75  ? 154 GLY B CA  1 
ATOM   1253 C C   . GLY B 1 78 ? 3.118   1.554   3.256   1.00 38.94  ? 154 GLY B C   1 
ATOM   1254 O O   . GLY B 1 78 ? 2.127   0.916   3.546   1.00 39.88  ? 154 GLY B O   1 
ATOM   1255 N N   . VAL B 1 79 ? 4.321   1.215   3.668   1.00 39.90  ? 155 VAL B N   1 
ATOM   1256 C CA  . VAL B 1 79 ? 4.500   0.058   4.512   1.00 42.46  ? 155 VAL B CA  1 
ATOM   1257 C C   . VAL B 1 79 ? 5.057   0.488   5.844   1.00 43.93  ? 155 VAL B C   1 
ATOM   1258 O O   . VAL B 1 79 ? 6.010   1.231   5.900   1.00 47.41  ? 155 VAL B O   1 
ATOM   1259 C CB  . VAL B 1 79 ? 5.430   -0.963  3.865   1.00 43.63  ? 155 VAL B CB  1 
ATOM   1260 C CG1 . VAL B 1 79 ? 6.345   -0.269  2.887   1.00 47.65  ? 155 VAL B CG1 1 
ATOM   1261 C CG2 . VAL B 1 79 ? 6.226   -1.697  4.922   1.00 46.07  ? 155 VAL B CG2 1 
ATOM   1262 N N   . LEU B 1 80 ? 4.455   0.005   6.918   1.00 45.45  ? 156 LEU B N   1 
ATOM   1263 C CA  . LEU B 1 80 ? 4.799   0.456   8.248   1.00 47.67  ? 156 LEU B CA  1 
ATOM   1264 C C   . LEU B 1 80 ? 5.542   -0.603  9.013   1.00 50.88  ? 156 LEU B C   1 
ATOM   1265 O O   . LEU B 1 80 ? 5.074   -1.710  9.160   1.00 49.43  ? 156 LEU B O   1 
ATOM   1266 C CB  . LEU B 1 80 ? 3.529   0.826   9.001   1.00 45.75  ? 156 LEU B CB  1 
ATOM   1267 C CG  . LEU B 1 80 ? 3.617   1.223   10.467  1.00 45.44  ? 156 LEU B CG  1 
ATOM   1268 C CD1 . LEU B 1 80 ? 4.394   2.509   10.601  1.00 48.07  ? 156 LEU B CD1 1 
ATOM   1269 C CD2 . LEU B 1 80 ? 2.224   1.393   11.032  1.00 39.08  ? 156 LEU B CD2 1 
ATOM   1270 N N   . GLU B 1 81 ? 6.710   -0.242  9.511   1.00 57.58  ? 157 GLU B N   1 
ATOM   1271 C CA  . GLU B 1 81 ? 7.541   -1.170  10.243  1.00 55.48  ? 157 GLU B CA  1 
ATOM   1272 C C   . GLU B 1 81 ? 7.605   -0.730  11.684  1.00 53.31  ? 157 GLU B C   1 
ATOM   1273 O O   . GLU B 1 81 ? 8.021   0.368   11.978  1.00 50.53  ? 157 GLU B O   1 
ATOM   1274 C CB  . GLU B 1 81 ? 8.935   -1.153  9.642   1.00 59.91  ? 157 GLU B CB  1 
ATOM   1275 C CG  . GLU B 1 81 ? 9.885   -2.190  10.185  1.00 65.44  ? 157 GLU B CG  1 
ATOM   1276 C CD  . GLU B 1 81 ? 10.824  -2.723  9.122   0.50 68.69  ? 157 GLU B CD  1 
ATOM   1277 O OE1 . GLU B 1 81 ? 11.234  -3.892  9.248   0.50 71.42  ? 157 GLU B OE1 1 
ATOM   1278 O OE2 . GLU B 1 81 ? 11.156  -1.991  8.171   0.50 63.67  ? 157 GLU B OE2 1 
ATOM   1279 N N   . ILE B 1 82 ? 7.190   -1.603  12.581  1.00 52.11  ? 158 ILE B N   1 
ATOM   1280 C CA  . ILE B 1 82 ? 7.178   -1.288  13.986  1.00 58.30  ? 158 ILE B CA  1 
ATOM   1281 C C   . ILE B 1 82 ? 7.966   -2.314  14.757  1.00 61.28  ? 158 ILE B C   1 
ATOM   1282 O O   . ILE B 1 82 ? 7.766   -3.495  14.586  1.00 60.11  ? 158 ILE B O   1 
ATOM   1283 C CB  . ILE B 1 82 ? 5.751   -1.318  14.519  1.00 64.89  ? 158 ILE B CB  1 
ATOM   1284 C CG1 . ILE B 1 82 ? 5.114   0.057   14.408  1.00 60.72  ? 158 ILE B CG1 1 
ATOM   1285 C CG2 . ILE B 1 82 ? 5.744   -1.804  15.951  1.00 64.64  ? 158 ILE B CG2 1 
ATOM   1286 C CD1 . ILE B 1 82 ? 3.624   -0.002  14.213  1.00 55.02  ? 158 ILE B CD1 1 
ATOM   1287 N N   . THR B 1 83 ? 8.849   -1.860  15.630  1.00 64.71  ? 159 THR B N   1 
ATOM   1288 C CA  . THR B 1 83 ? 9.624   -2.772  16.447  1.00 70.13  ? 159 THR B CA  1 
ATOM   1289 C C   . THR B 1 83 ? 9.449   -2.464  17.918  1.00 68.85  ? 159 THR B C   1 
ATOM   1290 O O   . THR B 1 83 ? 9.621   -1.338  18.348  1.00 66.37  ? 159 THR B O   1 
ATOM   1291 C CB  . THR B 1 83 ? 11.115  -2.715  16.110  1.00 69.61  ? 159 THR B CB  1 
ATOM   1292 O OG1 . THR B 1 83 ? 11.710  -1.628  16.814  1.00 80.74  ? 159 THR B OG1 1 
ATOM   1293 C CG2 . THR B 1 83 ? 11.321  -2.508  14.635  1.00 66.60  ? 159 THR B CG2 1 
ATOM   1294 N N   . LEU B 1 84 ? 9.119   -3.489  18.686  1.00 73.67  ? 160 LEU B N   1 
ATOM   1295 C CA  . LEU B 1 84 ? 8.857   -3.332  20.098  1.00 78.53  ? 160 LEU B CA  1 
ATOM   1296 C C   . LEU B 1 84 ? 9.691   -4.311  20.895  1.00 84.02  ? 160 LEU B C   1 
ATOM   1297 O O   . LEU B 1 84 ? 10.083  -5.351  20.398  1.00 81.82  ? 160 LEU B O   1 
ATOM   1298 C CB  . LEU B 1 84 ? 7.384   -3.578  20.397  1.00 73.44  ? 160 LEU B CB  1 
ATOM   1299 C CG  . LEU B 1 84 ? 6.359   -3.095  19.384  1.00 71.06  ? 160 LEU B CG  1 
ATOM   1300 C CD1 . LEU B 1 84 ? 5.022   -3.760  19.635  1.00 67.19  ? 160 LEU B CD1 1 
ATOM   1301 C CD2 . LEU B 1 84 ? 6.217   -1.593  19.480  1.00 68.22  ? 160 LEU B CD2 1 
ATOM   1302 N N   . LYS B 1 85 ? 9.952   -3.969  22.145  1.00 86.22  ? 161 LYS B N   1 
ATOM   1303 C CA  . LYS B 1 85 ? 10.749  -4.815  23.008  1.00 87.09  ? 161 LYS B CA  1 
ATOM   1304 C C   . LYS B 1 85 ? 9.856   -5.474  24.042  1.00 86.99  ? 161 LYS B C   1 
ATOM   1305 O O   . LYS B 1 85 ? 9.032   -4.827  24.672  1.00 86.00  ? 161 LYS B O   1 
ATOM   1306 C CB  . LYS B 1 85 ? 11.848  -3.996  23.682  1.00 87.50  ? 161 LYS B CB  1 
ATOM   1307 C CG  . LYS B 1 85 ? 12.757  -3.272  22.705  1.00 88.02  ? 161 LYS B CG  1 
ATOM   1308 C CD  . LYS B 1 85 ? 14.149  -3.069  23.277  1.00 89.65  ? 161 LYS B CD  1 
ATOM   1309 C CE  . LYS B 1 85 ? 15.106  -2.511  22.234  1.00 88.39  ? 161 LYS B CE  1 
ATOM   1310 N NZ  . LYS B 1 85 ? 15.928  -1.387  22.757  1.00 91.17  ? 161 LYS B NZ  1 
ATOM   1311 N N   . LYS B 1 86 ? 10.002  -6.782  24.187  1.00 90.64  ? 162 LYS B N   1 
ATOM   1312 C CA  . LYS B 1 86 ? 9.187   -7.528  25.128  1.00 92.00  ? 162 LYS B CA  1 
ATOM   1313 C C   . LYS B 1 86 ? 9.542   -7.161  26.558  1.00 87.90  ? 162 LYS B C   1 
ATOM   1314 O O   . LYS B 1 86 ? 10.678  -6.824  26.852  1.00 85.63  ? 162 LYS B O   1 
ATOM   1315 C CB  . LYS B 1 86 ? 9.344   -9.031  24.897  1.00 85.93  ? 162 LYS B CB  1 
ATOM   1316 N N   . LYS B 1 87 ? 8.559   -7.208  27.443  1.00 88.77  ? 163 LYS B N   1 
ATOM   1317 C CA  . LYS B 1 87 ? 8.790   -6.890  28.841  1.00 90.63  ? 163 LYS B CA  1 
ATOM   1318 C C   . LYS B 1 87 ? 9.037   -8.153  29.658  1.00 91.41  ? 163 LYS B C   1 
ATOM   1319 O O   . LYS B 1 87 ? 10.095  -8.771  29.562  1.00 87.05  ? 163 LYS B O   1 
ATOM   1320 C CB  . LYS B 1 87 ? 7.602   -6.118  29.412  1.00 76.73  ? 163 LYS B CB  1 
HETATM 1321 O O   . HOH C 2 .  ? -10.572 10.601  -14.417 1.00 81.37  ? 201 HOH A O   1 
HETATM 1322 O O   . HOH C 2 .  ? 9.488   5.970   -3.848  1.00 50.33  ? 202 HOH A O   1 
HETATM 1323 O O   . HOH C 2 .  ? -11.516 11.022  -27.126 1.00 83.06  ? 203 HOH A O   1 
HETATM 1324 O O   . HOH C 2 .  ? 1.596   -17.005 -7.310  1.00 41.29  ? 204 HOH A O   1 
HETATM 1325 O O   . HOH C 2 .  ? -1.968  -3.959  -3.623  1.00 47.28  ? 205 HOH A O   1 
HETATM 1326 O O   . HOH C 2 .  ? -16.529 4.270   -22.385 1.00 74.92  ? 206 HOH A O   1 
HETATM 1327 O O   . HOH C 2 .  ? 16.155  -2.534  -7.330  1.00 70.09  ? 207 HOH A O   1 
HETATM 1328 O O   . HOH C 2 .  ? -5.776  -8.478  -14.450 1.00 75.94  ? 208 HOH A O   1 
HETATM 1329 O O   . HOH C 2 .  ? -6.519  -9.236  -18.719 1.00 75.74  ? 209 HOH A O   1 
HETATM 1330 O O   . HOH C 2 .  ? 5.079   6.379   2.727   1.00 51.19  ? 210 HOH A O   1 
HETATM 1331 O O   . HOH C 2 .  ? -1.468  9.697   0.928   1.00 43.91  ? 211 HOH A O   1 
HETATM 1332 O O   . HOH C 2 .  ? 10.234  0.761   1.056   1.00 56.74  ? 212 HOH A O   1 
HETATM 1333 O O   . HOH C 2 .  ? 13.301  -0.624  -2.660  1.00 73.81  ? 213 HOH A O   1 
HETATM 1334 O O   . HOH C 2 .  ? 18.998  -9.039  1.606   1.00 74.04  ? 214 HOH A O   1 
HETATM 1335 O O   . HOH C 2 .  ? 8.775   -3.952  0.360   1.00 62.90  ? 215 HOH A O   1 
HETATM 1336 O O   . HOH C 2 .  ? 9.521   -3.927  4.848   1.00 67.42  ? 216 HOH A O   1 
HETATM 1337 O O   . HOH C 2 .  ? 3.807   -7.743  4.885   1.00 68.59  ? 217 HOH A O   1 
HETATM 1338 O O   . HOH C 2 .  ? -1.283  -6.440  -2.868  1.00 47.76  ? 218 HOH A O   1 
HETATM 1339 O O   . HOH C 2 .  ? -5.439  -8.610  -5.926  1.00 58.47  ? 219 HOH A O   1 
HETATM 1340 O O   . HOH C 2 .  ? -7.919  -1.899  -31.853 1.00 81.30  ? 220 HOH A O   1 
HETATM 1341 O O   . HOH D 2 .  ? -7.935  0.571   -4.544  1.00 58.50  ? 201 HOH B O   1 
HETATM 1342 O O   . HOH D 2 .  ? -11.743 6.806   3.062   1.00 51.65  ? 202 HOH B O   1 
HETATM 1343 O O   . HOH D 2 .  ? -5.484  -3.369  2.429   1.00 52.30  ? 203 HOH B O   1 
HETATM 1344 O O   . HOH D 2 .  ? -12.204 -3.217  9.742   1.00 65.58  ? 204 HOH B O   1 
HETATM 1345 O O   . HOH D 2 .  ? -0.895  -14.728 18.823  1.00 63.60  ? 205 HOH B O   1 
HETATM 1346 O O   . HOH D 2 .  ? -12.187 7.171   -0.445  1.00 61.91  ? 206 HOH B O   1 
HETATM 1347 O O   . HOH D 2 .  ? -5.710  11.033  11.152  1.00 54.08  ? 207 HOH B O   1 
HETATM 1348 O O   . HOH D 2 .  ? -10.151 3.873   11.257  1.00 55.89  ? 208 HOH B O   1 
HETATM 1349 O O   . HOH D 2 .  ? 13.066  3.084   12.668  1.00 57.28  ? 209 HOH B O   1 
HETATM 1350 O O   . HOH D 2 .  ? 9.187   0.555   6.824   1.00 65.43  ? 210 HOH B O   1 
HETATM 1351 O O   . HOH D 2 .  ? 13.227  0.238   6.175   1.00 71.27  ? 211 HOH B O   1 
HETATM 1352 O O   . HOH D 2 .  ? 5.722   5.843   -1.939  1.00 49.71  ? 212 HOH B O   1 
HETATM 1353 O O   . HOH D 2 .  ? 4.889   -11.932 4.082   1.00 88.72  ? 213 HOH B O   1 
HETATM 1354 O O   . HOH D 2 .  ? -3.315  -3.669  3.474   1.00 54.71  ? 214 HOH B O   1 
HETATM 1355 O O   . HOH D 2 .  ? 1.301   14.003  14.338  1.00 66.50  ? 215 HOH B O   1 
HETATM 1356 O O   . HOH D 2 .  ? -5.570  7.740   13.545  1.00 56.15  ? 216 HOH B O   1 
HETATM 1357 O O   . HOH D 2 .  ? -12.329 -4.828  20.484  1.00 77.25  ? 217 HOH B O   1 
HETATM 1358 O O   . HOH D 2 .  ? 11.682  5.915   17.558  1.00 73.87  ? 218 HOH B O   1 
HETATM 1359 O O   . HOH D 2 .  ? 10.038  7.257   14.502  1.00 71.86  ? 219 HOH B O   1 
HETATM 1360 O O   . HOH D 2 .  ? -13.222 0.730   14.301  1.00 66.22  ? 220 HOH B O   1 
HETATM 1361 O O   . HOH D 2 .  ? 12.275  5.975   14.981  1.00 76.10  ? 221 HOH B O   1 
# 
